data_7S7C
#
_entry.id   7S7C
#
_cell.length_a   1.00
_cell.length_b   1.00
_cell.length_c   1.00
_cell.angle_alpha   90.00
_cell.angle_beta   90.00
_cell.angle_gamma   90.00
#
_symmetry.space_group_name_H-M   'P 1'
#
loop_
_entity.id
_entity.type
_entity.pdbx_description
1 polymer 'Exosome RNA helicase MTR4'
2 polymer 'Zinc finger CCHC domain-containing protein 8'
3 polymer 'RNA-binding protein 7'
4 polymer 'RNA (30-MER)'
5 non-polymer 'ZINC ION'
#
loop_
_entity_poly.entity_id
_entity_poly.type
_entity_poly.pdbx_seq_one_letter_code
_entity_poly.pdbx_strand_id
1 'polypeptide(L)'
;SGDMADAFGDELFSVFEGDSTTAAGTKKDKEKDKGKWKGPPGSADKAGKRFDGKLQSESTNNGKNKRDVDFEGTDEPIFG
KKPRIEESITEDLSLADLMPRVKVQSVETVEGCTHEVALPAEEDYLPLKPRVGKAAKEYPFILDAFQREAIQCVDNNQSV
LVSAHTSAGKTVCAEYAIALALREKQRVIFTSPIKALSNQKYREMYEEFQDVGLMTGDVTINPTASCLVMTTEILRSMLY
RGSEVMREVAWVIFDEIHYMRDSERGVVWEETIILLPDNVHYVFLSATIPNARQFAEWICHLHKQPCHVIYTDYRPTPLQ
HYIFPAGGDGLHLVVDENGDFREDNFNTAMQVLRDAGDLAKGDQKGRKGGTKGPSNVFKIVKMIMERNFQPVIIFSFSKK
DCEAYALQMTKLDFNTDEEKKMVEEVFSNAIDCLSDEDKKLPQVEHVLPLLKRGIGIHHGGLLPILKETIEILFSEGLIK
ALFATETFAMGINMPARTVLFTNARKFDGKDFRWISSGEYIQMSGRAGRRGMDDRGIVILMVDEKMSPTIGKQLLKGSAD
PLNSAFHLTYNMVLNLLRVEEINPEYMLEKSFYQFQHYRAIPGVVEKVKNSEEQYNKIVIPNEESVVIYYKIRQQLAKLG
KEIEEYIHKPKYCLPFLQPGRLVKVKNEGDDFGWGVVVNFSKKSNVKPNSGELDPLYVVEVLLRCSKESLKNSATEAAKP
AKPDEKGEMQVVPVLVHLLSAISSVRLYIPKDLRPVDNRQSVLKSIQEVQKRFPDGIPLLDPIDDMGIQDQGLKKVIQKV
EAFEHRMYSHPLHNDPNLETVYTLCEKKAQIAIDIKSAKRELKKARTVLQMDELKCRKRVLRRLGFATSSDVIEMKGRVA
CEISSADELLLTEMMFNGLFNDLSAEQATALLSCFVFQENSSEMPKLTEQLAGPLRQMQECAKRIAKVSAEAKLEIDEET
YLSSFKPHLMDVVYTWATGATFAHICKMTDVFEGSIIRCMRRLEELLRQMCQAAKAIGNTELENKFAEGITKIKRDIVFA
ASLYL
;
A,E
2 'polypeptide(L)'
;SGDMAAEVYFGDLELFEPFDHPEESIPKPVHTRFKDDDGDEEDENGVGDAELRERLRQCEETIEQLRAENQELKRKLNIL
TRPSGILVNDTKLDGPILQILFMNNAISKQYHQEIEEFVSNLVKRFEEQQKNDVEKTSFNLLPQPSSIVLEEDHKVEESC
AIKNNKEAFSVVGSVLYFTNFCLDKLGQPLLNENPQLSEGWEIPKYHQVFSHIVSLEGQEIQVKAKRPKPHCFNCGSEEH
QMKDCPMPRNAARISEKRKEYMDACGEANNQNFQQRYHAEEVEERFGRFKPGVISEELQDALGVTDKSLPPFIYRMRQLG
YPPGWLKEAELENSGLALYDGKDGTDGETEVGEIQQNKSVTYDLSKLVNYPGFNISTPRGIPDEWRIFGSIPMQACQQKD
VFANYLTSNFQAPGVKSGGAVDEDALTLEELEEQQRRIWAALEQAESVNSDSDVPVDTPLTGNSVASSPCPNELDLPVPE
GKTSEKQTLDEPEVPEIFTKKSEAGHASSPDSEVTSLCQKEKAELAPVNTEGALLDNGSVVPNCDISNGGSQKLFPADTS
PSTATKIHSPIPDMSKFATGITPFEFENMAESTGMYLRIRSLLKNSPRNQQKNKKASE
;
B,F
3 'polypeptide(L)'
;SGDEADRTLFVGNLETKVTEELLFELFHQAGPVIKVKIPKDKDGKPKQFAFVNFKHEVSVPYAMNLLNGIKLYGRPIKIQ
FRS
;
C
4 'polyribonucleotide' GGCGCGCGCCAAAAAUUUUUAAAAAAAA D,L
#
loop_
_chem_comp.id
_chem_comp.type
_chem_comp.name
_chem_comp.formula
A RNA linking ADENOSINE-5'-MONOPHOSPHATE 'C10 H14 N5 O7 P'
C RNA linking CYTIDINE-5'-MONOPHOSPHATE 'C9 H14 N3 O8 P'
G RNA linking GUANOSINE-5'-MONOPHOSPHATE 'C10 H14 N5 O8 P'
U RNA linking URIDINE-5'-MONOPHOSPHATE 'C9 H13 N2 O9 P'
ZN non-polymer 'ZINC ION' 'Zn 2'
#
# COMPACT_ATOMS: atom_id res chain seq x y z
N MET A 99 17.40 20.77 -39.19
CA MET A 99 16.10 20.11 -39.30
C MET A 99 16.18 18.89 -40.22
N PRO A 100 15.43 17.83 -39.90
CA PRO A 100 15.42 16.66 -40.79
C PRO A 100 14.94 17.03 -42.19
N ARG A 101 15.59 16.42 -43.18
CA ARG A 101 15.23 16.59 -44.59
C ARG A 101 15.13 15.19 -45.19
N VAL A 102 13.94 14.57 -45.05
CA VAL A 102 13.74 13.20 -45.49
C VAL A 102 12.28 13.03 -45.89
N LYS A 103 12.06 12.29 -46.97
CA LYS A 103 10.72 12.01 -47.48
C LYS A 103 10.53 10.50 -47.54
N VAL A 104 9.33 10.04 -47.17
CA VAL A 104 9.00 8.63 -47.12
C VAL A 104 7.93 8.35 -48.17
N GLN A 105 8.17 7.35 -49.00
CA GLN A 105 7.25 6.93 -50.03
C GLN A 105 6.96 5.45 -49.89
N SER A 106 5.69 5.08 -49.99
CA SER A 106 5.30 3.68 -49.94
C SER A 106 5.52 3.03 -51.29
N VAL A 107 5.67 1.71 -51.27
CA VAL A 107 5.90 0.92 -52.47
C VAL A 107 4.82 -0.15 -52.56
N GLU A 108 4.20 -0.25 -53.74
CA GLU A 108 3.17 -1.26 -53.93
C GLU A 108 3.73 -2.65 -53.65
N THR A 109 2.97 -3.45 -52.91
CA THR A 109 3.42 -4.76 -52.48
C THR A 109 2.23 -5.67 -52.26
N VAL A 110 2.51 -6.97 -52.16
CA VAL A 110 1.49 -7.97 -51.86
C VAL A 110 0.99 -7.76 -50.44
N GLU A 111 -0.13 -8.38 -50.11
CA GLU A 111 -0.74 -8.18 -48.80
C GLU A 111 0.18 -8.71 -47.70
N GLY A 112 -0.04 -8.21 -46.48
CA GLY A 112 0.77 -8.60 -45.34
C GLY A 112 1.93 -7.68 -45.08
N CYS A 113 2.88 -7.61 -46.00
CA CYS A 113 4.02 -6.74 -45.88
C CYS A 113 3.70 -5.35 -46.42
N THR A 114 4.30 -4.32 -45.82
CA THR A 114 4.09 -2.93 -46.21
C THR A 114 5.46 -2.30 -46.42
N HIS A 115 5.99 -2.43 -47.63
CA HIS A 115 7.31 -1.90 -47.95
C HIS A 115 7.24 -0.39 -48.10
N GLU A 116 8.19 0.32 -47.48
CA GLU A 116 8.28 1.77 -47.61
C GLU A 116 9.75 2.14 -47.68
N VAL A 117 10.03 3.32 -48.23
CA VAL A 117 11.41 3.78 -48.41
C VAL A 117 11.49 5.24 -47.95
N ALA A 118 12.45 5.53 -47.08
CA ALA A 118 12.73 6.89 -46.62
C ALA A 118 14.07 7.32 -47.22
N LEU A 119 14.05 8.43 -47.94
CA LEU A 119 15.21 8.90 -48.69
C LEU A 119 15.30 10.41 -48.63
N PRO A 120 16.47 10.98 -48.91
CA PRO A 120 16.60 12.44 -48.85
C PRO A 120 15.66 13.12 -49.85
N ALA A 121 15.25 14.34 -49.49
CA ALA A 121 14.25 15.04 -50.29
C ALA A 121 14.75 15.29 -51.71
N GLU A 122 16.01 15.72 -51.86
CA GLU A 122 16.51 16.07 -53.19
C GLU A 122 16.52 14.88 -54.12
N GLU A 123 16.92 13.70 -53.62
CA GLU A 123 16.96 12.51 -54.46
C GLU A 123 15.55 12.05 -54.81
N ASP A 124 15.39 11.58 -56.04
CA ASP A 124 14.10 11.07 -56.51
C ASP A 124 14.08 9.55 -56.42
N TYR A 125 12.87 9.00 -56.40
CA TYR A 125 12.65 7.58 -56.16
C TYR A 125 12.49 6.85 -57.49
N LEU A 126 13.23 5.75 -57.65
CA LEU A 126 13.08 4.86 -58.79
C LEU A 126 13.03 3.44 -58.25
N PRO A 127 12.10 2.60 -58.69
CA PRO A 127 12.00 1.24 -58.15
C PRO A 127 13.33 0.51 -58.28
N LEU A 128 13.74 -0.14 -57.18
CA LEU A 128 15.02 -0.83 -57.16
C LEU A 128 15.04 -1.95 -58.19
N LYS A 129 16.16 -2.08 -58.89
CA LYS A 129 16.24 -2.99 -60.02
C LYS A 129 16.11 -4.45 -59.54
N PRO A 130 15.45 -5.30 -60.32
CA PRO A 130 15.44 -6.73 -59.97
C PRO A 130 16.84 -7.32 -59.99
N ARG A 131 17.05 -8.32 -59.13
CA ARG A 131 18.35 -8.97 -59.01
C ARG A 131 18.85 -9.40 -60.38
N VAL A 132 20.18 -9.51 -60.49
CA VAL A 132 20.84 -10.00 -61.70
C VAL A 132 21.90 -11.00 -61.28
N GLY A 133 21.91 -12.16 -61.92
CA GLY A 133 22.90 -13.19 -61.64
C GLY A 133 22.35 -14.32 -60.79
N LYS A 134 23.27 -15.01 -60.12
CA LYS A 134 22.95 -16.14 -59.27
C LYS A 134 22.85 -15.70 -57.82
N ALA A 135 21.80 -16.18 -57.14
CA ALA A 135 21.59 -15.80 -55.74
C ALA A 135 22.77 -16.24 -54.89
N ALA A 136 23.04 -15.45 -53.85
CA ALA A 136 24.18 -15.75 -52.98
C ALA A 136 24.01 -17.12 -52.33
N LYS A 137 22.81 -17.43 -51.86
CA LYS A 137 22.50 -18.77 -51.38
C LYS A 137 21.04 -19.05 -51.64
N GLU A 138 20.70 -20.34 -51.70
CA GLU A 138 19.34 -20.78 -51.97
C GLU A 138 18.82 -21.58 -50.79
N TYR A 139 17.50 -21.50 -50.57
CA TYR A 139 16.87 -22.15 -49.45
C TYR A 139 15.87 -23.20 -49.93
N PRO A 140 15.70 -24.30 -49.18
CA PRO A 140 14.78 -25.35 -49.61
C PRO A 140 13.32 -24.91 -49.56
N PHE A 141 12.90 -24.37 -48.42
CA PHE A 141 11.51 -24.01 -48.22
C PHE A 141 11.17 -22.74 -48.97
N ILE A 142 9.90 -22.60 -49.32
CA ILE A 142 9.44 -21.41 -50.04
C ILE A 142 9.70 -20.18 -49.18
N LEU A 143 10.00 -19.07 -49.84
CA LEU A 143 10.27 -17.80 -49.17
C LEU A 143 8.99 -16.97 -49.11
N ASP A 144 8.65 -16.49 -47.92
CA ASP A 144 7.49 -15.65 -47.76
C ASP A 144 7.72 -14.28 -48.41
N ALA A 145 6.63 -13.56 -48.63
CA ALA A 145 6.71 -12.32 -49.38
C ALA A 145 7.72 -11.35 -48.76
N PHE A 146 7.60 -11.10 -47.46
CA PHE A 146 8.48 -10.11 -46.83
C PHE A 146 9.93 -10.55 -46.90
N GLN A 147 10.18 -11.87 -46.78
CA GLN A 147 11.54 -12.35 -46.93
C GLN A 147 12.07 -12.08 -48.33
N ARG A 148 11.25 -12.32 -49.36
CA ARG A 148 11.69 -12.06 -50.72
C ARG A 148 11.99 -10.58 -50.94
N GLU A 149 11.13 -9.71 -50.42
CA GLU A 149 11.38 -8.27 -50.58
C GLU A 149 12.63 -7.83 -49.83
N ALA A 150 12.87 -8.38 -48.64
CA ALA A 150 14.09 -8.05 -47.91
C ALA A 150 15.32 -8.50 -48.69
N ILE A 151 15.27 -9.69 -49.29
CA ILE A 151 16.39 -10.15 -50.10
C ILE A 151 16.59 -9.21 -51.29
N GLN A 152 15.51 -8.81 -51.95
CA GLN A 152 15.61 -7.91 -53.07
C GLN A 152 16.29 -6.61 -52.66
N CYS A 153 15.87 -6.03 -51.54
CA CYS A 153 16.48 -4.79 -51.08
C CYS A 153 17.94 -5.00 -50.70
N VAL A 154 18.28 -6.18 -50.18
CA VAL A 154 19.69 -6.44 -49.86
C VAL A 154 20.52 -6.55 -51.13
N ASP A 155 19.90 -6.98 -52.24
CA ASP A 155 20.65 -7.13 -53.48
C ASP A 155 21.22 -5.80 -53.98
N ASN A 156 20.42 -4.73 -53.92
CA ASN A 156 20.80 -3.45 -54.50
C ASN A 156 21.65 -2.60 -53.57
N ASN A 157 22.23 -3.18 -52.53
CA ASN A 157 23.14 -2.45 -51.64
C ASN A 157 22.48 -1.20 -51.08
N GLN A 158 21.23 -1.36 -50.63
CA GLN A 158 20.51 -0.31 -49.93
C GLN A 158 20.15 -0.81 -48.54
N SER A 159 20.52 -0.04 -47.52
CA SER A 159 20.24 -0.43 -46.14
C SER A 159 18.77 -0.83 -46.00
N VAL A 160 18.50 -1.70 -45.03
CA VAL A 160 17.15 -2.20 -44.82
C VAL A 160 16.93 -2.46 -43.34
N LEU A 161 15.70 -2.22 -42.89
CA LEU A 161 15.27 -2.50 -41.52
C LEU A 161 14.05 -3.40 -41.59
N VAL A 162 14.18 -4.61 -41.04
CA VAL A 162 13.12 -5.59 -41.04
C VAL A 162 12.50 -5.61 -39.64
N SER A 163 11.16 -5.57 -39.60
CA SER A 163 10.41 -5.59 -38.35
C SER A 163 9.35 -6.68 -38.46
N ALA A 164 9.57 -7.80 -37.78
CA ALA A 164 8.65 -8.92 -37.84
C ALA A 164 8.82 -9.78 -36.59
N HIS A 165 7.81 -10.60 -36.32
CA HIS A 165 7.84 -11.46 -35.15
C HIS A 165 9.01 -12.42 -35.21
N THR A 166 9.63 -12.66 -34.05
CA THR A 166 10.79 -13.54 -34.01
C THR A 166 10.47 -14.91 -34.59
N SER A 167 9.22 -15.36 -34.48
CA SER A 167 8.80 -16.65 -34.99
C SER A 167 8.38 -16.57 -36.46
N ALA A 168 8.84 -15.57 -37.19
CA ALA A 168 8.56 -15.43 -38.61
C ALA A 168 9.81 -15.61 -39.47
N GLY A 169 10.98 -15.80 -38.87
CA GLY A 169 12.19 -16.06 -39.63
C GLY A 169 12.83 -14.83 -40.23
N LYS A 170 13.29 -13.91 -39.37
CA LYS A 170 14.02 -12.75 -39.87
C LYS A 170 15.43 -13.11 -40.33
N THR A 171 16.07 -14.06 -39.65
CA THR A 171 17.50 -14.29 -39.83
C THR A 171 17.84 -14.80 -41.23
N VAL A 172 16.86 -15.22 -42.02
CA VAL A 172 17.14 -15.62 -43.40
C VAL A 172 17.74 -14.44 -44.16
N CYS A 173 17.23 -13.24 -43.92
CA CYS A 173 17.77 -12.05 -44.59
C CYS A 173 19.21 -11.80 -44.18
N ALA A 174 19.52 -11.94 -42.90
CA ALA A 174 20.90 -11.74 -42.45
C ALA A 174 21.81 -12.78 -43.08
N GLU A 175 21.36 -14.02 -43.16
CA GLU A 175 22.18 -15.06 -43.80
C GLU A 175 22.43 -14.74 -45.26
N TYR A 176 21.40 -14.29 -45.97
CA TYR A 176 21.59 -13.91 -47.37
C TYR A 176 22.60 -12.79 -47.50
N ALA A 177 22.48 -11.76 -46.64
CA ALA A 177 23.41 -10.64 -46.71
C ALA A 177 24.84 -11.09 -46.42
N ILE A 178 25.00 -12.00 -45.46
CA ILE A 178 26.33 -12.51 -45.14
C ILE A 178 26.91 -13.26 -46.33
N ALA A 179 26.10 -14.11 -46.96
CA ALA A 179 26.58 -14.84 -48.14
C ALA A 179 26.97 -13.87 -49.26
N LEU A 180 26.14 -12.88 -49.50
CA LEU A 180 26.42 -11.92 -50.57
C LEU A 180 27.71 -11.15 -50.28
N ALA A 181 27.91 -10.73 -49.03
CA ALA A 181 29.13 -10.02 -48.67
C ALA A 181 30.35 -10.92 -48.81
N LEU A 182 30.22 -12.19 -48.44
CA LEU A 182 31.36 -13.09 -48.52
C LEU A 182 31.73 -13.39 -49.97
N ARG A 183 30.73 -13.48 -50.85
CA ARG A 183 31.03 -13.78 -52.24
C ARG A 183 31.89 -12.70 -52.88
N GLU A 184 31.59 -11.43 -52.61
CA GLU A 184 32.36 -10.32 -53.15
C GLU A 184 33.65 -10.05 -52.40
N LYS A 185 34.09 -10.97 -51.54
CA LYS A 185 35.29 -10.75 -50.73
C LYS A 185 35.17 -9.48 -49.90
N GLN A 186 34.00 -9.28 -49.30
CA GLN A 186 33.72 -8.12 -48.46
C GLN A 186 33.52 -8.57 -47.02
N ARG A 187 34.29 -7.99 -46.10
CA ARG A 187 34.13 -8.31 -44.70
C ARG A 187 32.79 -7.83 -44.18
N VAL A 188 32.21 -8.57 -43.24
CA VAL A 188 30.93 -8.24 -42.66
C VAL A 188 31.00 -8.44 -41.16
N ILE A 189 30.10 -7.77 -40.45
CA ILE A 189 30.03 -7.81 -38.99
C ILE A 189 28.58 -8.03 -38.58
N PHE A 190 28.40 -8.92 -37.61
CA PHE A 190 27.09 -9.25 -37.03
C PHE A 190 27.15 -8.86 -35.56
N THR A 191 26.39 -7.83 -35.19
CA THR A 191 26.42 -7.26 -33.85
C THR A 191 25.18 -7.70 -33.08
N SER A 192 25.39 -8.41 -31.98
CA SER A 192 24.31 -8.94 -31.18
C SER A 192 24.37 -8.42 -29.75
N PRO A 193 23.21 -8.28 -29.08
CA PRO A 193 23.20 -7.64 -27.76
C PRO A 193 23.99 -8.38 -26.68
N ILE A 194 23.66 -9.65 -26.43
CA ILE A 194 24.18 -10.37 -25.27
C ILE A 194 25.31 -11.29 -25.72
N LYS A 195 26.09 -11.76 -24.75
CA LYS A 195 27.18 -12.68 -25.05
C LYS A 195 26.66 -14.08 -25.38
N ALA A 196 25.67 -14.56 -24.62
CA ALA A 196 25.18 -15.91 -24.85
C ALA A 196 24.59 -16.06 -26.25
N LEU A 197 23.73 -15.12 -26.63
CA LEU A 197 23.18 -15.13 -27.99
C LEU A 197 24.30 -14.98 -29.01
N SER A 198 25.34 -14.23 -28.68
CA SER A 198 26.47 -14.11 -29.58
C SER A 198 27.13 -15.47 -29.81
N ASN A 199 27.33 -16.25 -28.74
CA ASN A 199 27.94 -17.57 -28.90
C ASN A 199 27.05 -18.50 -29.70
N GLN A 200 25.75 -18.50 -29.43
CA GLN A 200 24.85 -19.35 -30.20
C GLN A 200 24.91 -19.00 -31.68
N LYS A 201 24.88 -17.71 -31.99
CA LYS A 201 24.92 -17.28 -33.38
C LYS A 201 26.25 -17.61 -34.01
N TYR A 202 27.34 -17.53 -33.26
CA TYR A 202 28.64 -17.91 -33.79
C TYR A 202 28.66 -19.37 -34.16
N ARG A 203 28.11 -20.23 -33.30
CA ARG A 203 28.07 -21.65 -33.64
C ARG A 203 27.25 -21.87 -34.91
N GLU A 204 26.08 -21.24 -35.00
CA GLU A 204 25.24 -21.44 -36.18
C GLU A 204 25.96 -20.98 -37.46
N MET A 205 26.53 -19.78 -37.43
CA MET A 205 27.18 -19.26 -38.62
C MET A 205 28.45 -20.02 -38.96
N TYR A 206 29.14 -20.57 -37.97
CA TYR A 206 30.32 -21.38 -38.25
C TYR A 206 29.92 -22.69 -38.90
N GLU A 207 28.86 -23.33 -38.41
CA GLU A 207 28.35 -24.52 -39.08
C GLU A 207 27.88 -24.20 -40.48
N GLU A 208 27.43 -22.96 -40.72
CA GLU A 208 26.91 -22.60 -42.04
C GLU A 208 28.03 -22.32 -43.04
N PHE A 209 28.90 -21.35 -42.74
CA PHE A 209 29.86 -20.85 -43.71
C PHE A 209 31.31 -21.28 -43.46
N GLN A 210 31.65 -21.69 -42.24
CA GLN A 210 32.98 -22.18 -41.89
C GLN A 210 34.06 -21.12 -41.97
N ASP A 211 33.70 -19.85 -42.14
CA ASP A 211 34.67 -18.76 -42.26
C ASP A 211 34.28 -17.60 -41.34
N VAL A 212 34.00 -17.93 -40.07
CA VAL A 212 33.49 -16.97 -39.11
C VAL A 212 34.49 -16.84 -37.97
N GLY A 213 34.35 -15.75 -37.20
CA GLY A 213 35.14 -15.54 -36.01
C GLY A 213 34.28 -14.92 -34.92
N LEU A 214 34.88 -14.78 -33.75
CA LEU A 214 34.21 -14.20 -32.59
C LEU A 214 35.13 -13.20 -31.92
N MET A 215 34.53 -12.15 -31.34
CA MET A 215 35.31 -11.07 -30.75
C MET A 215 34.75 -10.58 -29.42
N THR A 216 33.98 -11.39 -28.70
CA THR A 216 33.37 -10.94 -27.46
C THR A 216 34.46 -10.58 -26.46
N GLY A 217 34.07 -10.06 -25.30
CA GLY A 217 35.01 -9.55 -24.34
C GLY A 217 35.78 -10.57 -23.54
N ASP A 218 35.42 -11.85 -23.67
CA ASP A 218 36.09 -12.92 -22.94
C ASP A 218 36.68 -13.99 -23.85
N VAL A 219 36.71 -13.76 -25.17
CA VAL A 219 37.25 -14.74 -26.09
C VAL A 219 37.47 -14.08 -27.44
N THR A 220 38.50 -14.53 -28.17
CA THR A 220 38.82 -14.01 -29.51
C THR A 220 39.17 -15.21 -30.38
N ILE A 221 38.16 -15.76 -31.06
CA ILE A 221 38.33 -16.93 -31.91
C ILE A 221 38.46 -16.46 -33.35
N ASN A 222 39.56 -16.83 -34.00
CA ASN A 222 39.76 -16.56 -35.42
C ASN A 222 39.58 -15.07 -35.72
N PRO A 223 40.45 -14.21 -35.18
CA PRO A 223 40.23 -12.76 -35.35
C PRO A 223 40.26 -12.31 -36.80
N THR A 224 41.05 -12.95 -37.65
CA THR A 224 41.18 -12.55 -39.06
C THR A 224 40.17 -13.26 -39.95
N ALA A 225 38.90 -13.16 -39.59
CA ALA A 225 37.83 -13.76 -40.36
C ALA A 225 37.15 -12.69 -41.21
N SER A 226 36.12 -13.10 -41.95
CA SER A 226 35.40 -12.20 -42.84
C SER A 226 33.91 -12.09 -42.51
N CYS A 227 33.44 -12.75 -41.45
CA CYS A 227 32.05 -12.64 -41.02
C CYS A 227 31.99 -12.46 -39.51
N LEU A 228 32.75 -11.50 -39.00
CA LEU A 228 32.92 -11.40 -37.55
C LEU A 228 31.58 -11.29 -36.85
N VAL A 229 31.51 -11.86 -35.65
CA VAL A 229 30.35 -11.75 -34.78
C VAL A 229 30.82 -11.16 -33.46
N MET A 230 30.12 -10.14 -32.98
CA MET A 230 30.59 -9.43 -31.79
C MET A 230 29.43 -8.76 -31.08
N THR A 231 29.71 -8.34 -29.85
CA THR A 231 28.78 -7.54 -29.06
C THR A 231 29.05 -6.07 -29.30
N THR A 232 27.98 -5.28 -29.36
CA THR A 232 28.10 -3.91 -29.83
C THR A 232 29.12 -3.11 -29.01
N GLU A 233 29.35 -3.47 -27.75
CA GLU A 233 30.31 -2.73 -26.94
C GLU A 233 31.72 -2.84 -27.52
N ILE A 234 32.11 -4.04 -27.97
CA ILE A 234 33.45 -4.19 -28.52
C ILE A 234 33.58 -3.45 -29.84
N LEU A 235 32.50 -3.41 -30.63
CA LEU A 235 32.51 -2.61 -31.85
C LEU A 235 32.69 -1.13 -31.53
N ARG A 236 31.99 -0.65 -30.51
CA ARG A 236 32.15 0.75 -30.10
C ARG A 236 33.59 1.02 -29.67
N SER A 237 34.17 0.12 -28.89
CA SER A 237 35.56 0.31 -28.47
C SER A 237 36.50 0.34 -29.66
N MET A 238 36.28 -0.55 -30.63
CA MET A 238 37.10 -0.54 -31.84
C MET A 238 37.00 0.79 -32.57
N LEU A 239 35.77 1.29 -32.75
CA LEU A 239 35.60 2.54 -33.47
C LEU A 239 36.28 3.69 -32.74
N TYR A 240 36.10 3.78 -31.43
CA TYR A 240 36.72 4.86 -30.68
C TYR A 240 38.24 4.77 -30.74
N ARG A 241 38.80 3.57 -30.66
CA ARG A 241 40.25 3.42 -30.74
C ARG A 241 40.75 3.37 -32.18
N GLY A 242 39.87 3.55 -33.16
CA GLY A 242 40.30 3.65 -34.55
C GLY A 242 40.97 2.42 -35.09
N SER A 243 40.44 1.25 -34.78
CA SER A 243 41.01 0.00 -35.29
C SER A 243 40.79 -0.09 -36.80
N GLU A 244 41.80 -0.61 -37.49
CA GLU A 244 41.75 -0.75 -38.95
C GLU A 244 40.86 -1.90 -39.41
N VAL A 245 40.39 -2.74 -38.49
CA VAL A 245 39.54 -3.86 -38.88
C VAL A 245 38.32 -3.36 -39.65
N MET A 246 37.73 -2.25 -39.19
CA MET A 246 36.54 -1.71 -39.82
C MET A 246 36.82 -1.08 -41.18
N ARG A 247 38.05 -1.19 -41.70
CA ARG A 247 38.39 -0.50 -42.93
C ARG A 247 37.60 -1.04 -44.12
N GLU A 248 37.50 -2.37 -44.24
CA GLU A 248 36.96 -3.00 -45.43
C GLU A 248 35.52 -3.44 -45.29
N VAL A 249 34.88 -3.20 -44.15
CA VAL A 249 33.52 -3.69 -43.94
C VAL A 249 32.60 -3.09 -44.98
N ALA A 250 31.77 -3.93 -45.59
CA ALA A 250 30.79 -3.49 -46.57
C ALA A 250 29.37 -3.57 -46.03
N TRP A 251 29.15 -4.28 -44.92
CA TRP A 251 27.84 -4.36 -44.30
C TRP A 251 28.02 -4.41 -42.79
N VAL A 252 26.96 -4.02 -42.09
CA VAL A 252 26.86 -4.26 -40.65
C VAL A 252 25.43 -4.68 -40.36
N ILE A 253 25.27 -5.76 -39.59
CA ILE A 253 23.96 -6.32 -39.32
C ILE A 253 23.72 -6.24 -37.82
N PHE A 254 22.79 -5.37 -37.43
CA PHE A 254 22.41 -5.22 -36.03
C PHE A 254 21.23 -6.14 -35.75
N ASP A 255 21.36 -6.97 -34.72
CA ASP A 255 20.32 -7.91 -34.34
C ASP A 255 19.53 -7.35 -33.16
N GLU A 256 18.22 -7.27 -33.31
CA GLU A 256 17.33 -6.79 -32.25
C GLU A 256 17.72 -5.37 -31.82
N ILE A 257 17.54 -4.44 -32.75
CA ILE A 257 17.73 -3.02 -32.43
C ILE A 257 16.68 -2.49 -31.47
N HIS A 258 15.58 -3.22 -31.27
CA HIS A 258 14.62 -2.79 -30.26
C HIS A 258 15.25 -2.80 -28.88
N TYR A 259 16.38 -3.49 -28.72
CA TYR A 259 17.16 -3.46 -27.50
C TYR A 259 17.84 -2.11 -27.26
N MET A 260 17.58 -1.11 -28.11
CA MET A 260 18.22 0.19 -27.99
C MET A 260 17.60 1.06 -26.92
N ARG A 261 16.41 0.72 -26.42
CA ARG A 261 15.76 1.46 -25.35
C ARG A 261 16.07 0.90 -23.98
N ASP A 262 17.20 0.22 -23.81
CA ASP A 262 17.47 -0.50 -22.57
C ASP A 262 17.47 0.45 -21.37
N SER A 263 17.81 1.71 -21.58
CA SER A 263 17.84 2.77 -20.57
C SER A 263 19.10 2.71 -19.70
N GLU A 264 19.96 1.74 -19.87
CA GLU A 264 21.26 1.72 -19.21
C GLU A 264 22.40 1.48 -20.18
N ARG A 265 22.21 0.63 -21.18
CA ARG A 265 23.21 0.38 -22.21
C ARG A 265 22.57 0.43 -23.59
N GLY A 266 21.47 1.18 -23.72
CA GLY A 266 20.84 1.39 -25.00
C GLY A 266 21.41 2.61 -25.70
N VAL A 267 22.57 3.06 -25.24
CA VAL A 267 23.24 4.21 -25.83
C VAL A 267 24.32 3.78 -26.81
N VAL A 268 25.00 2.67 -26.53
CA VAL A 268 26.12 2.25 -27.38
C VAL A 268 25.65 2.01 -28.80
N TRP A 269 24.40 1.61 -28.99
CA TRP A 269 23.87 1.46 -30.35
C TRP A 269 23.95 2.78 -31.10
N GLU A 270 23.53 3.88 -30.46
CA GLU A 270 23.51 5.16 -31.15
C GLU A 270 24.92 5.67 -31.41
N GLU A 271 25.83 5.51 -30.44
CA GLU A 271 27.20 5.94 -30.66
C GLU A 271 27.82 5.16 -31.82
N THR A 272 27.63 3.85 -31.85
CA THR A 272 28.20 3.06 -32.94
C THR A 272 27.59 3.45 -34.28
N ILE A 273 26.27 3.67 -34.32
CA ILE A 273 25.64 4.03 -35.58
C ILE A 273 26.17 5.37 -36.08
N ILE A 274 26.33 6.34 -35.18
CA ILE A 274 26.78 7.66 -35.58
C ILE A 274 28.23 7.60 -36.06
N LEU A 275 29.09 6.91 -35.32
CA LEU A 275 30.52 6.94 -35.61
C LEU A 275 30.91 6.16 -36.86
N LEU A 276 30.01 5.37 -37.42
CA LEU A 276 30.38 4.56 -38.57
C LEU A 276 30.43 5.42 -39.84
N PRO A 277 31.32 5.09 -40.78
CA PRO A 277 31.37 5.86 -42.04
C PRO A 277 30.09 5.74 -42.85
N ASP A 278 30.04 6.41 -43.99
CA ASP A 278 28.81 6.50 -44.77
C ASP A 278 28.69 5.42 -45.84
N ASN A 279 29.79 4.77 -46.21
CA ASN A 279 29.75 3.78 -47.27
C ASN A 279 29.27 2.42 -46.78
N VAL A 280 29.31 2.15 -45.48
CA VAL A 280 28.88 0.87 -44.95
C VAL A 280 27.37 0.86 -44.84
N HIS A 281 26.74 -0.18 -45.37
CA HIS A 281 25.30 -0.30 -45.31
C HIS A 281 24.87 -1.11 -44.09
N TYR A 282 23.58 -1.05 -43.80
CA TYR A 282 23.04 -1.59 -42.56
C TYR A 282 21.88 -2.53 -42.84
N VAL A 283 21.86 -3.63 -42.09
CA VAL A 283 20.67 -4.49 -42.02
C VAL A 283 20.28 -4.54 -40.55
N PHE A 284 19.13 -3.97 -40.23
CA PHE A 284 18.61 -3.96 -38.87
C PHE A 284 17.51 -5.00 -38.76
N LEU A 285 17.55 -5.82 -37.70
CA LEU A 285 16.50 -6.79 -37.44
C LEU A 285 15.87 -6.46 -36.11
N SER A 286 14.55 -6.29 -36.09
CA SER A 286 13.88 -5.84 -34.88
C SER A 286 12.58 -6.60 -34.67
N ALA A 287 12.17 -6.70 -33.42
CA ALA A 287 10.83 -7.15 -33.11
C ALA A 287 9.82 -6.16 -33.68
N THR A 288 8.54 -6.53 -33.61
CA THR A 288 7.51 -5.69 -34.18
C THR A 288 7.37 -4.41 -33.36
N ILE A 289 7.53 -3.26 -34.02
CA ILE A 289 7.34 -1.96 -33.37
C ILE A 289 6.53 -1.07 -34.28
N PRO A 290 5.79 -0.13 -33.70
CA PRO A 290 4.92 0.73 -34.51
C PRO A 290 5.64 1.86 -35.21
N ASN A 291 6.63 2.46 -34.56
CA ASN A 291 7.34 3.63 -35.10
C ASN A 291 8.63 3.21 -35.83
N ALA A 292 8.47 2.34 -36.83
CA ALA A 292 9.63 1.94 -37.62
C ALA A 292 10.05 3.04 -38.58
N ARG A 293 9.08 3.70 -39.21
CA ARG A 293 9.41 4.73 -40.19
C ARG A 293 10.26 5.83 -39.59
N GLN A 294 10.08 6.14 -38.31
CA GLN A 294 10.93 7.14 -37.68
C GLN A 294 12.38 6.68 -37.65
N PHE A 295 12.62 5.42 -37.32
CA PHE A 295 14.00 4.93 -37.31
C PHE A 295 14.58 4.93 -38.71
N ALA A 296 13.80 4.52 -39.71
CA ALA A 296 14.30 4.57 -41.08
C ALA A 296 14.63 6.00 -41.49
N GLU A 297 13.78 6.95 -41.14
CA GLU A 297 14.05 8.35 -41.46
C GLU A 297 15.30 8.85 -40.75
N TRP A 298 15.50 8.44 -39.49
CA TRP A 298 16.71 8.86 -38.79
C TRP A 298 17.95 8.34 -39.51
N ILE A 299 17.94 7.07 -39.92
CA ILE A 299 19.10 6.53 -40.62
C ILE A 299 19.31 7.29 -41.93
N CYS A 300 18.24 7.53 -42.67
CA CYS A 300 18.35 8.23 -43.95
C CYS A 300 18.96 9.62 -43.76
N HIS A 301 18.43 10.38 -42.80
CA HIS A 301 18.94 11.72 -42.55
C HIS A 301 20.40 11.68 -42.10
N LEU A 302 20.74 10.72 -41.24
CA LEU A 302 22.07 10.73 -40.64
C LEU A 302 23.15 10.31 -41.63
N HIS A 303 22.83 9.37 -42.52
CA HIS A 303 23.83 8.86 -43.46
C HIS A 303 23.58 9.27 -44.91
N LYS A 304 22.49 9.98 -45.19
CA LYS A 304 22.24 10.52 -46.53
C LYS A 304 21.84 9.43 -47.53
N GLN A 305 21.88 8.18 -47.11
CA GLN A 305 21.55 7.09 -48.01
C GLN A 305 20.10 6.65 -47.82
N PRO A 306 19.46 6.09 -48.84
CA PRO A 306 18.09 5.62 -48.66
C PRO A 306 18.03 4.49 -47.65
N CYS A 307 16.89 4.36 -46.99
CA CYS A 307 16.62 3.25 -46.08
C CYS A 307 15.25 2.68 -46.39
N HIS A 308 15.08 1.39 -46.11
CA HIS A 308 13.85 0.67 -46.42
C HIS A 308 13.27 0.05 -45.18
N VAL A 309 11.94 -0.04 -45.15
CA VAL A 309 11.21 -0.59 -44.01
C VAL A 309 10.24 -1.64 -44.54
N ILE A 310 10.28 -2.83 -43.94
CA ILE A 310 9.33 -3.90 -44.23
C ILE A 310 8.67 -4.28 -42.91
N TYR A 311 7.36 -4.11 -42.83
CA TYR A 311 6.60 -4.43 -41.63
C TYR A 311 5.58 -5.51 -41.97
N THR A 312 5.59 -6.58 -41.18
CA THR A 312 4.65 -7.68 -41.37
C THR A 312 4.23 -8.22 -40.01
N ASP A 313 2.93 -8.29 -39.78
CA ASP A 313 2.36 -8.76 -38.52
C ASP A 313 1.83 -10.18 -38.66
N TYR A 314 2.50 -11.01 -39.45
CA TYR A 314 2.06 -12.36 -39.72
C TYR A 314 2.93 -13.36 -38.96
N ARG A 315 2.32 -14.43 -38.48
CA ARG A 315 3.01 -15.52 -37.82
C ARG A 315 2.59 -16.84 -38.44
N PRO A 316 3.47 -17.85 -38.42
CA PRO A 316 3.15 -19.10 -39.11
C PRO A 316 2.06 -19.92 -38.42
N THR A 317 2.13 -20.04 -37.09
CA THR A 317 1.19 -20.86 -36.34
C THR A 317 0.26 -20.00 -35.51
N PRO A 318 -1.05 -20.03 -35.75
CA PRO A 318 -1.95 -19.20 -34.94
C PRO A 318 -1.96 -19.64 -33.49
N LEU A 319 -2.29 -18.69 -32.61
CA LEU A 319 -2.29 -18.92 -31.17
C LEU A 319 -3.68 -18.77 -30.60
N GLN A 320 -3.95 -19.50 -29.52
CA GLN A 320 -5.16 -19.36 -28.73
C GLN A 320 -4.78 -18.96 -27.32
N HIS A 321 -5.46 -17.94 -26.78
CA HIS A 321 -5.17 -17.46 -25.43
C HIS A 321 -6.17 -18.03 -24.44
N TYR A 322 -5.70 -18.24 -23.21
CA TYR A 322 -6.52 -18.75 -22.12
C TYR A 322 -6.19 -17.95 -20.87
N ILE A 323 -7.18 -17.83 -19.99
CA ILE A 323 -7.02 -17.10 -18.73
C ILE A 323 -7.45 -18.00 -17.59
N PHE A 324 -6.59 -18.13 -16.58
CA PHE A 324 -6.89 -18.90 -15.38
C PHE A 324 -7.12 -17.94 -14.22
N PRO A 325 -8.35 -17.81 -13.70
CA PRO A 325 -8.57 -16.94 -12.54
C PRO A 325 -8.21 -17.66 -11.26
N ALA A 326 -7.24 -17.12 -10.53
CA ALA A 326 -6.81 -17.75 -9.29
C ALA A 326 -7.98 -17.90 -8.34
N GLY A 327 -8.39 -19.13 -8.08
CA GLY A 327 -9.55 -19.41 -7.26
C GLY A 327 -10.57 -20.26 -7.98
N GLY A 328 -10.78 -19.98 -9.27
CA GLY A 328 -11.68 -20.80 -10.06
C GLY A 328 -11.11 -22.18 -10.29
N ASP A 329 -11.64 -22.91 -11.27
CA ASP A 329 -11.14 -24.24 -11.59
C ASP A 329 -10.65 -24.36 -13.02
N GLY A 330 -11.44 -23.94 -14.00
CA GLY A 330 -11.16 -24.21 -15.40
C GLY A 330 -10.34 -23.13 -16.07
N LEU A 331 -10.28 -23.21 -17.39
CA LEU A 331 -9.62 -22.22 -18.22
C LEU A 331 -10.61 -21.71 -19.26
N HIS A 332 -10.58 -20.41 -19.50
CA HIS A 332 -11.51 -19.76 -20.42
C HIS A 332 -10.77 -19.32 -21.67
N LEU A 333 -11.48 -19.32 -22.80
CA LEU A 333 -10.91 -18.96 -24.10
C LEU A 333 -11.24 -17.50 -24.36
N VAL A 334 -10.26 -16.62 -24.12
CA VAL A 334 -10.48 -15.18 -24.25
C VAL A 334 -10.21 -14.70 -25.66
N VAL A 335 -9.05 -15.03 -26.22
CA VAL A 335 -8.68 -14.63 -27.58
C VAL A 335 -8.59 -15.89 -28.43
N ASP A 336 -9.52 -16.00 -29.38
CA ASP A 336 -9.60 -17.13 -30.27
C ASP A 336 -8.45 -17.09 -31.29
N GLU A 337 -8.23 -18.23 -31.96
CA GLU A 337 -7.19 -18.28 -32.98
C GLU A 337 -7.48 -17.30 -34.12
N ASN A 338 -8.75 -16.99 -34.36
CA ASN A 338 -9.11 -16.06 -35.42
C ASN A 338 -8.60 -14.65 -35.17
N GLY A 339 -8.17 -14.33 -33.95
CA GLY A 339 -7.67 -13.03 -33.60
C GLY A 339 -8.66 -12.15 -32.88
N ASP A 340 -9.95 -12.47 -32.92
CA ASP A 340 -10.96 -11.65 -32.27
C ASP A 340 -11.00 -11.92 -30.78
N PHE A 341 -11.44 -10.91 -30.03
CA PHE A 341 -11.52 -10.98 -28.58
C PHE A 341 -12.93 -11.38 -28.18
N ARG A 342 -13.04 -12.34 -27.26
CA ARG A 342 -14.33 -12.79 -26.74
C ARG A 342 -14.54 -12.12 -25.39
N GLU A 343 -15.32 -11.04 -25.39
CA GLU A 343 -15.54 -10.28 -24.15
C GLU A 343 -16.29 -11.10 -23.11
N ASP A 344 -17.25 -11.92 -23.55
CA ASP A 344 -18.11 -12.62 -22.60
C ASP A 344 -17.30 -13.55 -21.70
N ASN A 345 -16.37 -14.30 -22.26
CA ASN A 345 -15.60 -15.24 -21.46
C ASN A 345 -14.68 -14.50 -20.49
N PHE A 346 -14.11 -13.38 -20.92
CA PHE A 346 -13.29 -12.59 -20.01
C PHE A 346 -14.12 -12.04 -18.87
N ASN A 347 -15.34 -11.57 -19.17
CA ASN A 347 -16.22 -11.09 -18.11
C ASN A 347 -16.54 -12.21 -17.13
N THR A 348 -16.81 -13.41 -17.64
CA THR A 348 -17.09 -14.54 -16.76
C THR A 348 -15.89 -14.87 -15.88
N ALA A 349 -14.69 -14.85 -16.46
CA ALA A 349 -13.50 -15.16 -15.69
C ALA A 349 -13.29 -14.15 -14.57
N MET A 350 -13.44 -12.86 -14.89
CA MET A 350 -13.27 -11.84 -13.87
C MET A 350 -14.38 -11.89 -12.83
N GLN A 351 -15.59 -12.27 -13.24
CA GLN A 351 -16.67 -12.46 -12.26
C GLN A 351 -16.33 -13.60 -11.30
N VAL A 352 -15.81 -14.70 -11.82
CA VAL A 352 -15.40 -15.80 -10.95
C VAL A 352 -14.30 -15.35 -10.00
N LEU A 353 -13.34 -14.57 -10.51
CA LEU A 353 -12.28 -14.07 -9.65
C LEU A 353 -12.85 -13.18 -8.54
N ARG A 354 -13.79 -12.30 -8.89
CA ARG A 354 -14.36 -11.40 -7.90
C ARG A 354 -15.13 -12.18 -6.85
N ASP A 355 -15.92 -13.18 -7.27
CA ASP A 355 -16.66 -13.98 -6.30
C ASP A 355 -15.73 -14.73 -5.37
N ALA A 356 -14.65 -15.31 -5.91
CA ALA A 356 -13.70 -16.03 -5.08
C ALA A 356 -13.01 -15.09 -4.10
N GLY A 357 -12.63 -13.89 -4.54
CA GLY A 357 -11.96 -12.95 -3.66
C GLY A 357 -12.85 -12.25 -2.68
N ASP A 358 -14.16 -12.24 -2.93
CA ASP A 358 -15.09 -11.56 -2.03
C ASP A 358 -15.09 -12.19 -0.65
N LEU A 359 -15.01 -13.52 -0.59
CA LEU A 359 -14.95 -14.23 0.68
C LEU A 359 -13.71 -13.82 1.46
N GLY A 373 -4.73 -30.66 -7.29
CA GLY A 373 -3.42 -30.83 -6.70
C GLY A 373 -3.15 -29.84 -5.58
N PRO A 374 -2.04 -30.03 -4.87
CA PRO A 374 -1.72 -29.13 -3.75
C PRO A 374 -1.64 -27.67 -4.16
N SER A 375 -0.74 -27.34 -5.08
CA SER A 375 -0.52 -25.96 -5.48
C SER A 375 -1.46 -25.60 -6.63
N ASN A 376 -1.24 -24.45 -7.26
CA ASN A 376 -2.09 -23.98 -8.35
C ASN A 376 -1.46 -24.21 -9.71
N VAL A 377 -0.19 -23.83 -9.90
CA VAL A 377 0.48 -24.13 -11.15
C VAL A 377 0.64 -25.63 -11.32
N PHE A 378 0.73 -26.37 -10.21
CA PHE A 378 0.80 -27.81 -10.29
C PHE A 378 -0.42 -28.37 -11.01
N LYS A 379 -1.61 -27.84 -10.70
CA LYS A 379 -2.81 -28.30 -11.37
C LYS A 379 -2.74 -28.02 -12.87
N ILE A 380 -2.28 -26.82 -13.25
CA ILE A 380 -2.21 -26.47 -14.66
C ILE A 380 -1.24 -27.39 -15.39
N VAL A 381 -0.07 -27.63 -14.81
CA VAL A 381 0.91 -28.48 -15.47
C VAL A 381 0.40 -29.91 -15.59
N LYS A 382 -0.27 -30.42 -14.56
CA LYS A 382 -0.84 -31.76 -14.65
C LYS A 382 -1.90 -31.82 -15.75
N MET A 383 -2.73 -30.77 -15.85
CA MET A 383 -3.72 -30.72 -16.91
C MET A 383 -3.05 -30.71 -18.28
N ILE A 384 -1.95 -29.98 -18.41
CA ILE A 384 -1.21 -29.97 -19.67
C ILE A 384 -0.71 -31.36 -19.99
N MET A 385 -0.10 -32.03 -19.02
CA MET A 385 0.43 -33.37 -19.27
C MET A 385 -0.66 -34.32 -19.72
N GLU A 386 -1.80 -34.30 -19.03
CA GLU A 386 -2.89 -35.22 -19.37
C GLU A 386 -3.65 -34.80 -20.62
N ARG A 387 -3.47 -33.57 -21.09
CA ARG A 387 -4.16 -33.10 -22.29
C ARG A 387 -3.26 -33.03 -23.51
N ASN A 388 -1.98 -33.41 -23.37
CA ASN A 388 -1.04 -33.47 -24.49
C ASN A 388 -0.71 -32.07 -25.02
N PHE A 389 -0.29 -31.19 -24.10
CA PHE A 389 0.33 -29.91 -24.46
C PHE A 389 1.73 -29.92 -23.88
N GLN A 390 2.46 -31.03 -24.07
CA GLN A 390 3.60 -31.32 -23.20
C GLN A 390 4.68 -30.24 -23.24
N PRO A 391 5.35 -29.98 -24.35
CA PRO A 391 6.51 -29.06 -24.29
C PRO A 391 6.08 -27.65 -23.97
N VAL A 392 6.37 -27.22 -22.74
CA VAL A 392 5.84 -25.96 -22.21
C VAL A 392 6.95 -25.17 -21.55
N ILE A 393 6.78 -23.85 -21.52
CA ILE A 393 7.70 -22.95 -20.83
C ILE A 393 6.87 -22.17 -19.82
N ILE A 394 7.28 -22.21 -18.56
CA ILE A 394 6.58 -21.54 -17.47
C ILE A 394 7.37 -20.29 -17.14
N PHE A 395 6.79 -19.12 -17.40
CA PHE A 395 7.48 -17.85 -17.24
C PHE A 395 7.10 -17.21 -15.91
N SER A 396 8.04 -17.15 -14.99
CA SER A 396 7.88 -16.47 -13.72
C SER A 396 9.02 -15.48 -13.56
N PHE A 397 8.72 -14.32 -12.97
CA PHE A 397 9.63 -13.18 -12.96
C PHE A 397 10.41 -13.07 -11.65
N SER A 398 10.78 -14.20 -11.05
CA SER A 398 11.59 -14.19 -9.86
C SER A 398 12.60 -15.34 -9.92
N LYS A 399 13.75 -15.13 -9.30
CA LYS A 399 14.77 -16.18 -9.27
C LYS A 399 14.40 -17.32 -8.34
N LYS A 400 13.41 -17.13 -7.45
CA LYS A 400 13.03 -18.16 -6.49
C LYS A 400 11.65 -18.73 -6.73
N ASP A 401 10.75 -18.00 -7.39
CA ASP A 401 9.48 -18.60 -7.78
C ASP A 401 9.69 -19.75 -8.76
N CYS A 402 10.63 -19.59 -9.69
CA CYS A 402 10.91 -20.66 -10.64
C CYS A 402 11.41 -21.91 -9.93
N GLU A 403 12.39 -21.75 -9.04
CA GLU A 403 12.89 -22.91 -8.30
C GLU A 403 11.80 -23.52 -7.43
N ALA A 404 11.01 -22.68 -6.77
CA ALA A 404 9.94 -23.21 -5.93
C ALA A 404 8.97 -24.05 -6.76
N TYR A 405 8.47 -23.50 -7.86
CA TYR A 405 7.55 -24.26 -8.69
C TYR A 405 8.20 -25.50 -9.28
N ALA A 406 9.52 -25.47 -9.49
CA ALA A 406 10.20 -26.64 -10.05
C ALA A 406 10.26 -27.76 -9.02
N LEU A 407 10.64 -27.45 -7.79
CA LEU A 407 10.75 -28.50 -6.77
C LEU A 407 9.39 -29.09 -6.42
N GLN A 408 8.33 -28.29 -6.47
CA GLN A 408 7.00 -28.81 -6.15
C GLN A 408 6.58 -29.94 -7.06
N MET A 409 7.15 -30.03 -8.27
CA MET A 409 6.77 -31.08 -9.21
C MET A 409 7.77 -32.23 -9.13
N THR A 410 7.76 -32.88 -7.96
CA THR A 410 8.58 -34.06 -7.71
C THR A 410 7.78 -35.35 -7.81
N LYS A 411 6.61 -35.29 -8.46
CA LYS A 411 5.74 -36.45 -8.59
C LYS A 411 5.45 -36.83 -10.03
N LEU A 412 5.80 -36.00 -11.00
CA LEU A 412 5.54 -36.26 -12.41
C LEU A 412 6.78 -36.87 -13.06
N ASP A 413 6.55 -37.51 -14.21
CA ASP A 413 7.64 -38.13 -14.97
C ASP A 413 7.27 -38.05 -16.45
N PHE A 414 8.00 -37.24 -17.20
CA PHE A 414 7.69 -37.01 -18.60
C PHE A 414 8.50 -37.91 -19.53
N ASN A 415 9.77 -38.13 -19.24
CA ASN A 415 10.67 -38.82 -20.16
C ASN A 415 10.45 -40.33 -20.08
N THR A 416 11.35 -41.08 -20.71
CA THR A 416 11.34 -42.53 -20.71
C THR A 416 12.77 -43.02 -20.44
N ASP A 417 12.94 -44.33 -20.33
CA ASP A 417 14.24 -44.88 -19.96
C ASP A 417 15.32 -44.50 -20.99
N GLU A 418 15.00 -44.60 -22.27
CA GLU A 418 15.98 -44.22 -23.30
C GLU A 418 16.33 -42.74 -23.19
N GLU A 419 15.32 -41.89 -22.99
CA GLU A 419 15.59 -40.46 -22.82
C GLU A 419 16.39 -40.19 -21.56
N LYS A 420 16.12 -40.91 -20.49
CA LYS A 420 16.93 -40.77 -19.28
C LYS A 420 18.38 -41.13 -19.56
N LYS A 421 18.60 -42.20 -20.33
CA LYS A 421 19.96 -42.59 -20.69
C LYS A 421 20.64 -41.47 -21.48
N MET A 422 19.93 -40.91 -22.47
CA MET A 422 20.52 -39.85 -23.27
C MET A 422 20.83 -38.62 -22.43
N VAL A 423 19.93 -38.27 -21.50
CA VAL A 423 20.15 -37.11 -20.65
C VAL A 423 21.38 -37.33 -19.78
N GLU A 424 21.52 -38.52 -19.21
CA GLU A 424 22.71 -38.81 -18.41
C GLU A 424 23.97 -38.71 -19.25
N GLU A 425 23.94 -39.25 -20.47
CA GLU A 425 25.11 -39.18 -21.33
C GLU A 425 25.49 -37.73 -21.63
N VAL A 426 24.51 -36.92 -22.01
CA VAL A 426 24.78 -35.53 -22.36
C VAL A 426 25.32 -34.78 -21.15
N PHE A 427 24.71 -34.98 -19.98
CA PHE A 427 25.16 -34.25 -18.79
C PHE A 427 26.58 -34.64 -18.44
N SER A 428 26.91 -35.93 -18.52
CA SER A 428 28.28 -36.35 -18.22
C SER A 428 29.26 -35.73 -19.20
N ASN A 429 28.92 -35.77 -20.50
CA ASN A 429 29.82 -35.19 -21.49
C ASN A 429 30.04 -33.71 -21.25
N ALA A 430 28.98 -32.98 -20.92
CA ALA A 430 29.11 -31.55 -20.68
C ALA A 430 29.97 -31.28 -19.45
N ILE A 431 29.65 -31.91 -18.33
CA ILE A 431 30.37 -31.65 -17.09
C ILE A 431 31.79 -32.20 -17.10
N ASP A 432 32.15 -32.99 -18.11
CA ASP A 432 33.51 -33.51 -18.18
C ASP A 432 34.56 -32.41 -18.07
N CYS A 433 34.27 -31.21 -18.59
CA CYS A 433 35.29 -30.18 -18.71
C CYS A 433 35.74 -29.63 -17.36
N LEU A 434 34.96 -29.84 -16.29
CA LEU A 434 35.26 -29.23 -15.00
C LEU A 434 36.36 -30.03 -14.30
N SER A 435 36.59 -29.73 -13.03
CA SER A 435 37.52 -30.46 -12.18
C SER A 435 36.77 -31.26 -11.13
N ASP A 436 37.50 -32.13 -10.44
CA ASP A 436 36.88 -33.07 -9.52
C ASP A 436 36.04 -32.37 -8.46
N GLU A 437 36.68 -31.56 -7.62
CA GLU A 437 35.95 -30.88 -6.57
C GLU A 437 34.87 -29.97 -7.14
N ASP A 438 35.09 -29.45 -8.34
CA ASP A 438 34.04 -28.68 -9.02
C ASP A 438 32.97 -29.59 -9.61
N LYS A 439 33.34 -30.81 -10.01
CA LYS A 439 32.34 -31.76 -10.46
C LYS A 439 31.37 -32.10 -9.33
N LYS A 440 31.89 -32.27 -8.12
CA LYS A 440 31.10 -32.73 -6.99
C LYS A 440 30.44 -31.59 -6.22
N LEU A 441 30.25 -30.43 -6.83
CA LEU A 441 29.58 -29.34 -6.15
C LEU A 441 28.11 -29.70 -5.92
N PRO A 442 27.50 -29.22 -4.84
CA PRO A 442 26.07 -29.46 -4.65
C PRO A 442 25.22 -28.94 -5.79
N GLN A 443 25.55 -27.77 -6.34
CA GLN A 443 24.70 -27.15 -7.35
C GLN A 443 24.60 -28.03 -8.59
N VAL A 444 25.74 -28.56 -9.06
CA VAL A 444 25.74 -29.41 -10.25
C VAL A 444 25.09 -30.75 -9.96
N GLU A 445 25.41 -31.35 -8.81
CA GLU A 445 24.94 -32.71 -8.53
C GLU A 445 23.43 -32.74 -8.32
N HIS A 446 22.87 -31.79 -7.58
CA HIS A 446 21.47 -31.85 -7.20
C HIS A 446 20.52 -31.36 -8.28
N VAL A 447 20.99 -31.20 -9.52
CA VAL A 447 20.11 -30.85 -10.62
C VAL A 447 19.92 -31.99 -11.60
N LEU A 448 20.84 -32.95 -11.66
CA LEU A 448 20.66 -34.07 -12.57
C LEU A 448 19.35 -34.80 -12.36
N PRO A 449 18.89 -35.08 -11.14
CA PRO A 449 17.58 -35.73 -10.99
C PRO A 449 16.45 -34.97 -11.67
N LEU A 450 16.49 -33.63 -11.63
CA LEU A 450 15.46 -32.85 -12.30
C LEU A 450 15.48 -33.09 -13.79
N LEU A 451 16.67 -33.09 -14.40
CA LEU A 451 16.76 -33.32 -15.84
C LEU A 451 16.35 -34.74 -16.20
N LYS A 452 16.59 -35.70 -15.31
CA LYS A 452 16.31 -37.10 -15.64
C LYS A 452 14.85 -37.29 -15.98
N ARG A 453 13.95 -36.75 -15.18
CA ARG A 453 12.52 -36.95 -15.37
C ARG A 453 11.86 -35.85 -16.19
N GLY A 454 12.64 -34.94 -16.76
CA GLY A 454 12.11 -33.98 -17.71
C GLY A 454 11.63 -32.68 -17.10
N ILE A 455 12.48 -32.03 -16.32
CA ILE A 455 12.19 -30.72 -15.75
C ILE A 455 13.48 -29.94 -15.67
N GLY A 456 13.40 -28.65 -15.97
CA GLY A 456 14.58 -27.81 -15.97
C GLY A 456 14.27 -26.41 -15.51
N ILE A 457 15.24 -25.79 -14.84
CA ILE A 457 15.14 -24.42 -14.36
C ILE A 457 16.23 -23.61 -15.02
N HIS A 458 15.89 -22.40 -15.46
CA HIS A 458 16.82 -21.58 -16.23
C HIS A 458 16.56 -20.12 -15.90
N HIS A 459 17.37 -19.56 -15.01
CA HIS A 459 17.33 -18.14 -14.69
C HIS A 459 18.77 -17.64 -14.57
N GLY A 460 18.92 -16.37 -14.23
CA GLY A 460 20.25 -15.77 -14.23
C GLY A 460 21.13 -16.18 -13.07
N GLY A 461 20.59 -16.90 -12.08
CA GLY A 461 21.39 -17.27 -10.93
C GLY A 461 22.21 -18.53 -11.10
N LEU A 462 21.84 -19.39 -12.04
CA LEU A 462 22.52 -20.66 -12.22
C LEU A 462 23.94 -20.46 -12.74
N LEU A 463 24.75 -21.50 -12.60
CA LEU A 463 26.07 -21.47 -13.21
C LEU A 463 25.93 -21.39 -14.72
N PRO A 464 26.91 -20.82 -15.43
CA PRO A 464 26.81 -20.79 -16.90
C PRO A 464 26.69 -22.18 -17.52
N ILE A 465 27.42 -23.15 -16.99
CA ILE A 465 27.43 -24.48 -17.62
C ILE A 465 26.06 -25.11 -17.54
N LEU A 466 25.39 -24.98 -16.40
CA LEU A 466 24.05 -25.55 -16.28
C LEU A 466 23.08 -24.89 -17.24
N LYS A 467 23.17 -23.57 -17.40
CA LYS A 467 22.30 -22.87 -18.35
C LYS A 467 22.54 -23.38 -19.76
N GLU A 468 23.80 -23.49 -20.17
CA GLU A 468 24.09 -23.97 -21.52
C GLU A 468 23.60 -25.40 -21.72
N THR A 469 23.82 -26.26 -20.73
CA THR A 469 23.39 -27.66 -20.85
C THR A 469 21.88 -27.75 -20.94
N ILE A 470 21.16 -26.98 -20.13
CA ILE A 470 19.70 -27.01 -20.17
C ILE A 470 19.21 -26.48 -21.51
N GLU A 471 19.87 -25.45 -22.05
CA GLU A 471 19.50 -24.96 -23.37
C GLU A 471 19.66 -26.03 -24.43
N ILE A 472 20.79 -26.74 -24.40
CA ILE A 472 21.03 -27.79 -25.38
C ILE A 472 19.96 -28.88 -25.26
N LEU A 473 19.69 -29.32 -24.04
CA LEU A 473 18.72 -30.38 -23.83
C LEU A 473 17.33 -29.96 -24.30
N PHE A 474 16.92 -28.73 -23.98
CA PHE A 474 15.62 -28.26 -24.45
C PHE A 474 15.57 -28.21 -25.97
N SER A 475 16.64 -27.74 -26.60
CA SER A 475 16.65 -27.66 -28.05
C SER A 475 16.49 -29.05 -28.67
N GLU A 476 17.19 -30.05 -28.11
CA GLU A 476 17.04 -31.41 -28.62
C GLU A 476 15.62 -31.93 -28.38
N GLY A 477 15.04 -31.62 -27.23
CA GLY A 477 13.68 -32.04 -26.91
C GLY A 477 13.57 -32.95 -25.70
N LEU A 478 14.67 -33.27 -25.02
CA LEU A 478 14.58 -34.17 -23.87
C LEU A 478 13.77 -33.54 -22.74
N ILE A 479 13.99 -32.26 -22.45
CA ILE A 479 13.22 -31.57 -21.42
C ILE A 479 11.83 -31.24 -21.95
N LYS A 480 10.85 -31.21 -21.06
CA LYS A 480 9.48 -30.94 -21.44
C LYS A 480 8.79 -29.90 -20.56
N ALA A 481 9.47 -29.32 -19.59
CA ALA A 481 8.88 -28.27 -18.77
C ALA A 481 10.03 -27.43 -18.22
N LEU A 482 10.22 -26.24 -18.79
CA LEU A 482 11.32 -25.35 -18.43
C LEU A 482 10.75 -24.17 -17.67
N PHE A 483 11.10 -24.07 -16.39
CA PHE A 483 10.72 -22.93 -15.55
C PHE A 483 11.85 -21.90 -15.66
N ALA A 484 11.61 -20.85 -16.44
CA ALA A 484 12.64 -19.87 -16.72
C ALA A 484 12.06 -18.47 -16.64
N THR A 485 12.93 -17.50 -16.35
CA THR A 485 12.54 -16.09 -16.38
C THR A 485 12.52 -15.62 -17.83
N GLU A 486 12.43 -14.31 -18.05
CA GLU A 486 12.38 -13.79 -19.41
C GLU A 486 13.71 -13.87 -20.12
N THR A 487 14.81 -14.16 -19.41
CA THR A 487 16.11 -14.26 -20.06
C THR A 487 16.10 -15.32 -21.15
N PHE A 488 15.26 -16.34 -21.01
CA PHE A 488 15.17 -17.42 -21.99
C PHE A 488 14.34 -17.05 -23.21
N ALA A 489 13.58 -15.95 -23.15
CA ALA A 489 12.71 -15.59 -24.26
C ALA A 489 13.49 -15.20 -25.51
N MET A 490 14.76 -14.83 -25.37
CA MET A 490 15.56 -14.39 -26.51
C MET A 490 16.40 -15.50 -27.14
N GLY A 491 16.44 -16.69 -26.52
CA GLY A 491 17.20 -17.79 -27.08
C GLY A 491 16.89 -18.00 -28.54
N ILE A 492 17.85 -18.52 -29.30
CA ILE A 492 17.72 -18.64 -30.74
C ILE A 492 17.03 -19.97 -31.07
N ASN A 493 15.88 -19.89 -31.72
CA ASN A 493 15.12 -21.06 -32.16
C ASN A 493 15.01 -22.11 -31.06
N MET A 494 14.34 -21.73 -29.98
CA MET A 494 13.99 -22.65 -28.89
C MET A 494 12.53 -22.42 -28.51
N PRO A 495 11.60 -22.79 -29.38
CA PRO A 495 10.18 -22.58 -29.07
C PRO A 495 9.57 -23.72 -28.29
N ALA A 496 8.27 -23.63 -28.03
CA ALA A 496 7.53 -24.67 -27.33
C ALA A 496 6.08 -24.63 -27.79
N ARG A 497 5.31 -25.61 -27.36
CA ARG A 497 3.91 -25.69 -27.75
C ARG A 497 2.97 -24.97 -26.80
N THR A 498 3.47 -24.44 -25.69
CA THR A 498 2.62 -23.74 -24.75
C THR A 498 3.48 -22.86 -23.87
N VAL A 499 2.95 -21.69 -23.49
CA VAL A 499 3.65 -20.75 -22.62
C VAL A 499 2.69 -20.34 -21.52
N LEU A 500 3.14 -20.48 -20.27
CA LEU A 500 2.32 -20.21 -19.10
C LEU A 500 2.96 -19.08 -18.30
N PHE A 501 2.17 -18.07 -17.95
CA PHE A 501 2.62 -16.94 -17.15
C PHE A 501 2.12 -17.13 -15.73
N THR A 502 3.01 -17.52 -14.82
CA THR A 502 2.61 -17.66 -13.43
C THR A 502 2.17 -16.33 -12.84
N ASN A 503 2.92 -15.27 -13.13
CA ASN A 503 2.67 -13.95 -12.57
C ASN A 503 2.44 -12.95 -13.69
N ALA A 504 2.07 -11.73 -13.30
CA ALA A 504 1.88 -10.66 -14.28
C ALA A 504 2.40 -9.33 -13.76
N ARG A 505 3.31 -9.33 -12.78
CA ARG A 505 3.90 -8.11 -12.25
C ARG A 505 5.39 -8.32 -12.11
N LYS A 506 6.17 -7.54 -12.85
CA LYS A 506 7.62 -7.67 -12.86
C LYS A 506 8.26 -6.43 -12.27
N PHE A 507 9.45 -6.62 -11.73
CA PHE A 507 10.25 -5.52 -11.20
C PHE A 507 11.30 -5.15 -12.23
N ASP A 508 11.07 -4.04 -12.93
CA ASP A 508 12.06 -3.49 -13.85
C ASP A 508 13.09 -2.73 -13.03
N GLY A 509 13.92 -1.92 -13.69
CA GLY A 509 14.97 -1.21 -12.99
C GLY A 509 14.45 -0.31 -11.89
N LYS A 510 13.31 0.35 -12.13
CA LYS A 510 12.81 1.36 -11.20
C LYS A 510 11.96 0.76 -10.09
N ASP A 511 10.87 0.08 -10.43
CA ASP A 511 9.93 -0.42 -9.42
C ASP A 511 8.92 -1.33 -10.10
N PHE A 512 8.20 -2.09 -9.27
CA PHE A 512 7.24 -3.07 -9.75
C PHE A 512 6.27 -2.44 -10.75
N ARG A 513 5.74 -3.26 -11.65
CA ARG A 513 4.73 -2.80 -12.58
C ARG A 513 4.18 -3.99 -13.36
N TRP A 514 2.98 -3.80 -13.91
CA TRP A 514 2.40 -4.80 -14.81
C TRP A 514 3.25 -4.92 -16.07
N ILE A 515 3.39 -6.14 -16.57
CA ILE A 515 4.22 -6.36 -17.75
C ILE A 515 3.63 -5.60 -18.92
N SER A 516 4.49 -4.88 -19.64
CA SER A 516 4.05 -4.13 -20.81
C SER A 516 3.60 -5.09 -21.91
N SER A 517 2.63 -4.64 -22.70
CA SER A 517 2.10 -5.49 -23.77
C SER A 517 3.19 -5.93 -24.72
N GLY A 518 4.26 -5.14 -24.86
CA GLY A 518 5.36 -5.56 -25.71
C GLY A 518 6.03 -6.81 -25.21
N GLU A 519 6.31 -6.88 -23.91
CA GLU A 519 6.93 -8.07 -23.34
C GLU A 519 5.99 -9.27 -23.43
N TYR A 520 4.68 -9.04 -23.24
CA TYR A 520 3.74 -10.14 -23.39
C TYR A 520 3.75 -10.69 -24.81
N ILE A 521 3.77 -9.80 -25.80
CA ILE A 521 3.84 -10.29 -27.19
C ILE A 521 5.14 -11.03 -27.42
N GLN A 522 6.25 -10.51 -26.91
CA GLN A 522 7.53 -11.17 -27.12
C GLN A 522 7.54 -12.56 -26.52
N MET A 523 7.01 -12.71 -25.30
CA MET A 523 7.04 -14.02 -24.64
C MET A 523 6.03 -14.97 -25.26
N SER A 524 4.85 -14.48 -25.62
CA SER A 524 3.88 -15.31 -26.32
C SER A 524 4.35 -15.70 -27.71
N GLY A 525 5.35 -15.01 -28.25
CA GLY A 525 5.92 -15.41 -29.51
C GLY A 525 6.77 -16.66 -29.47
N ARG A 526 6.98 -17.22 -28.29
CA ARG A 526 7.71 -18.48 -28.12
C ARG A 526 6.75 -19.66 -27.95
N ALA A 527 5.61 -19.62 -28.65
CA ALA A 527 4.55 -20.60 -28.47
C ALA A 527 4.07 -21.13 -29.81
N GLY A 528 5.01 -21.50 -30.67
CA GLY A 528 4.67 -22.11 -31.93
C GLY A 528 5.87 -22.70 -32.64
N ARG A 529 5.75 -23.94 -33.09
CA ARG A 529 6.81 -24.62 -33.82
C ARG A 529 6.29 -24.93 -35.21
N ARG A 530 7.03 -24.48 -36.23
CA ARG A 530 6.56 -24.57 -37.61
C ARG A 530 6.40 -26.02 -38.05
N GLY A 531 5.17 -26.43 -38.29
CA GLY A 531 4.88 -27.78 -38.78
C GLY A 531 4.56 -28.83 -37.74
N MET A 532 5.37 -28.92 -36.69
CA MET A 532 5.15 -29.95 -35.67
C MET A 532 3.75 -29.83 -35.07
N ASP A 533 3.48 -28.72 -34.39
CA ASP A 533 2.19 -28.48 -33.75
C ASP A 533 1.52 -27.29 -34.44
N ASP A 534 0.27 -27.49 -34.84
CA ASP A 534 -0.41 -26.54 -35.72
C ASP A 534 -1.21 -25.49 -34.98
N ARG A 535 -1.09 -25.39 -33.66
CA ARG A 535 -1.77 -24.32 -32.93
C ARG A 535 -1.15 -24.18 -31.55
N GLY A 536 -0.55 -23.02 -31.28
CA GLY A 536 0.00 -22.77 -29.97
C GLY A 536 -1.06 -22.30 -28.99
N ILE A 537 -0.76 -22.49 -27.71
CA ILE A 537 -1.66 -22.14 -26.63
C ILE A 537 -0.89 -21.33 -25.61
N VAL A 538 -1.42 -20.16 -25.24
CA VAL A 538 -0.78 -19.28 -24.27
C VAL A 538 -1.76 -19.08 -23.12
N ILE A 539 -1.32 -19.40 -21.90
CA ILE A 539 -2.17 -19.40 -20.72
C ILE A 539 -1.64 -18.35 -19.75
N LEU A 540 -2.52 -17.44 -19.32
CA LEU A 540 -2.17 -16.37 -18.39
C LEU A 540 -2.94 -16.58 -17.10
N MET A 541 -2.22 -16.59 -15.98
CA MET A 541 -2.83 -16.76 -14.66
C MET A 541 -3.00 -15.39 -14.01
N VAL A 542 -4.24 -15.04 -13.68
CA VAL A 542 -4.55 -13.72 -13.15
C VAL A 542 -4.79 -13.84 -11.64
N ASP A 543 -4.88 -12.70 -10.98
CA ASP A 543 -5.04 -12.63 -9.53
C ASP A 543 -6.10 -11.61 -9.20
N GLU A 544 -6.50 -11.55 -7.92
CA GLU A 544 -7.48 -10.57 -7.50
C GLU A 544 -7.00 -9.15 -7.73
N LYS A 545 -5.68 -8.92 -7.69
CA LYS A 545 -5.16 -7.58 -7.97
C LYS A 545 -5.43 -7.16 -9.41
N MET A 546 -5.34 -8.10 -10.34
CA MET A 546 -5.70 -7.80 -11.72
C MET A 546 -7.15 -7.37 -11.79
N SER A 547 -7.42 -6.39 -12.65
CA SER A 547 -8.76 -5.88 -12.87
C SER A 547 -8.98 -5.73 -14.37
N PRO A 548 -10.24 -5.78 -14.82
CA PRO A 548 -10.51 -5.72 -16.27
C PRO A 548 -9.89 -4.52 -16.97
N THR A 549 -9.42 -3.52 -16.21
CA THR A 549 -8.75 -2.39 -16.83
C THR A 549 -7.30 -2.68 -17.16
N ILE A 550 -6.73 -3.75 -16.61
CA ILE A 550 -5.37 -4.16 -16.92
C ILE A 550 -5.35 -5.37 -17.86
N GLY A 551 -6.19 -6.36 -17.59
CA GLY A 551 -6.22 -7.53 -18.44
C GLY A 551 -6.65 -7.20 -19.87
N LYS A 552 -7.65 -6.33 -20.01
CA LYS A 552 -8.11 -5.96 -21.35
C LYS A 552 -6.99 -5.29 -22.13
N GLN A 553 -6.25 -4.39 -21.49
CA GLN A 553 -5.15 -3.72 -22.17
C GLN A 553 -4.06 -4.72 -22.52
N LEU A 554 -3.70 -5.60 -21.59
CA LEU A 554 -2.61 -6.53 -21.84
C LEU A 554 -2.93 -7.48 -22.98
N LEU A 555 -4.17 -7.98 -23.02
CA LEU A 555 -4.56 -8.90 -24.10
C LEU A 555 -4.83 -8.18 -25.41
N LYS A 556 -5.23 -6.91 -25.36
CA LYS A 556 -5.60 -6.16 -26.55
C LYS A 556 -4.63 -5.02 -26.86
N GLY A 557 -3.40 -5.10 -26.36
CA GLY A 557 -2.42 -4.08 -26.57
C GLY A 557 -1.60 -4.31 -27.84
N SER A 558 -0.58 -3.48 -28.01
CA SER A 558 0.35 -3.61 -29.11
C SER A 558 1.73 -3.18 -28.63
N ALA A 559 2.75 -3.58 -29.39
CA ALA A 559 4.12 -3.33 -28.97
C ALA A 559 4.34 -1.83 -28.73
N ASP A 560 5.06 -1.52 -27.67
CA ASP A 560 5.36 -0.13 -27.36
C ASP A 560 6.40 0.43 -28.34
N PRO A 561 6.36 1.73 -28.61
CA PRO A 561 7.27 2.30 -29.60
C PRO A 561 8.72 2.23 -29.13
N LEU A 562 9.63 2.58 -30.05
CA LEU A 562 11.05 2.61 -29.78
C LEU A 562 11.48 4.06 -29.57
N ASN A 563 11.85 4.39 -28.34
CA ASN A 563 12.29 5.73 -27.97
C ASN A 563 13.70 5.65 -27.42
N SER A 564 14.57 6.54 -27.88
CA SER A 564 15.96 6.48 -27.49
C SER A 564 16.11 6.63 -25.98
N ALA A 565 17.34 6.38 -25.51
CA ALA A 565 17.70 6.54 -24.11
C ALA A 565 19.06 7.18 -24.00
N PHE A 566 19.36 8.13 -24.89
CA PHE A 566 20.68 8.75 -24.90
C PHE A 566 20.90 9.54 -23.63
N HIS A 567 22.15 9.50 -23.15
CA HIS A 567 22.53 10.25 -21.96
C HIS A 567 24.06 10.31 -21.86
N LEU A 568 24.60 11.51 -21.68
CA LEU A 568 26.04 11.67 -21.74
C LEU A 568 26.73 10.89 -20.62
N THR A 569 28.02 10.65 -20.81
CA THR A 569 28.84 9.97 -19.83
C THR A 569 30.27 10.46 -19.96
N TYR A 570 31.06 10.28 -18.91
CA TYR A 570 32.41 10.83 -18.91
C TYR A 570 33.29 10.14 -19.95
N ASN A 571 33.05 8.86 -20.22
CA ASN A 571 33.87 8.16 -21.20
C ASN A 571 33.65 8.71 -22.61
N MET A 572 32.39 8.88 -23.00
CA MET A 572 32.09 9.48 -24.29
C MET A 572 32.74 10.84 -24.43
N VAL A 573 32.57 11.69 -23.41
CA VAL A 573 33.11 13.05 -23.47
C VAL A 573 34.62 13.01 -23.61
N LEU A 574 35.29 12.22 -22.77
CA LEU A 574 36.75 12.20 -22.81
C LEU A 574 37.26 11.66 -24.14
N ASN A 575 36.67 10.57 -24.63
CA ASN A 575 37.14 10.01 -25.90
C ASN A 575 36.93 11.00 -27.04
N LEU A 576 35.78 11.66 -27.08
CA LEU A 576 35.53 12.61 -28.16
C LEU A 576 36.50 13.79 -28.07
N LEU A 577 36.77 14.27 -26.86
CA LEU A 577 37.72 15.36 -26.72
C LEU A 577 39.11 14.94 -27.17
N ARG A 578 39.46 13.66 -26.99
CA ARG A 578 40.80 13.21 -27.35
C ARG A 578 41.06 13.37 -28.84
N VAL A 579 40.08 13.02 -29.68
CA VAL A 579 40.26 13.00 -31.13
C VAL A 579 39.79 14.33 -31.71
N GLU A 580 40.52 14.82 -32.72
CA GLU A 580 40.24 16.11 -33.31
C GLU A 580 39.12 15.99 -34.35
N GLU A 581 38.79 17.13 -34.98
CA GLU A 581 37.80 17.18 -36.04
C GLU A 581 36.43 16.72 -35.59
N ILE A 582 36.16 16.72 -34.29
CA ILE A 582 34.86 16.32 -33.76
C ILE A 582 34.74 16.77 -32.31
N ASN A 583 33.53 17.07 -31.88
CA ASN A 583 33.27 17.54 -30.53
C ASN A 583 31.99 16.92 -30.01
N PRO A 584 31.81 16.86 -28.69
CA PRO A 584 30.63 16.19 -28.13
C PRO A 584 29.31 16.76 -28.64
N GLU A 585 29.26 18.05 -28.96
CA GLU A 585 28.05 18.62 -29.53
C GLU A 585 27.64 17.88 -30.80
N TYR A 586 28.62 17.39 -31.56
CA TYR A 586 28.31 16.62 -32.75
C TYR A 586 27.50 15.38 -32.40
N MET A 587 27.94 14.64 -31.37
CA MET A 587 27.17 13.48 -30.94
C MET A 587 25.80 13.88 -30.43
N LEU A 588 25.73 14.95 -29.63
CA LEU A 588 24.45 15.37 -29.07
C LEU A 588 23.45 15.76 -30.15
N GLU A 589 23.93 16.28 -31.28
CA GLU A 589 23.04 16.80 -32.31
C GLU A 589 22.51 15.74 -33.26
N LYS A 590 23.05 14.52 -33.22
CA LYS A 590 22.68 13.45 -34.15
C LYS A 590 22.41 12.16 -33.40
N SER A 591 21.60 12.24 -32.34
CA SER A 591 21.50 11.16 -31.37
C SER A 591 20.17 10.41 -31.43
N PHE A 592 19.26 10.78 -32.32
CA PHE A 592 17.93 10.18 -32.39
C PHE A 592 17.09 10.56 -31.17
N TYR A 593 17.70 11.25 -30.20
CA TYR A 593 16.91 12.00 -29.24
C TYR A 593 16.57 13.36 -29.81
N GLN A 594 17.58 14.05 -30.34
CA GLN A 594 17.33 15.30 -31.04
C GLN A 594 16.44 15.10 -32.25
N PHE A 595 16.61 13.99 -32.97
CA PHE A 595 15.75 13.74 -34.13
C PHE A 595 14.31 13.51 -33.71
N GLN A 596 14.10 12.64 -32.72
CA GLN A 596 12.75 12.35 -32.26
C GLN A 596 12.12 13.56 -31.60
N HIS A 597 12.93 14.53 -31.18
CA HIS A 597 12.40 15.79 -30.66
C HIS A 597 12.01 16.74 -31.79
N TYR A 598 12.91 16.94 -32.76
CA TYR A 598 12.62 17.82 -33.87
C TYR A 598 11.45 17.32 -34.70
N ARG A 599 11.18 16.02 -34.66
CA ARG A 599 10.09 15.50 -35.47
C ARG A 599 8.71 15.90 -34.93
N ALA A 600 8.64 16.47 -33.73
CA ALA A 600 7.36 16.84 -33.12
C ALA A 600 6.96 18.28 -33.38
N ILE A 601 7.84 19.10 -33.96
CA ILE A 601 7.54 20.53 -34.10
C ILE A 601 6.31 20.78 -34.95
N PRO A 602 6.11 20.10 -36.08
CA PRO A 602 4.88 20.35 -36.85
C PRO A 602 3.62 20.17 -36.03
N GLY A 603 3.60 19.18 -35.13
CA GLY A 603 2.42 18.99 -34.30
C GLY A 603 2.09 20.20 -33.46
N VAL A 604 3.10 20.74 -32.76
CA VAL A 604 2.86 21.90 -31.91
C VAL A 604 2.52 23.13 -32.76
N VAL A 605 3.13 23.27 -33.94
CA VAL A 605 2.81 24.40 -34.80
C VAL A 605 1.35 24.36 -35.22
N GLU A 606 0.88 23.19 -35.66
CA GLU A 606 -0.53 23.05 -36.01
C GLU A 606 -1.42 23.30 -34.80
N LYS A 607 -1.00 22.80 -33.63
CA LYS A 607 -1.78 22.98 -32.42
C LYS A 607 -1.96 24.46 -32.09
N VAL A 608 -0.86 25.22 -32.13
CA VAL A 608 -0.96 26.64 -31.83
C VAL A 608 -1.81 27.35 -32.86
N LYS A 609 -1.66 27.00 -34.15
CA LYS A 609 -2.47 27.66 -35.16
C LYS A 609 -3.95 27.43 -34.89
N ASN A 610 -4.33 26.17 -34.63
CA ASN A 610 -5.74 25.86 -34.40
C ASN A 610 -6.26 26.57 -33.15
N SER A 611 -5.48 26.55 -32.07
CA SER A 611 -5.94 27.18 -30.83
C SER A 611 -6.05 28.69 -31.00
N GLU A 612 -5.13 29.30 -31.74
CA GLU A 612 -5.22 30.73 -32.00
C GLU A 612 -6.48 31.06 -32.79
N GLU A 613 -6.80 30.25 -33.80
CA GLU A 613 -8.02 30.50 -34.55
C GLU A 613 -9.25 30.35 -33.65
N GLN A 614 -9.25 29.33 -32.79
CA GLN A 614 -10.36 29.18 -31.85
C GLN A 614 -10.48 30.39 -30.94
N TYR A 615 -9.36 30.88 -30.41
CA TYR A 615 -9.35 32.09 -29.61
C TYR A 615 -10.00 33.24 -30.39
N ASN A 616 -9.60 33.41 -31.64
CA ASN A 616 -10.09 34.52 -32.45
C ASN A 616 -11.52 34.32 -32.93
N LYS A 617 -12.11 33.14 -32.74
CA LYS A 617 -13.46 32.91 -33.24
C LYS A 617 -14.53 33.46 -32.31
N ILE A 618 -14.60 32.95 -31.08
CA ILE A 618 -15.68 33.32 -30.16
C ILE A 618 -15.44 34.72 -29.63
N VAL A 619 -16.47 35.57 -29.73
CA VAL A 619 -16.44 36.92 -29.20
C VAL A 619 -17.70 37.15 -28.38
N ILE A 620 -17.53 37.51 -27.11
CA ILE A 620 -18.66 37.84 -26.25
C ILE A 620 -19.15 39.24 -26.62
N PRO A 621 -20.45 39.52 -26.51
CA PRO A 621 -20.93 40.84 -26.94
C PRO A 621 -20.26 42.00 -26.22
N ASN A 622 -19.96 41.86 -24.94
CA ASN A 622 -19.33 42.90 -24.14
C ASN A 622 -18.03 42.35 -23.58
N GLU A 623 -16.93 43.08 -23.79
CA GLU A 623 -15.61 42.60 -23.43
C GLU A 623 -15.16 43.10 -22.06
N GLU A 624 -15.05 44.42 -21.89
CA GLU A 624 -14.38 44.96 -20.71
C GLU A 624 -15.14 44.62 -19.43
N SER A 625 -16.44 44.92 -19.39
CA SER A 625 -17.20 44.72 -18.16
C SER A 625 -17.32 43.23 -17.84
N VAL A 626 -17.56 42.41 -18.86
CA VAL A 626 -17.67 40.96 -18.62
C VAL A 626 -16.34 40.40 -18.14
N VAL A 627 -15.23 40.90 -18.68
CA VAL A 627 -13.92 40.44 -18.24
C VAL A 627 -13.71 40.82 -16.77
N ILE A 628 -14.08 42.04 -16.39
CA ILE A 628 -13.92 42.46 -15.01
C ILE A 628 -14.79 41.59 -14.10
N TYR A 629 -16.03 41.31 -14.53
CA TYR A 629 -16.92 40.46 -13.73
C TYR A 629 -16.33 39.06 -13.56
N TYR A 630 -15.81 38.48 -14.64
CA TYR A 630 -15.17 37.17 -14.53
C TYR A 630 -13.97 37.22 -13.60
N LYS A 631 -13.15 38.26 -13.70
CA LYS A 631 -11.97 38.36 -12.86
C LYS A 631 -12.34 38.44 -11.39
N ILE A 632 -13.34 39.25 -11.05
CA ILE A 632 -13.73 39.37 -9.65
C ILE A 632 -14.35 38.06 -9.16
N ARG A 633 -15.15 37.41 -10.00
CA ARG A 633 -15.74 36.13 -9.59
C ARG A 633 -14.66 35.09 -9.33
N GLN A 634 -13.66 35.01 -10.21
CA GLN A 634 -12.58 34.05 -10.02
C GLN A 634 -11.75 34.39 -8.79
N GLN A 635 -11.52 35.68 -8.53
CA GLN A 635 -10.79 36.06 -7.32
C GLN A 635 -11.59 35.69 -6.08
N LEU A 636 -12.91 35.86 -6.11
CA LEU A 636 -13.75 35.45 -5.00
C LEU A 636 -13.65 33.94 -4.78
N ALA A 637 -13.66 33.16 -5.87
CA ALA A 637 -13.49 31.72 -5.73
C ALA A 637 -12.14 31.37 -5.13
N LYS A 638 -11.09 32.09 -5.54
CA LYS A 638 -9.76 31.84 -4.98
C LYS A 638 -9.72 32.13 -3.49
N LEU A 639 -10.36 33.24 -3.07
CA LEU A 639 -10.43 33.54 -1.65
C LEU A 639 -11.20 32.47 -0.88
N GLY A 640 -12.30 31.99 -1.47
CA GLY A 640 -13.02 30.90 -0.85
C GLY A 640 -12.16 29.67 -0.67
N LYS A 641 -11.37 29.33 -1.70
CA LYS A 641 -10.47 28.19 -1.59
C LYS A 641 -9.41 28.42 -0.53
N GLU A 642 -8.93 29.67 -0.40
CA GLU A 642 -8.00 29.98 0.67
C GLU A 642 -8.62 29.72 2.03
N ILE A 643 -9.87 30.13 2.22
CA ILE A 643 -10.56 29.86 3.48
C ILE A 643 -10.66 28.35 3.70
N GLU A 644 -11.04 27.60 2.67
CA GLU A 644 -11.15 26.16 2.82
C GLU A 644 -9.83 25.56 3.26
N GLU A 645 -8.74 25.98 2.63
CA GLU A 645 -7.43 25.48 3.05
C GLU A 645 -7.11 25.89 4.48
N TYR A 646 -7.57 27.06 4.91
CA TYR A 646 -7.35 27.47 6.28
C TYR A 646 -8.09 26.57 7.25
N ILE A 647 -9.29 26.12 6.87
CA ILE A 647 -10.07 25.24 7.75
C ILE A 647 -9.29 23.94 7.99
N HIS A 648 -8.80 23.31 6.93
CA HIS A 648 -8.21 21.98 7.03
C HIS A 648 -6.83 22.04 7.67
N LYS A 649 -6.79 22.42 8.94
CA LYS A 649 -5.56 22.42 9.70
C LYS A 649 -5.56 21.24 10.69
N PRO A 650 -4.39 20.67 11.01
CA PRO A 650 -4.41 19.46 11.83
C PRO A 650 -5.14 19.60 13.15
N LYS A 651 -5.05 20.76 13.80
CA LYS A 651 -5.65 20.95 15.11
C LYS A 651 -7.07 21.50 15.06
N TYR A 652 -7.57 21.88 13.89
CA TYR A 652 -8.88 22.53 13.79
C TYR A 652 -9.86 21.75 12.92
N CYS A 653 -9.53 20.53 12.50
CA CYS A 653 -10.46 19.75 11.70
C CYS A 653 -10.60 18.33 12.24
N LEU A 654 -9.57 17.83 12.92
CA LEU A 654 -9.63 16.47 13.45
C LEU A 654 -10.74 16.29 14.48
N PRO A 655 -10.89 17.15 15.48
CA PRO A 655 -11.95 16.92 16.48
C PRO A 655 -13.34 16.85 15.87
N PHE A 656 -13.60 17.58 14.80
CA PHE A 656 -14.94 17.64 14.21
C PHE A 656 -15.20 16.50 13.23
N LEU A 657 -14.22 15.64 12.99
CA LEU A 657 -14.40 14.47 12.13
C LEU A 657 -14.67 13.28 13.05
N GLN A 658 -15.93 12.86 13.10
CA GLN A 658 -16.38 11.80 13.99
C GLN A 658 -17.12 10.73 13.20
N PRO A 659 -17.22 9.52 13.74
CA PRO A 659 -17.78 8.41 12.96
C PRO A 659 -19.21 8.60 12.47
N GLY A 660 -19.81 9.76 12.71
CA GLY A 660 -21.10 10.06 12.11
C GLY A 660 -21.08 11.37 11.36
N ARG A 661 -19.94 12.07 11.39
CA ARG A 661 -19.87 13.42 10.85
C ARG A 661 -20.25 13.45 9.38
N LEU A 662 -21.00 14.47 9.00
CA LEU A 662 -21.45 14.65 7.61
C LEU A 662 -20.54 15.68 6.95
N VAL A 663 -19.92 15.31 5.83
CA VAL A 663 -19.00 16.19 5.13
C VAL A 663 -19.35 16.17 3.65
N LYS A 664 -18.84 17.16 2.93
CA LYS A 664 -18.94 17.22 1.47
C LYS A 664 -17.56 17.07 0.86
N VAL A 665 -17.43 16.11 -0.06
CA VAL A 665 -16.15 15.79 -0.65
C VAL A 665 -16.26 15.89 -2.16
N LYS A 666 -15.28 16.57 -2.78
CA LYS A 666 -15.17 16.68 -4.21
C LYS A 666 -13.71 16.94 -4.57
N ASN A 667 -13.22 16.24 -5.59
CA ASN A 667 -11.90 16.48 -6.13
C ASN A 667 -12.01 17.40 -7.34
N GLU A 668 -10.86 17.88 -7.81
CA GLU A 668 -10.84 18.87 -8.89
C GLU A 668 -11.66 18.38 -10.08
N GLY A 669 -12.77 19.05 -10.35
CA GLY A 669 -13.62 18.71 -11.48
C GLY A 669 -14.57 17.55 -11.27
N ASP A 670 -14.60 16.97 -10.07
CA ASP A 670 -15.46 15.83 -9.80
C ASP A 670 -15.89 15.87 -8.35
N ASP A 671 -17.18 15.72 -8.09
CA ASP A 671 -17.72 15.82 -6.74
C ASP A 671 -18.51 14.55 -6.41
N PHE A 672 -18.09 13.85 -5.36
CA PHE A 672 -18.88 12.75 -4.84
C PHE A 672 -20.11 13.26 -4.10
N GLY A 673 -19.96 14.31 -3.30
CA GLY A 673 -21.09 14.89 -2.61
C GLY A 673 -21.04 14.68 -1.11
N TRP A 674 -22.19 14.36 -0.51
CA TRP A 674 -22.27 14.20 0.93
C TRP A 674 -21.86 12.79 1.35
N GLY A 675 -20.94 12.71 2.30
CA GLY A 675 -20.52 11.43 2.84
C GLY A 675 -20.37 11.51 4.34
N VAL A 676 -20.65 10.40 5.00
CA VAL A 676 -20.63 10.30 6.45
C VAL A 676 -19.26 9.77 6.86
N VAL A 677 -18.43 10.64 7.45
CA VAL A 677 -17.11 10.20 7.87
C VAL A 677 -17.24 8.94 8.70
N VAL A 678 -16.45 7.92 8.35
CA VAL A 678 -16.46 6.66 9.07
C VAL A 678 -15.24 6.48 9.96
N ASN A 679 -14.09 7.00 9.57
CA ASN A 679 -12.92 6.88 10.43
C ASN A 679 -11.85 7.83 9.90
N PHE A 680 -10.80 8.02 10.68
CA PHE A 680 -9.65 8.78 10.21
C PHE A 680 -8.39 8.24 10.88
N SER A 681 -7.26 8.48 10.23
CA SER A 681 -5.98 7.98 10.73
C SER A 681 -4.86 8.82 10.14
N LYS A 682 -3.66 8.60 10.67
CA LYS A 682 -2.47 9.35 10.28
C LYS A 682 -1.51 8.42 9.52
N LYS A 683 -0.59 9.04 8.77
CA LYS A 683 0.43 8.29 8.05
C LYS A 683 1.49 9.28 7.59
N SER A 684 2.70 8.76 7.39
CA SER A 684 3.83 9.58 6.95
C SER A 684 4.38 9.07 5.62
N PRO A 695 3.65 15.15 7.99
CA PRO A 695 2.69 14.04 8.07
C PRO A 695 1.39 14.33 7.32
N LEU A 696 0.71 13.28 6.88
CA LEU A 696 -0.55 13.41 6.16
C LEU A 696 -1.58 12.49 6.78
N TYR A 697 -2.83 12.93 6.78
CA TYR A 697 -3.92 12.18 7.40
C TYR A 697 -4.91 11.73 6.33
N VAL A 698 -5.46 10.54 6.51
CA VAL A 698 -6.42 9.95 5.59
C VAL A 698 -7.73 9.73 6.35
N VAL A 699 -8.83 10.21 5.78
CA VAL A 699 -10.14 10.10 6.40
C VAL A 699 -10.98 9.17 5.52
N GLU A 700 -11.35 8.02 6.07
CA GLU A 700 -12.19 7.06 5.37
C GLU A 700 -13.63 7.51 5.51
N VAL A 701 -14.25 7.87 4.39
CA VAL A 701 -15.62 8.37 4.37
C VAL A 701 -16.48 7.32 3.69
N LEU A 702 -17.79 7.57 3.63
CA LEU A 702 -18.76 6.62 3.10
C LEU A 702 -19.53 7.30 1.97
N LEU A 703 -19.01 7.20 0.75
CA LEU A 703 -19.53 7.94 -0.38
C LEU A 703 -20.36 7.02 -1.28
N ARG A 704 -20.76 7.53 -2.44
CA ARG A 704 -21.41 6.75 -3.46
C ARG A 704 -20.43 6.46 -4.59
N CYS A 705 -20.48 5.24 -5.11
CA CYS A 705 -19.63 4.83 -6.23
C CYS A 705 -20.45 4.01 -7.20
N SER A 706 -20.00 4.01 -8.46
CA SER A 706 -20.68 3.27 -9.52
C SER A 706 -20.09 1.86 -9.65
N LYS A 707 -20.87 0.98 -10.27
CA LYS A 707 -20.42 -0.40 -10.45
C LYS A 707 -19.17 -0.46 -11.31
N GLU A 708 -19.11 0.36 -12.37
CA GLU A 708 -17.93 0.39 -13.22
C GLU A 708 -16.69 0.85 -12.47
N SER A 709 -16.86 1.48 -11.31
CA SER A 709 -15.74 1.88 -10.47
C SER A 709 -15.44 0.87 -9.37
N LEU A 710 -16.45 0.16 -8.88
CA LEU A 710 -16.21 -0.87 -7.88
C LEU A 710 -15.55 -2.09 -8.51
N LYS A 711 -15.91 -2.42 -9.74
CA LYS A 711 -15.39 -3.62 -10.37
C LYS A 711 -13.87 -3.56 -10.51
N ASN A 712 -13.33 -2.41 -10.91
CA ASN A 712 -11.90 -2.23 -11.10
C ASN A 712 -11.20 -1.73 -9.84
N SER A 713 -11.82 -1.92 -8.66
CA SER A 713 -11.31 -1.31 -7.43
C SER A 713 -9.98 -1.88 -6.99
N ALA A 714 -9.53 -2.99 -7.59
CA ALA A 714 -8.29 -3.61 -7.14
C ALA A 714 -7.09 -2.69 -7.34
N THR A 715 -7.04 -1.98 -8.46
CA THR A 715 -5.93 -1.10 -8.79
C THR A 715 -6.42 0.22 -9.36
N GLU A 716 -7.45 0.80 -8.74
CA GLU A 716 -8.05 2.03 -9.21
C GLU A 716 -8.42 2.91 -8.02
N ALA A 717 -8.57 4.20 -8.28
CA ALA A 717 -9.09 5.14 -7.31
C ALA A 717 -10.60 5.29 -7.50
N ALA A 718 -11.28 5.67 -6.43
CA ALA A 718 -12.73 5.77 -6.46
C ALA A 718 -13.16 6.85 -7.44
N LYS A 719 -14.34 6.65 -8.04
CA LYS A 719 -14.92 7.63 -8.94
C LYS A 719 -16.38 7.86 -8.58
N PRO A 720 -16.87 9.09 -8.70
CA PRO A 720 -18.25 9.37 -8.32
C PRO A 720 -19.24 8.65 -9.22
N ALA A 721 -20.37 8.27 -8.62
CA ALA A 721 -21.44 7.62 -9.37
C ALA A 721 -22.25 8.65 -10.14
N LYS A 722 -22.94 8.18 -11.17
CA LYS A 722 -23.76 9.05 -12.00
C LYS A 722 -25.17 9.13 -11.42
N PRO A 723 -25.67 10.32 -11.06
CA PRO A 723 -26.95 10.39 -10.34
C PRO A 723 -28.11 9.79 -11.11
N ASP A 724 -28.11 9.88 -12.44
CA ASP A 724 -29.24 9.36 -13.21
C ASP A 724 -29.40 7.85 -13.05
N GLU A 725 -28.39 7.15 -12.56
CA GLU A 725 -28.43 5.72 -12.37
C GLU A 725 -28.11 5.38 -10.92
N LYS A 726 -28.66 4.24 -10.46
CA LYS A 726 -28.48 3.84 -9.08
C LYS A 726 -27.04 3.38 -8.84
N GLY A 727 -26.43 3.88 -7.75
CA GLY A 727 -25.11 3.50 -7.36
C GLY A 727 -25.09 2.66 -6.11
N GLU A 728 -23.91 2.56 -5.50
CA GLU A 728 -23.72 1.80 -4.27
C GLU A 728 -22.97 2.63 -3.24
N MET A 729 -23.44 2.60 -2.00
CA MET A 729 -22.78 3.31 -0.91
C MET A 729 -21.59 2.48 -0.46
N GLN A 730 -20.38 3.01 -0.65
CA GLN A 730 -19.16 2.28 -0.35
C GLN A 730 -18.18 3.20 0.36
N VAL A 731 -17.29 2.58 1.15
CA VAL A 731 -16.25 3.30 1.86
C VAL A 731 -15.17 3.71 0.87
N VAL A 732 -14.64 4.92 1.04
CA VAL A 732 -13.60 5.46 0.18
C VAL A 732 -12.59 6.21 1.05
N PRO A 733 -11.30 5.95 0.93
CA PRO A 733 -10.31 6.78 1.62
C PRO A 733 -10.09 8.08 0.86
N VAL A 734 -9.78 9.13 1.63
CA VAL A 734 -9.58 10.46 1.07
C VAL A 734 -8.56 11.18 1.94
N LEU A 735 -8.02 12.28 1.40
CA LEU A 735 -7.16 13.18 2.15
C LEU A 735 -7.96 14.38 2.63
N VAL A 736 -7.43 15.04 3.67
CA VAL A 736 -8.12 16.20 4.22
C VAL A 736 -8.24 17.30 3.18
N HIS A 737 -7.31 17.37 2.23
CA HIS A 737 -7.32 18.44 1.24
C HIS A 737 -8.55 18.39 0.34
N LEU A 738 -9.24 17.25 0.28
CA LEU A 738 -10.36 17.06 -0.64
C LEU A 738 -11.71 17.29 0.02
N LEU A 739 -11.74 17.72 1.28
CA LEU A 739 -12.98 18.01 1.98
C LEU A 739 -13.36 19.47 1.74
N SER A 740 -14.56 19.69 1.21
CA SER A 740 -15.03 21.04 0.95
C SER A 740 -15.69 21.67 2.18
N ALA A 741 -16.72 21.01 2.71
CA ALA A 741 -17.49 21.53 3.84
C ALA A 741 -17.59 20.47 4.93
N ILE A 742 -17.25 20.85 6.15
CA ILE A 742 -17.39 19.98 7.32
C ILE A 742 -18.70 20.39 7.99
N SER A 743 -19.81 19.78 7.56
CA SER A 743 -21.11 20.17 8.07
C SER A 743 -21.22 19.88 9.55
N SER A 744 -22.05 20.65 10.24
CA SER A 744 -22.21 20.49 11.68
C SER A 744 -23.05 19.27 12.03
N VAL A 745 -24.04 18.95 11.21
CA VAL A 745 -24.93 17.81 11.46
C VAL A 745 -24.09 16.56 11.69
N ARG A 746 -24.63 15.61 12.43
CA ARG A 746 -23.99 14.33 12.64
C ARG A 746 -25.08 13.26 12.66
N LEU A 747 -24.71 12.07 12.21
CA LEU A 747 -25.67 10.97 12.06
C LEU A 747 -25.38 9.87 13.07
N TYR A 748 -26.39 9.04 13.30
CA TYR A 748 -26.26 7.86 14.16
C TYR A 748 -25.80 6.70 13.31
N ILE A 749 -24.52 6.37 13.40
CA ILE A 749 -23.91 5.34 12.57
C ILE A 749 -24.29 3.96 13.12
N PRO A 750 -24.66 2.99 12.28
CA PRO A 750 -25.06 1.68 12.81
C PRO A 750 -23.96 0.94 13.56
N LYS A 751 -22.69 1.27 13.31
CA LYS A 751 -21.51 0.63 13.88
C LYS A 751 -21.17 -0.68 13.20
N ASP A 752 -21.97 -1.15 12.23
CA ASP A 752 -21.65 -2.34 11.45
C ASP A 752 -22.03 -2.04 10.00
N LEU A 753 -21.03 -1.66 9.21
CA LEU A 753 -21.24 -1.20 7.85
C LEU A 753 -20.75 -2.22 6.81
N ARG A 754 -20.74 -3.49 7.17
CA ARG A 754 -20.37 -4.56 6.25
C ARG A 754 -21.56 -4.93 5.35
N PRO A 755 -22.75 -5.13 5.89
CA PRO A 755 -23.90 -5.46 5.04
C PRO A 755 -24.25 -4.31 4.11
N VAL A 756 -24.84 -4.65 2.97
CA VAL A 756 -25.28 -3.63 2.02
C VAL A 756 -26.47 -2.87 2.59
N ASP A 757 -27.37 -3.56 3.30
CA ASP A 757 -28.59 -2.91 3.78
C ASP A 757 -28.27 -1.82 4.79
N ASN A 758 -27.26 -2.03 5.63
CA ASN A 758 -26.88 -0.98 6.58
C ASN A 758 -26.46 0.30 5.86
N ARG A 759 -25.64 0.17 4.82
CA ARG A 759 -25.21 1.35 4.08
C ARG A 759 -26.36 1.98 3.32
N GLN A 760 -27.30 1.16 2.83
CA GLN A 760 -28.50 1.73 2.21
C GLN A 760 -29.33 2.51 3.22
N SER A 761 -29.41 2.02 4.46
CA SER A 761 -30.10 2.77 5.51
C SER A 761 -29.38 4.07 5.80
N VAL A 762 -28.05 4.05 5.78
CA VAL A 762 -27.30 5.30 5.94
C VAL A 762 -27.64 6.27 4.83
N LEU A 763 -27.74 5.77 3.60
CA LEU A 763 -28.13 6.65 2.49
C LEU A 763 -29.52 7.22 2.69
N LYS A 764 -30.46 6.40 3.16
CA LYS A 764 -31.80 6.90 3.43
C LYS A 764 -31.78 7.97 4.52
N SER A 765 -30.97 7.77 5.55
CA SER A 765 -30.83 8.77 6.59
C SER A 765 -30.30 10.09 6.04
N ILE A 766 -29.30 10.02 5.16
CA ILE A 766 -28.78 11.23 4.55
C ILE A 766 -29.85 11.89 3.69
N GLN A 767 -30.64 11.09 2.98
CA GLN A 767 -31.73 11.65 2.19
C GLN A 767 -32.70 12.43 3.06
N GLU A 768 -33.11 11.84 4.19
CA GLU A 768 -34.04 12.52 5.07
C GLU A 768 -33.44 13.78 5.67
N VAL A 769 -32.19 13.71 6.13
CA VAL A 769 -31.54 14.88 6.71
C VAL A 769 -31.48 16.01 5.68
N GLN A 770 -31.10 15.68 4.45
CA GLN A 770 -31.03 16.69 3.41
C GLN A 770 -32.40 17.29 3.13
N LYS A 771 -33.44 16.45 3.09
CA LYS A 771 -34.78 16.98 2.87
C LYS A 771 -35.29 17.79 4.06
N ARG A 772 -34.67 17.65 5.22
CA ARG A 772 -35.05 18.42 6.39
C ARG A 772 -34.52 19.85 6.37
N PHE A 773 -33.62 20.17 5.44
CA PHE A 773 -33.03 21.51 5.32
C PHE A 773 -33.20 21.96 3.88
N PRO A 774 -34.39 22.39 3.49
CA PRO A 774 -34.64 22.68 2.07
C PRO A 774 -33.71 23.74 1.50
N ASP A 775 -33.15 24.63 2.32
CA ASP A 775 -32.24 25.66 1.83
C ASP A 775 -30.77 25.28 1.98
N GLY A 776 -30.47 24.06 2.42
CA GLY A 776 -29.09 23.60 2.48
C GLY A 776 -28.64 23.24 3.88
N ILE A 777 -27.79 22.22 3.98
CA ILE A 777 -27.29 21.77 5.29
C ILE A 777 -26.44 22.88 5.90
N PRO A 778 -26.48 23.08 7.21
CA PRO A 778 -25.56 24.06 7.82
C PRO A 778 -24.11 23.60 7.74
N LEU A 779 -23.22 24.57 7.70
CA LEU A 779 -21.77 24.33 7.67
C LEU A 779 -21.13 24.96 8.89
N LEU A 780 -20.11 24.30 9.42
CA LEU A 780 -19.38 24.86 10.55
C LEU A 780 -18.75 26.19 10.16
N ASP A 781 -18.93 27.19 11.02
CA ASP A 781 -18.37 28.51 10.76
C ASP A 781 -16.89 28.53 11.14
N PRO A 782 -15.98 28.80 10.22
CA PRO A 782 -14.55 28.65 10.56
C PRO A 782 -14.09 29.52 11.72
N ILE A 783 -14.62 30.75 11.83
CA ILE A 783 -14.06 31.70 12.77
C ILE A 783 -14.39 31.30 14.21
N ASP A 784 -15.63 30.92 14.47
CA ASP A 784 -16.10 30.72 15.84
C ASP A 784 -16.29 29.26 16.20
N ASP A 785 -17.03 28.48 15.40
CA ASP A 785 -17.27 27.09 15.75
C ASP A 785 -15.97 26.31 15.83
N MET A 786 -15.09 26.46 14.83
CA MET A 786 -13.80 25.79 14.87
C MET A 786 -12.95 26.31 16.02
N GLY A 787 -12.97 27.63 16.24
CA GLY A 787 -12.19 28.22 17.30
C GLY A 787 -10.81 28.64 16.86
N ILE A 788 -10.73 29.32 15.71
CA ILE A 788 -9.48 29.85 15.18
C ILE A 788 -9.51 31.36 15.34
N GLN A 789 -8.45 31.92 15.91
CA GLN A 789 -8.37 33.34 16.24
C GLN A 789 -7.11 33.95 15.65
N ASP A 790 -6.87 33.70 14.37
CA ASP A 790 -5.75 34.29 13.65
C ASP A 790 -6.25 35.42 12.77
N GLN A 791 -5.46 36.50 12.71
CA GLN A 791 -5.86 37.66 11.93
C GLN A 791 -6.10 37.30 10.47
N GLY A 792 -5.45 36.24 9.98
CA GLY A 792 -5.61 35.87 8.59
C GLY A 792 -7.05 35.60 8.22
N LEU A 793 -7.77 34.88 9.08
CA LEU A 793 -9.16 34.56 8.80
C LEU A 793 -10.02 35.83 8.74
N LYS A 794 -9.83 36.74 9.70
CA LYS A 794 -10.61 37.97 9.69
C LYS A 794 -10.33 38.78 8.44
N LYS A 795 -9.05 38.92 8.07
CA LYS A 795 -8.71 39.70 6.89
C LYS A 795 -9.28 39.07 5.63
N VAL A 796 -9.21 37.73 5.51
CA VAL A 796 -9.75 37.07 4.34
C VAL A 796 -11.26 37.24 4.27
N ILE A 797 -11.93 37.12 5.42
CA ILE A 797 -13.38 37.29 5.45
C ILE A 797 -13.75 38.71 5.03
N GLN A 798 -13.02 39.71 5.53
CA GLN A 798 -13.30 41.09 5.15
C GLN A 798 -13.11 41.29 3.66
N LYS A 799 -12.03 40.73 3.10
CA LYS A 799 -11.80 40.87 1.67
C LYS A 799 -12.90 40.21 0.87
N VAL A 800 -13.35 39.03 1.30
CA VAL A 800 -14.44 38.35 0.61
C VAL A 800 -15.71 39.19 0.68
N GLU A 801 -15.99 39.78 1.84
CA GLU A 801 -17.16 40.62 1.98
C GLU A 801 -17.09 41.81 1.02
N ALA A 802 -15.94 42.45 0.95
CA ALA A 802 -15.78 43.60 0.06
C ALA A 802 -16.00 43.17 -1.39
N PHE A 803 -15.40 42.05 -1.79
CA PHE A 803 -15.52 41.61 -3.18
C PHE A 803 -16.96 41.24 -3.51
N GLU A 804 -17.65 40.54 -2.61
CA GLU A 804 -19.04 40.16 -2.89
C GLU A 804 -19.95 41.39 -2.95
N HIS A 805 -19.72 42.36 -2.07
CA HIS A 805 -20.48 43.60 -2.15
C HIS A 805 -20.22 44.32 -3.47
N ARG A 806 -18.96 44.37 -3.90
CA ARG A 806 -18.64 44.99 -5.17
C ARG A 806 -19.34 44.27 -6.31
N MET A 807 -19.35 42.95 -6.29
CA MET A 807 -20.03 42.18 -7.33
C MET A 807 -21.53 42.49 -7.33
N TYR A 808 -22.16 42.43 -6.16
CA TYR A 808 -23.60 42.69 -6.10
C TYR A 808 -23.93 44.08 -6.61
N SER A 809 -23.15 45.09 -6.21
CA SER A 809 -23.37 46.44 -6.69
C SER A 809 -22.95 46.62 -8.14
N HIS A 810 -22.25 45.65 -8.72
CA HIS A 810 -21.77 45.79 -10.10
C HIS A 810 -22.96 45.82 -11.05
N PRO A 811 -23.01 46.75 -12.01
CA PRO A 811 -24.18 46.82 -12.90
C PRO A 811 -24.42 45.54 -13.69
N LEU A 812 -23.35 44.84 -14.09
CA LEU A 812 -23.52 43.61 -14.84
C LEU A 812 -24.08 42.48 -13.97
N HIS A 813 -23.58 42.36 -12.74
CA HIS A 813 -23.97 41.23 -11.90
C HIS A 813 -25.45 41.23 -11.62
N ASN A 814 -26.01 42.38 -11.26
CA ASN A 814 -27.44 42.44 -10.94
C ASN A 814 -28.28 42.07 -12.15
N ASP A 815 -27.77 42.21 -13.35
CA ASP A 815 -28.51 41.82 -14.54
C ASP A 815 -28.65 40.30 -14.57
N PRO A 816 -29.86 39.75 -14.54
CA PRO A 816 -29.99 38.29 -14.66
C PRO A 816 -29.77 37.84 -16.10
N ASN A 817 -29.70 36.52 -16.26
CA ASN A 817 -29.40 35.91 -17.56
C ASN A 817 -28.02 36.34 -18.05
N LEU A 818 -27.00 35.99 -17.27
CA LEU A 818 -25.62 36.29 -17.65
C LEU A 818 -24.70 35.10 -17.42
N GLU A 819 -25.23 33.88 -17.33
CA GLU A 819 -24.37 32.71 -17.21
C GLU A 819 -23.74 32.32 -18.53
N THR A 820 -24.45 32.55 -19.65
CA THR A 820 -23.90 32.21 -20.96
C THR A 820 -22.61 32.98 -21.23
N VAL A 821 -22.61 34.28 -20.95
CA VAL A 821 -21.42 35.08 -21.16
C VAL A 821 -20.29 34.59 -20.28
N TYR A 822 -20.61 34.17 -19.04
CA TYR A 822 -19.57 33.65 -18.17
C TYR A 822 -18.98 32.36 -18.74
N THR A 823 -19.83 31.47 -19.27
CA THR A 823 -19.31 30.24 -19.88
C THR A 823 -18.40 30.55 -21.05
N LEU A 824 -18.81 31.49 -21.91
CA LEU A 824 -17.96 31.88 -23.03
C LEU A 824 -16.63 32.46 -22.55
N CYS A 825 -16.67 33.29 -21.51
CA CYS A 825 -15.45 33.92 -21.02
C CYS A 825 -14.50 32.88 -20.43
N GLU A 826 -15.03 31.92 -19.66
CA GLU A 826 -14.15 30.90 -19.10
C GLU A 826 -13.59 30.00 -20.20
N LYS A 827 -14.39 29.71 -21.23
CA LYS A 827 -13.85 28.97 -22.38
C LYS A 827 -12.70 29.73 -23.02
N LYS A 828 -12.86 31.03 -23.20
CA LYS A 828 -11.80 31.84 -23.79
C LYS A 828 -10.56 31.84 -22.91
N ALA A 829 -10.74 31.88 -21.59
CA ALA A 829 -9.60 31.82 -20.68
C ALA A 829 -8.88 30.48 -20.81
N GLN A 830 -9.63 29.39 -20.92
CA GLN A 830 -9.00 28.08 -21.13
C GLN A 830 -8.20 28.07 -22.43
N ILE A 831 -8.77 28.65 -23.50
CA ILE A 831 -8.05 28.70 -24.77
C ILE A 831 -6.77 29.51 -24.62
N ALA A 832 -6.82 30.61 -23.87
CA ALA A 832 -5.63 31.42 -23.65
C ALA A 832 -4.57 30.63 -22.91
N ILE A 833 -4.98 29.85 -21.90
CA ILE A 833 -4.01 29.04 -21.17
C ILE A 833 -3.39 28.01 -22.10
N ASP A 834 -4.20 27.36 -22.93
CA ASP A 834 -3.65 26.39 -23.88
C ASP A 834 -2.66 27.05 -24.83
N ILE A 835 -2.99 28.24 -25.32
CA ILE A 835 -2.08 28.92 -26.24
C ILE A 835 -0.78 29.25 -25.54
N LYS A 836 -0.84 29.71 -24.29
CA LYS A 836 0.39 30.00 -23.56
C LYS A 836 1.24 28.74 -23.40
N SER A 837 0.60 27.62 -23.04
CA SER A 837 1.34 26.38 -22.85
C SER A 837 2.02 25.95 -24.14
N ALA A 838 1.28 25.98 -25.24
CA ALA A 838 1.84 25.55 -26.52
C ALA A 838 2.95 26.49 -26.97
N LYS A 839 2.79 27.80 -26.70
CA LYS A 839 3.83 28.75 -27.08
C LYS A 839 5.13 28.48 -26.33
N ARG A 840 5.02 28.24 -25.02
CA ARG A 840 6.24 27.94 -24.27
C ARG A 840 6.85 26.62 -24.74
N GLU A 841 5.99 25.63 -25.05
CA GLU A 841 6.51 24.37 -25.58
C GLU A 841 7.29 24.60 -26.87
N LEU A 842 6.71 25.36 -27.79
CA LEU A 842 7.37 25.58 -29.08
C LEU A 842 8.67 26.35 -28.91
N LYS A 843 8.69 27.34 -28.02
CA LYS A 843 9.90 28.13 -27.82
C LYS A 843 10.98 27.34 -27.08
N LYS A 844 10.60 26.35 -26.29
CA LYS A 844 11.57 25.52 -25.60
C LYS A 844 12.05 24.36 -26.47
N ALA A 845 11.26 23.96 -27.46
CA ALA A 845 11.55 22.77 -28.26
C ALA A 845 12.33 23.08 -29.53
N ARG A 846 13.15 24.13 -29.53
CA ARG A 846 13.95 24.46 -30.70
C ARG A 846 15.43 24.62 -30.35
N THR A 847 15.86 24.04 -29.24
CA THR A 847 17.26 24.07 -28.85
C THR A 847 17.66 22.71 -28.29
N VAL A 848 18.95 22.43 -28.31
CA VAL A 848 19.45 21.14 -27.82
C VAL A 848 18.97 20.92 -26.40
N LEU A 849 18.51 19.70 -26.12
CA LEU A 849 17.87 19.37 -24.86
C LEU A 849 18.84 18.97 -23.77
N GLN A 850 20.14 18.91 -24.06
CA GLN A 850 21.10 18.41 -23.08
C GLN A 850 22.40 19.20 -23.06
N MET A 851 22.43 20.41 -23.65
CA MET A 851 23.66 21.19 -23.62
C MET A 851 24.08 21.55 -22.21
N ASP A 852 23.10 21.79 -21.32
CA ASP A 852 23.43 22.07 -19.93
C ASP A 852 24.16 20.90 -19.28
N GLU A 853 23.68 19.67 -19.54
CA GLU A 853 24.37 18.50 -19.02
C GLU A 853 25.80 18.43 -19.52
N LEU A 854 26.01 18.67 -20.81
CA LEU A 854 27.35 18.61 -21.38
C LEU A 854 28.25 19.67 -20.76
N LYS A 855 27.74 20.89 -20.58
CA LYS A 855 28.55 21.95 -20.00
C LYS A 855 28.93 21.63 -18.57
N CYS A 856 27.98 21.08 -17.79
CA CYS A 856 28.30 20.69 -16.43
C CYS A 856 29.37 19.61 -16.40
N ARG A 857 29.25 18.61 -17.30
CA ARG A 857 30.25 17.56 -17.35
C ARG A 857 31.62 18.12 -17.70
N LYS A 858 31.69 19.03 -18.67
CA LYS A 858 32.97 19.62 -19.04
C LYS A 858 33.55 20.43 -17.90
N ARG A 859 32.71 21.17 -17.18
CA ARG A 859 33.19 21.92 -16.01
C ARG A 859 33.80 20.98 -14.99
N VAL A 860 33.11 19.88 -14.68
CA VAL A 860 33.64 18.91 -13.72
C VAL A 860 34.97 18.37 -14.21
N LEU A 861 35.06 18.02 -15.48
CA LEU A 861 36.29 17.45 -16.01
C LEU A 861 37.45 18.44 -15.88
N ARG A 862 37.21 19.70 -16.21
CA ARG A 862 38.32 20.66 -16.21
C ARG A 862 38.72 21.10 -14.81
N ARG A 863 37.77 21.17 -13.88
CA ARG A 863 38.14 21.54 -12.51
C ARG A 863 38.93 20.45 -11.82
N LEU A 864 38.58 19.18 -12.06
CA LEU A 864 39.30 18.08 -11.41
C LEU A 864 40.76 18.05 -11.86
N GLY A 865 41.01 18.26 -13.14
CA GLY A 865 42.36 18.24 -13.66
C GLY A 865 42.51 17.41 -14.91
N PHE A 866 41.37 17.00 -15.50
CA PHE A 866 41.41 16.19 -16.70
C PHE A 866 41.61 17.04 -17.95
N ALA A 867 40.65 17.91 -18.24
CA ALA A 867 40.72 18.77 -19.41
C ALA A 867 41.61 19.98 -19.11
N THR A 868 41.57 20.97 -20.00
CA THR A 868 42.33 22.20 -19.79
C THR A 868 41.42 23.40 -20.07
N SER A 869 42.00 24.61 -20.10
CA SER A 869 41.18 25.80 -20.28
C SER A 869 40.42 25.77 -21.60
N SER A 870 41.08 25.37 -22.68
CA SER A 870 40.49 25.37 -24.02
C SER A 870 40.09 23.98 -24.49
N ASP A 871 39.69 23.11 -23.57
CA ASP A 871 39.22 21.76 -23.91
C ASP A 871 40.33 20.95 -24.59
N VAL A 872 41.46 20.86 -23.90
CA VAL A 872 42.59 20.04 -24.33
C VAL A 872 42.77 18.94 -23.29
N ILE A 873 42.81 17.69 -23.76
CA ILE A 873 42.88 16.55 -22.85
C ILE A 873 44.34 16.33 -22.45
N GLU A 874 44.62 16.43 -21.17
CA GLU A 874 45.96 16.23 -20.65
C GLU A 874 46.16 14.75 -20.33
N MET A 875 47.24 14.42 -19.62
CA MET A 875 47.56 13.01 -19.40
C MET A 875 46.46 12.29 -18.63
N LYS A 876 45.91 12.94 -17.60
CA LYS A 876 44.90 12.29 -16.78
C LYS A 876 43.68 11.89 -17.61
N GLY A 877 43.18 12.81 -18.43
CA GLY A 877 42.04 12.48 -19.28
C GLY A 877 42.37 11.37 -20.26
N ARG A 878 43.54 11.44 -20.87
CA ARG A 878 43.94 10.40 -21.82
C ARG A 878 43.95 9.03 -21.16
N VAL A 879 44.50 8.94 -19.94
CA VAL A 879 44.51 7.67 -19.23
C VAL A 879 43.09 7.24 -18.89
N ALA A 880 42.26 8.16 -18.40
CA ALA A 880 40.90 7.80 -18.04
C ALA A 880 40.04 7.45 -19.25
N CYS A 881 40.52 7.71 -20.47
CA CYS A 881 39.77 7.28 -21.64
C CYS A 881 39.62 5.77 -21.68
N GLU A 882 40.68 5.03 -21.32
CA GLU A 882 40.69 3.58 -21.50
C GLU A 882 39.65 2.91 -20.61
N ILE A 883 39.67 3.23 -19.31
CA ILE A 883 38.83 2.53 -18.34
C ILE A 883 37.37 2.79 -18.69
N SER A 884 36.66 1.73 -19.09
CA SER A 884 35.31 1.86 -19.61
C SER A 884 34.26 1.21 -18.70
N SER A 885 34.42 -0.07 -18.38
CA SER A 885 33.37 -0.78 -17.65
C SER A 885 33.13 -0.19 -16.27
N ALA A 886 34.21 0.13 -15.56
CA ALA A 886 34.09 0.67 -14.21
C ALA A 886 33.80 2.17 -14.27
N ASP A 887 33.94 2.86 -13.14
CA ASP A 887 33.84 4.31 -13.09
C ASP A 887 35.21 4.90 -13.41
N GLU A 888 35.23 5.91 -14.28
CA GLU A 888 36.47 6.39 -14.88
C GLU A 888 37.14 7.45 -14.02
N LEU A 889 36.40 8.51 -13.66
CA LEU A 889 36.98 9.61 -12.90
C LEU A 889 37.56 9.11 -11.58
N LEU A 890 36.75 8.36 -10.82
CA LEU A 890 37.19 7.93 -9.50
C LEU A 890 38.40 7.01 -9.59
N LEU A 891 38.38 6.05 -10.51
CA LEU A 891 39.50 5.13 -10.63
C LEU A 891 40.77 5.85 -11.04
N THR A 892 40.66 6.75 -12.02
CA THR A 892 41.86 7.48 -12.45
C THR A 892 42.40 8.35 -11.32
N GLU A 893 41.51 9.01 -10.57
CA GLU A 893 41.96 9.84 -9.47
C GLU A 893 42.64 9.01 -8.39
N MET A 894 42.05 7.86 -8.06
CA MET A 894 42.65 7.00 -7.03
C MET A 894 44.02 6.51 -7.48
N MET A 895 44.13 6.07 -8.73
CA MET A 895 45.42 5.57 -9.22
C MET A 895 46.46 6.68 -9.22
N PHE A 896 46.08 7.89 -9.64
CA PHE A 896 47.05 8.98 -9.72
C PHE A 896 47.59 9.36 -8.35
N ASN A 897 46.70 9.44 -7.34
CA ASN A 897 47.14 9.88 -6.03
C ASN A 897 48.20 8.95 -5.45
N GLY A 898 47.98 7.64 -5.58
CA GLY A 898 48.88 6.66 -5.00
C GLY A 898 48.16 5.76 -4.00
N LEU A 899 46.86 5.60 -4.19
CA LEU A 899 46.10 4.69 -3.33
C LEU A 899 46.54 3.25 -3.57
N PHE A 900 46.57 2.82 -4.83
CA PHE A 900 46.94 1.44 -5.15
C PHE A 900 48.42 1.18 -4.94
N ASN A 901 49.23 2.21 -4.70
CA ASN A 901 50.66 2.00 -4.53
C ASN A 901 51.01 1.29 -3.23
N ASP A 902 50.06 1.13 -2.32
CA ASP A 902 50.30 0.49 -1.03
C ASP A 902 49.61 -0.85 -0.88
N LEU A 903 48.44 -1.03 -1.48
CA LEU A 903 47.71 -2.28 -1.36
C LEU A 903 48.46 -3.41 -2.07
N SER A 904 48.17 -4.64 -1.65
CA SER A 904 48.76 -5.82 -2.26
C SER A 904 47.87 -6.33 -3.39
N ALA A 905 48.37 -7.33 -4.12
CA ALA A 905 47.64 -7.83 -5.28
C ALA A 905 46.26 -8.32 -4.89
N GLU A 906 46.18 -9.17 -3.86
CA GLU A 906 44.89 -9.68 -3.43
C GLU A 906 44.03 -8.56 -2.86
N GLN A 907 44.61 -7.67 -2.05
CA GLN A 907 43.87 -6.53 -1.55
C GLN A 907 43.41 -5.64 -2.70
N ALA A 908 44.27 -5.44 -3.70
CA ALA A 908 43.91 -4.61 -4.85
C ALA A 908 42.71 -5.19 -5.59
N THR A 909 42.74 -6.50 -5.85
CA THR A 909 41.60 -7.13 -6.53
C THR A 909 40.35 -7.03 -5.68
N ALA A 910 40.46 -7.28 -4.38
CA ALA A 910 39.31 -7.16 -3.50
C ALA A 910 38.71 -5.77 -3.61
N LEU A 911 39.55 -4.74 -3.48
CA LEU A 911 39.05 -3.37 -3.52
C LEU A 911 38.40 -3.06 -4.86
N LEU A 912 39.04 -3.48 -5.97
CA LEU A 912 38.43 -3.28 -7.27
C LEU A 912 37.08 -3.97 -7.36
N SER A 913 36.87 -5.01 -6.58
CA SER A 913 35.57 -5.67 -6.57
C SER A 913 34.45 -4.74 -6.11
N CYS A 914 34.77 -3.54 -5.62
CA CYS A 914 33.73 -2.62 -5.16
C CYS A 914 32.97 -1.96 -6.30
N PHE A 915 33.61 -1.74 -7.44
CA PHE A 915 33.01 -0.98 -8.52
C PHE A 915 32.13 -1.81 -9.44
N VAL A 916 32.16 -3.14 -9.34
CA VAL A 916 31.55 -4.01 -10.33
C VAL A 916 30.29 -4.71 -9.83
N PHE A 917 29.93 -4.57 -8.56
CA PHE A 917 28.75 -5.21 -8.01
C PHE A 917 27.57 -4.24 -8.05
N GLN A 918 26.47 -4.67 -8.64
CA GLN A 918 25.29 -3.83 -8.82
C GLN A 918 24.00 -4.61 -8.52
N GLU A 919 24.00 -5.39 -7.45
CA GLU A 919 22.85 -6.21 -7.07
C GLU A 919 22.40 -5.87 -5.67
N ASN A 920 21.08 -5.80 -5.47
CA ASN A 920 20.53 -5.53 -4.16
C ASN A 920 20.84 -6.68 -3.20
N SER A 921 21.10 -6.35 -1.94
CA SER A 921 21.48 -7.36 -0.96
C SER A 921 21.23 -6.81 0.43
N SER A 922 20.40 -7.50 1.21
CA SER A 922 20.13 -7.07 2.58
C SER A 922 21.29 -7.40 3.51
N GLU A 923 22.07 -8.44 3.21
CA GLU A 923 23.19 -8.79 4.06
C GLU A 923 24.28 -7.72 3.96
N MET A 924 25.18 -7.73 4.93
CA MET A 924 26.22 -6.73 5.04
C MET A 924 27.54 -7.43 5.38
N PRO A 925 28.66 -6.78 5.13
CA PRO A 925 29.97 -7.43 5.34
C PRO A 925 30.42 -7.31 6.78
N LYS A 926 31.55 -7.96 7.07
CA LYS A 926 32.24 -7.92 8.35
C LYS A 926 33.72 -7.70 8.13
N LEU A 927 34.05 -6.72 7.29
CA LEU A 927 35.41 -6.59 6.77
C LEU A 927 36.42 -6.49 7.90
N THR A 928 37.53 -7.20 7.73
CA THR A 928 38.57 -7.26 8.75
C THR A 928 39.51 -6.07 8.61
N GLU A 929 40.67 -6.15 9.26
CA GLU A 929 41.66 -5.09 9.26
C GLU A 929 42.60 -5.16 8.06
N GLN A 930 42.19 -5.81 6.97
CA GLN A 930 42.96 -5.85 5.74
C GLN A 930 42.17 -5.46 4.50
N LEU A 931 40.84 -5.57 4.53
CA LEU A 931 40.00 -5.11 3.45
C LEU A 931 39.16 -3.90 3.81
N ALA A 932 38.97 -3.62 5.10
CA ALA A 932 38.16 -2.48 5.51
C ALA A 932 38.92 -1.17 5.38
N GLY A 933 40.22 -1.18 5.66
CA GLY A 933 41.02 0.02 5.65
C GLY A 933 40.89 0.81 4.37
N PRO A 934 41.37 0.25 3.26
CA PRO A 934 41.31 0.98 1.99
C PRO A 934 39.89 1.35 1.57
N LEU A 935 38.87 0.64 2.05
CA LEU A 935 37.51 1.01 1.69
C LEU A 935 37.17 2.41 2.19
N ARG A 936 37.67 2.78 3.37
CA ARG A 936 37.43 4.13 3.88
C ARG A 936 38.06 5.18 2.97
N GLN A 937 39.29 4.94 2.51
CA GLN A 937 39.94 5.88 1.61
C GLN A 937 39.18 5.98 0.29
N MET A 938 38.72 4.85 -0.24
CA MET A 938 37.93 4.90 -1.47
C MET A 938 36.68 5.73 -1.27
N GLN A 939 35.99 5.54 -0.14
CA GLN A 939 34.79 6.32 0.12
C GLN A 939 35.11 7.80 0.27
N GLU A 940 36.26 8.12 0.86
CA GLU A 940 36.66 9.51 1.00
C GLU A 940 36.87 10.16 -0.37
N CYS A 941 37.58 9.47 -1.27
CA CYS A 941 37.78 10.01 -2.61
C CYS A 941 36.45 10.15 -3.34
N ALA A 942 35.55 9.18 -3.15
CA ALA A 942 34.22 9.30 -3.75
C ALA A 942 33.50 10.53 -3.24
N LYS A 943 33.62 10.81 -1.94
CA LYS A 943 32.98 12.00 -1.38
C LYS A 943 33.55 13.27 -2.01
N ARG A 944 34.88 13.33 -2.16
CA ARG A 944 35.48 14.51 -2.78
C ARG A 944 34.95 14.71 -4.19
N ILE A 945 34.92 13.64 -4.98
CA ILE A 945 34.45 13.75 -6.36
C ILE A 945 32.98 14.16 -6.40
N ALA A 946 32.16 13.58 -5.51
CA ALA A 946 30.75 13.92 -5.47
C ALA A 946 30.54 15.38 -5.12
N LYS A 947 31.31 15.89 -4.16
CA LYS A 947 31.19 17.31 -3.81
C LYS A 947 31.60 18.20 -4.98
N VAL A 948 32.71 17.87 -5.64
CA VAL A 948 33.13 18.68 -6.78
C VAL A 948 32.06 18.69 -7.86
N SER A 949 31.46 17.54 -8.13
CA SER A 949 30.39 17.48 -9.12
C SER A 949 29.17 18.27 -8.67
N ALA A 950 28.83 18.19 -7.38
CA ALA A 950 27.62 18.85 -6.89
C ALA A 950 27.76 20.36 -6.94
N GLU A 951 28.93 20.90 -6.61
CA GLU A 951 29.09 22.34 -6.64
C GLU A 951 29.11 22.90 -8.05
N ALA A 952 29.17 22.05 -9.08
CA ALA A 952 29.10 22.48 -10.46
C ALA A 952 27.67 22.48 -11.00
N LYS A 953 26.68 22.64 -10.12
CA LYS A 953 25.28 22.74 -10.52
C LYS A 953 24.82 21.48 -11.25
N LEU A 954 25.36 20.33 -10.87
CA LEU A 954 25.00 19.05 -11.45
C LEU A 954 24.19 18.25 -10.42
N GLU A 955 23.04 17.74 -10.86
CA GLU A 955 22.09 17.10 -9.96
C GLU A 955 22.64 15.73 -9.54
N ILE A 956 23.50 15.75 -8.53
CA ILE A 956 24.12 14.54 -7.98
C ILE A 956 23.89 14.54 -6.48
N ASP A 957 23.35 13.43 -5.97
CA ASP A 957 23.13 13.25 -4.54
C ASP A 957 24.25 12.37 -3.99
N GLU A 958 25.03 12.92 -3.05
CA GLU A 958 26.23 12.21 -2.60
C GLU A 958 25.89 10.91 -1.91
N GLU A 959 24.79 10.88 -1.14
CA GLU A 959 24.41 9.65 -0.45
C GLU A 959 24.18 8.52 -1.45
N THR A 960 23.33 8.76 -2.45
CA THR A 960 23.05 7.72 -3.43
C THR A 960 24.29 7.39 -4.25
N TYR A 961 25.08 8.40 -4.61
CA TYR A 961 26.27 8.15 -5.40
C TYR A 961 27.24 7.23 -4.65
N LEU A 962 27.46 7.48 -3.37
CA LEU A 962 28.40 6.67 -2.60
C LEU A 962 27.77 5.38 -2.09
N SER A 963 26.45 5.24 -2.17
CA SER A 963 25.81 3.99 -1.78
C SER A 963 25.81 2.96 -2.89
N SER A 964 26.33 3.29 -4.07
CA SER A 964 26.37 2.37 -5.19
C SER A 964 27.66 1.58 -5.27
N PHE A 965 28.62 1.83 -4.39
CA PHE A 965 29.88 1.09 -4.36
C PHE A 965 29.80 0.00 -3.29
N LYS A 966 28.99 -1.00 -3.57
CA LYS A 966 28.69 -2.02 -2.58
C LYS A 966 29.91 -2.89 -2.33
N PRO A 967 30.45 -2.93 -1.10
CA PRO A 967 31.63 -3.76 -0.83
C PRO A 967 31.28 -5.17 -0.38
N HIS A 968 30.04 -5.60 -0.61
CA HIS A 968 29.56 -6.84 -0.01
C HIS A 968 30.40 -8.05 -0.40
N LEU A 969 31.13 -7.98 -1.51
CA LEU A 969 31.89 -9.11 -2.02
C LEU A 969 33.38 -8.98 -1.81
N MET A 970 33.85 -8.01 -1.03
CA MET A 970 35.28 -7.85 -0.84
C MET A 970 35.88 -9.08 -0.16
N ASP A 971 35.23 -9.57 0.90
CA ASP A 971 35.76 -10.73 1.61
C ASP A 971 35.72 -11.98 0.74
N VAL A 972 34.61 -12.18 0.00
CA VAL A 972 34.51 -13.34 -0.88
C VAL A 972 35.65 -13.35 -1.88
N VAL A 973 35.89 -12.21 -2.52
CA VAL A 973 36.91 -12.15 -3.56
C VAL A 973 38.31 -12.31 -2.97
N TYR A 974 38.56 -11.72 -1.80
CA TYR A 974 39.87 -11.89 -1.19
C TYR A 974 40.12 -13.34 -0.81
N THR A 975 39.09 -14.02 -0.28
CA THR A 975 39.24 -15.43 0.05
C THR A 975 39.46 -16.27 -1.20
N TRP A 976 38.73 -15.97 -2.28
CA TRP A 976 38.82 -16.75 -3.50
C TRP A 976 40.09 -16.47 -4.30
N ALA A 977 40.75 -15.34 -4.05
CA ALA A 977 41.98 -14.99 -4.75
C ALA A 977 43.22 -15.36 -3.95
N THR A 978 43.16 -16.44 -3.18
CA THR A 978 44.33 -16.88 -2.43
C THR A 978 44.47 -18.40 -2.41
N GLY A 979 43.81 -19.11 -3.30
CA GLY A 979 43.87 -20.56 -3.29
C GLY A 979 42.74 -21.19 -2.48
N ALA A 980 41.50 -20.83 -2.81
CA ALA A 980 40.34 -21.37 -2.12
C ALA A 980 39.39 -21.97 -3.14
N THR A 981 38.62 -22.96 -2.70
CA THR A 981 37.69 -23.65 -3.57
C THR A 981 36.54 -22.72 -3.95
N PHE A 982 35.60 -23.23 -4.74
CA PHE A 982 34.43 -22.44 -5.08
C PHE A 982 33.27 -22.68 -4.14
N ALA A 983 33.09 -23.91 -3.64
CA ALA A 983 32.07 -24.15 -2.63
C ALA A 983 32.37 -23.37 -1.37
N HIS A 984 33.64 -23.33 -0.97
CA HIS A 984 34.03 -22.62 0.24
C HIS A 984 33.54 -21.18 0.21
N ILE A 985 33.85 -20.46 -0.87
CA ILE A 985 33.42 -19.06 -0.95
C ILE A 985 31.91 -18.99 -1.15
N CYS A 986 31.35 -19.90 -1.94
CA CYS A 986 29.90 -19.88 -2.16
C CYS A 986 29.14 -20.01 -0.86
N LYS A 987 29.76 -20.59 0.18
CA LYS A 987 29.16 -20.65 1.50
C LYS A 987 29.39 -19.40 2.33
N MET A 988 30.13 -18.42 1.81
CA MET A 988 30.43 -17.19 2.55
C MET A 988 29.47 -16.06 2.22
N THR A 989 28.43 -16.31 1.44
CA THR A 989 27.51 -15.25 1.05
C THR A 989 26.10 -15.84 0.92
N ASP A 990 25.16 -15.00 0.51
CA ASP A 990 23.79 -15.40 0.31
C ASP A 990 23.30 -15.21 -1.11
N VAL A 991 24.02 -14.44 -1.93
CA VAL A 991 23.63 -14.28 -3.33
C VAL A 991 23.94 -15.54 -4.10
N PHE A 992 23.21 -15.72 -5.20
CA PHE A 992 23.39 -16.91 -6.02
C PHE A 992 24.85 -17.02 -6.49
N GLU A 993 25.20 -18.20 -7.01
CA GLU A 993 26.54 -18.40 -7.54
C GLU A 993 26.72 -17.76 -8.91
N GLY A 994 25.65 -17.67 -9.70
CA GLY A 994 25.73 -17.01 -10.99
C GLY A 994 26.18 -15.57 -10.85
N SER A 995 25.67 -14.87 -9.84
CA SER A 995 26.06 -13.48 -9.62
C SER A 995 27.53 -13.37 -9.23
N ILE A 996 28.02 -14.30 -8.40
CA ILE A 996 29.43 -14.27 -8.05
C ILE A 996 30.29 -14.49 -9.29
N ILE A 997 29.89 -15.43 -10.15
CA ILE A 997 30.67 -15.68 -11.37
C ILE A 997 30.66 -14.45 -12.27
N ARG A 998 29.50 -13.82 -12.43
CA ARG A 998 29.41 -12.63 -13.27
C ARG A 998 30.30 -11.52 -12.74
N CYS A 999 30.25 -11.29 -11.42
CA CYS A 999 31.11 -10.27 -10.84
C CYS A 999 32.58 -10.60 -11.04
N MET A 1000 32.96 -11.87 -10.92
CA MET A 1000 34.37 -12.21 -11.10
C MET A 1000 34.82 -12.02 -12.53
N ARG A 1001 33.97 -12.35 -13.51
CA ARG A 1001 34.32 -12.11 -14.90
C ARG A 1001 34.50 -10.62 -15.17
N ARG A 1002 33.56 -9.81 -14.67
CA ARG A 1002 33.67 -8.36 -14.87
C ARG A 1002 34.92 -7.80 -14.20
N LEU A 1003 35.23 -8.29 -12.99
CA LEU A 1003 36.45 -7.84 -12.33
C LEU A 1003 37.69 -8.24 -13.12
N GLU A 1004 37.67 -9.42 -13.74
CA GLU A 1004 38.81 -9.81 -14.56
C GLU A 1004 39.01 -8.84 -15.72
N GLU A 1005 37.95 -8.56 -16.47
CA GLU A 1005 38.09 -7.65 -17.60
C GLU A 1005 38.51 -6.25 -17.13
N LEU A 1006 37.91 -5.77 -16.04
CA LEU A 1006 38.25 -4.46 -15.52
C LEU A 1006 39.72 -4.40 -15.09
N LEU A 1007 40.22 -5.48 -14.50
CA LEU A 1007 41.62 -5.49 -14.10
C LEU A 1007 42.53 -5.52 -15.31
N ARG A 1008 42.10 -6.16 -16.41
CA ARG A 1008 42.87 -6.07 -17.64
C ARG A 1008 42.98 -4.61 -18.11
N GLN A 1009 41.84 -3.92 -18.17
CA GLN A 1009 41.87 -2.52 -18.59
C GLN A 1009 42.71 -1.68 -17.65
N MET A 1010 42.61 -1.92 -16.35
CA MET A 1010 43.41 -1.19 -15.38
C MET A 1010 44.90 -1.42 -15.61
N CYS A 1011 45.27 -2.66 -15.95
CA CYS A 1011 46.67 -2.93 -16.26
C CYS A 1011 47.12 -2.11 -17.45
N GLN A 1012 46.30 -2.03 -18.50
CA GLN A 1012 46.68 -1.23 -19.66
C GLN A 1012 46.81 0.24 -19.28
N ALA A 1013 45.91 0.76 -18.45
CA ALA A 1013 45.97 2.16 -18.06
C ALA A 1013 47.23 2.44 -17.25
N ALA A 1014 47.53 1.59 -16.27
CA ALA A 1014 48.75 1.78 -15.49
C ALA A 1014 49.98 1.69 -16.36
N LYS A 1015 49.92 0.89 -17.44
CA LYS A 1015 51.01 0.91 -18.40
C LYS A 1015 51.10 2.26 -19.10
N ALA A 1016 49.95 2.81 -19.48
CA ALA A 1016 49.95 4.09 -20.19
C ALA A 1016 50.54 5.21 -19.33
N ILE A 1017 50.20 5.22 -18.04
CA ILE A 1017 50.69 6.29 -17.16
C ILE A 1017 52.21 6.37 -17.19
N GLY A 1018 52.88 5.28 -17.54
CA GLY A 1018 54.33 5.21 -17.46
C GLY A 1018 54.86 4.57 -16.19
N ASN A 1019 53.99 3.99 -15.37
CA ASN A 1019 54.38 3.31 -14.14
C ASN A 1019 54.21 1.81 -14.33
N THR A 1020 55.25 1.05 -14.01
CA THR A 1020 55.25 -0.39 -14.26
C THR A 1020 54.88 -1.22 -13.02
N GLU A 1021 55.15 -0.71 -11.82
CA GLU A 1021 54.87 -1.50 -10.62
C GLU A 1021 53.39 -1.83 -10.51
N LEU A 1022 52.51 -0.84 -10.75
CA LEU A 1022 51.09 -1.12 -10.74
C LEU A 1022 50.72 -2.11 -11.84
N GLU A 1023 51.44 -2.10 -12.96
CA GLU A 1023 51.21 -3.13 -13.97
C GLU A 1023 51.47 -4.52 -13.40
N ASN A 1024 52.58 -4.67 -12.67
CA ASN A 1024 52.87 -5.95 -12.03
C ASN A 1024 51.77 -6.33 -11.04
N LYS A 1025 51.30 -5.36 -10.25
CA LYS A 1025 50.28 -5.65 -9.25
C LYS A 1025 49.00 -6.16 -9.91
N PHE A 1026 48.55 -5.47 -10.95
CA PHE A 1026 47.34 -5.90 -11.64
C PHE A 1026 47.55 -7.24 -12.35
N ALA A 1027 48.75 -7.48 -12.87
CA ALA A 1027 49.04 -8.78 -13.47
C ALA A 1027 48.95 -9.90 -12.44
N GLU A 1028 49.48 -9.67 -11.24
CA GLU A 1028 49.36 -10.67 -10.18
C GLU A 1028 47.90 -10.92 -9.85
N GLY A 1029 47.11 -9.85 -9.74
CA GLY A 1029 45.69 -10.05 -9.46
C GLY A 1029 45.00 -10.91 -10.50
N ILE A 1030 45.26 -10.63 -11.78
CA ILE A 1030 44.57 -11.38 -12.83
C ILE A 1030 45.15 -12.77 -12.98
N THR A 1031 46.38 -13.01 -12.51
CA THR A 1031 46.90 -14.36 -12.46
C THR A 1031 46.21 -15.17 -11.37
N LYS A 1032 45.98 -14.55 -10.21
CA LYS A 1032 45.44 -15.27 -9.06
C LYS A 1032 43.92 -15.35 -9.02
N ILE A 1033 43.20 -14.65 -9.89
CA ILE A 1033 41.74 -14.67 -9.83
C ILE A 1033 41.11 -15.39 -11.03
N LYS A 1034 41.87 -16.21 -11.76
CA LYS A 1034 41.30 -16.92 -12.91
C LYS A 1034 41.85 -18.35 -12.98
N ARG A 1035 41.20 -19.28 -12.28
CA ARG A 1035 41.56 -20.69 -12.40
C ARG A 1035 40.39 -21.61 -12.78
N ASP A 1036 39.35 -21.61 -11.96
CA ASP A 1036 38.37 -22.69 -11.91
C ASP A 1036 37.06 -22.31 -12.61
N ILE A 1037 36.03 -23.12 -12.38
CA ILE A 1037 34.75 -23.08 -13.10
C ILE A 1037 34.28 -21.66 -13.37
N VAL A 1038 34.58 -20.72 -12.46
CA VAL A 1038 34.16 -19.34 -12.67
C VAL A 1038 34.51 -18.86 -14.07
N PHE A 1039 35.57 -19.40 -14.65
CA PHE A 1039 36.00 -19.07 -16.01
C PHE A 1039 36.04 -20.31 -16.88
N ALA A 1040 35.04 -21.18 -16.73
CA ALA A 1040 34.97 -22.39 -17.55
C ALA A 1040 34.54 -22.03 -18.96
N ALA A 1041 35.40 -22.31 -19.93
CA ALA A 1041 35.13 -21.93 -21.31
C ALA A 1041 33.79 -22.51 -21.76
N SER A 1042 33.01 -21.70 -22.46
CA SER A 1042 31.69 -22.13 -22.89
C SER A 1042 31.79 -23.39 -23.74
N LEU A 1043 30.74 -24.19 -23.70
CA LEU A 1043 30.64 -25.40 -24.51
C LEU A 1043 29.86 -25.18 -25.80
N TYR A 1044 29.46 -23.94 -26.09
CA TYR A 1044 28.86 -23.60 -27.37
C TYR A 1044 29.91 -23.24 -28.42
N LEU A 1045 31.17 -23.18 -28.06
CA LEU A 1045 32.23 -22.82 -28.99
C LEU A 1045 32.96 -24.06 -29.47
N GLU B 69 -33.42 44.12 24.74
CA GLU B 69 -32.48 43.22 24.09
C GLU B 69 -31.53 42.60 25.09
N ASN B 70 -30.60 43.42 25.60
CA ASN B 70 -29.58 42.90 26.50
C ASN B 70 -30.19 42.18 27.69
N GLN B 71 -31.37 42.60 28.14
CA GLN B 71 -32.02 41.91 29.25
C GLN B 71 -32.24 40.43 28.91
N GLU B 72 -32.90 40.16 27.78
CA GLU B 72 -33.18 38.78 27.40
C GLU B 72 -31.91 38.05 26.97
N LEU B 73 -30.97 38.75 26.34
CA LEU B 73 -29.72 38.11 25.96
C LEU B 73 -28.97 37.62 27.20
N LYS B 74 -28.94 38.43 28.26
CA LYS B 74 -28.27 38.01 29.48
C LYS B 74 -29.09 36.98 30.25
N ARG B 75 -30.41 37.01 30.13
CA ARG B 75 -31.22 35.92 30.68
C ARG B 75 -30.83 34.61 30.05
N LYS B 76 -30.66 34.60 28.72
CA LYS B 76 -30.20 33.39 28.04
C LYS B 76 -28.77 33.03 28.44
N LEU B 77 -27.90 34.03 28.57
CA LEU B 77 -26.49 33.75 28.81
C LEU B 77 -26.20 33.34 30.25
N ASN B 78 -27.10 33.63 31.20
CA ASN B 78 -26.88 33.17 32.56
C ASN B 78 -27.04 31.66 32.70
N ILE B 79 -27.61 31.00 31.70
CA ILE B 79 -27.70 29.54 31.70
C ILE B 79 -26.31 28.93 31.88
N LEU B 80 -25.28 29.61 31.40
CA LEU B 80 -23.91 29.13 31.50
C LEU B 80 -23.15 29.79 32.64
N THR B 81 -23.84 30.44 33.57
CA THR B 81 -23.20 31.18 34.65
C THR B 81 -23.05 30.27 35.86
N ARG B 82 -21.80 29.96 36.21
CA ARG B 82 -21.52 29.14 37.39
C ARG B 82 -21.20 30.04 38.57
N PRO B 83 -21.91 29.95 39.69
CA PRO B 83 -21.62 30.86 40.81
C PRO B 83 -20.20 30.69 41.31
N SER B 84 -19.62 31.81 41.74
CA SER B 84 -18.25 31.82 42.22
C SER B 84 -18.20 31.54 43.72
N GLY B 85 -17.06 31.00 44.16
CA GLY B 85 -16.86 30.62 45.55
C GLY B 85 -16.79 29.12 45.78
N ILE B 86 -16.89 28.30 44.74
CA ILE B 86 -16.93 26.85 44.88
C ILE B 86 -15.48 26.37 45.03
N LEU B 87 -15.09 26.03 46.26
CA LEU B 87 -13.76 25.50 46.50
C LEU B 87 -13.61 24.12 45.85
N VAL B 88 -12.50 23.91 45.16
CA VAL B 88 -12.24 22.67 44.43
C VAL B 88 -10.81 22.23 44.71
N ASN B 89 -10.64 20.95 45.03
CA ASN B 89 -9.33 20.37 45.30
C ASN B 89 -8.92 19.35 44.24
N ASP B 90 -9.73 18.31 44.03
CA ASP B 90 -9.47 17.29 43.01
C ASP B 90 -10.27 17.67 41.77
N THR B 91 -9.68 18.51 40.92
CA THR B 91 -10.41 19.05 39.78
C THR B 91 -10.91 17.94 38.85
N LYS B 92 -10.21 16.81 38.80
CA LYS B 92 -10.64 15.72 37.92
C LYS B 92 -11.98 15.13 38.35
N LEU B 93 -12.36 15.28 39.62
CA LEU B 93 -13.65 14.80 40.10
C LEU B 93 -14.41 15.81 40.96
N ASP B 94 -13.74 16.77 41.58
CA ASP B 94 -14.43 17.79 42.37
C ASP B 94 -14.93 18.90 41.48
N GLY B 95 -15.69 18.54 40.44
CA GLY B 95 -16.19 19.50 39.49
C GLY B 95 -17.47 19.03 38.83
N PRO B 96 -18.04 19.86 37.98
CA PRO B 96 -19.33 19.53 37.38
C PRO B 96 -19.21 18.39 36.37
N ILE B 97 -20.38 17.92 35.94
CA ILE B 97 -20.49 16.88 34.93
C ILE B 97 -21.45 17.42 33.87
N LEU B 98 -21.80 16.60 32.88
CA LEU B 98 -22.67 17.03 31.80
C LEU B 98 -23.84 17.86 32.32
N GLN B 99 -24.01 19.04 31.74
CA GLN B 99 -25.11 19.94 32.07
C GLN B 99 -26.19 19.77 31.01
N ILE B 100 -27.07 18.79 31.22
CA ILE B 100 -28.14 18.61 30.25
C ILE B 100 -29.03 19.84 30.21
N LEU B 101 -29.82 19.96 29.15
CA LEU B 101 -30.74 21.08 28.97
C LEU B 101 -32.01 20.52 28.36
N PHE B 102 -32.97 20.17 29.22
CA PHE B 102 -34.21 19.60 28.72
C PHE B 102 -34.88 20.59 27.76
N MET B 103 -35.88 20.11 27.04
CA MET B 103 -36.58 20.94 26.07
C MET B 103 -38.02 20.50 25.99
N ASN B 104 -38.80 21.18 25.15
CA ASN B 104 -40.25 21.05 25.15
C ASN B 104 -40.71 19.99 24.15
N ASN B 105 -40.28 18.75 24.40
CA ASN B 105 -40.75 17.60 23.64
C ASN B 105 -41.01 16.46 24.60
N ALA B 106 -42.00 15.62 24.26
CA ALA B 106 -42.49 14.62 25.19
C ALA B 106 -41.38 13.67 25.60
N ILE B 107 -40.55 13.22 24.65
CA ILE B 107 -39.52 12.24 24.95
C ILE B 107 -38.59 12.72 26.07
N SER B 108 -38.51 14.03 26.29
CA SER B 108 -37.66 14.56 27.35
C SER B 108 -38.44 14.93 28.60
N LYS B 109 -39.69 15.40 28.45
CA LYS B 109 -40.48 15.73 29.63
C LYS B 109 -40.85 14.48 30.41
N GLN B 110 -41.27 13.41 29.72
CA GLN B 110 -41.73 12.22 30.42
C GLN B 110 -40.61 11.55 31.20
N TYR B 111 -39.41 11.48 30.62
CA TYR B 111 -38.33 10.66 31.16
C TYR B 111 -37.32 11.49 31.94
N HIS B 112 -37.77 12.53 32.65
CA HIS B 112 -36.83 13.39 33.37
C HIS B 112 -36.12 12.62 34.48
N GLN B 113 -36.89 11.97 35.36
CA GLN B 113 -36.27 11.23 36.45
C GLN B 113 -35.41 10.10 35.93
N GLU B 114 -35.77 9.55 34.77
CA GLU B 114 -34.94 8.51 34.17
C GLU B 114 -33.55 9.04 33.87
N ILE B 115 -33.47 10.26 33.32
CA ILE B 115 -32.17 10.84 32.97
C ILE B 115 -31.39 11.22 34.23
N GLU B 116 -32.08 11.78 35.23
CA GLU B 116 -31.41 12.12 36.47
C GLU B 116 -30.82 10.89 37.15
N GLU B 117 -31.63 9.84 37.28
CA GLU B 117 -31.13 8.59 37.85
C GLU B 117 -30.05 7.97 36.97
N PHE B 118 -30.11 8.18 35.66
CA PHE B 118 -29.08 7.63 34.80
C PHE B 118 -27.73 8.30 35.05
N VAL B 119 -27.73 9.63 35.23
CA VAL B 119 -26.45 10.30 35.50
C VAL B 119 -25.94 9.91 36.90
N SER B 120 -26.84 9.81 37.88
CA SER B 120 -26.40 9.36 39.19
C SER B 120 -25.83 7.95 39.12
N ASN B 121 -26.45 7.08 38.33
CA ASN B 121 -25.96 5.72 38.15
C ASN B 121 -24.64 5.71 37.39
N LEU B 122 -24.42 6.66 36.48
CA LEU B 122 -23.11 6.77 35.84
C LEU B 122 -22.04 7.09 36.87
N VAL B 123 -22.33 8.04 37.76
CA VAL B 123 -21.38 8.33 38.84
C VAL B 123 -21.14 7.09 39.68
N LYS B 124 -22.21 6.38 40.03
CA LYS B 124 -22.08 5.19 40.88
C LYS B 124 -21.28 4.10 40.19
N ARG B 125 -21.52 3.89 38.89
CA ARG B 125 -20.79 2.88 38.13
C ARG B 125 -19.32 3.23 38.03
N PHE B 126 -19.00 4.51 37.84
CA PHE B 126 -17.61 4.92 37.89
C PHE B 126 -17.01 4.64 39.25
N GLU B 127 -17.77 4.88 40.32
CA GLU B 127 -17.30 4.57 41.66
C GLU B 127 -17.01 3.08 41.82
N GLU B 128 -17.91 2.24 41.31
CA GLU B 128 -17.79 0.80 41.54
C GLU B 128 -16.55 0.22 40.88
N GLN B 129 -16.23 0.66 39.66
CA GLN B 129 -15.11 0.09 38.94
C GLN B 129 -13.81 0.86 39.17
N GLN B 130 -13.82 2.18 38.99
CA GLN B 130 -12.58 2.94 39.01
C GLN B 130 -12.03 3.05 40.42
N LYS B 131 -12.89 3.37 41.39
CA LYS B 131 -12.41 3.63 42.74
C LYS B 131 -12.03 2.35 43.48
N ASN B 132 -12.68 1.23 43.16
CA ASN B 132 -12.51 0.00 43.93
C ASN B 132 -11.44 -0.92 43.35
N ASP B 133 -11.63 -1.39 42.11
CA ASP B 133 -10.83 -2.49 41.59
C ASP B 133 -9.69 -2.04 40.69
N VAL B 134 -9.99 -1.38 39.56
CA VAL B 134 -8.93 -1.04 38.62
C VAL B 134 -8.03 0.05 39.20
N GLU B 135 -8.63 1.10 39.75
CA GLU B 135 -7.87 2.18 40.39
C GLU B 135 -6.80 2.73 39.43
N LYS B 136 -7.18 2.91 38.17
CA LYS B 136 -6.27 3.44 37.16
C LYS B 136 -7.03 4.45 36.30
N THR B 137 -6.69 5.73 36.46
CA THR B 137 -7.26 6.78 35.63
C THR B 137 -6.29 7.96 35.64
N SER B 138 -5.56 8.12 34.53
CA SER B 138 -4.59 9.20 34.38
C SER B 138 -4.69 9.81 32.99
N PHE B 139 -5.92 10.05 32.52
CA PHE B 139 -6.11 10.58 31.18
C PHE B 139 -5.49 11.97 31.04
N ASN B 140 -4.94 12.25 29.88
CA ASN B 140 -4.31 13.53 29.57
C ASN B 140 -5.07 14.28 28.48
N LEU B 141 -6.38 14.07 28.40
CA LEU B 141 -7.18 14.72 27.36
C LEU B 141 -7.36 16.19 27.65
N LEU B 142 -6.51 17.03 27.08
CA LEU B 142 -6.70 18.47 27.19
C LEU B 142 -7.80 18.91 26.24
N PRO B 143 -8.52 19.99 26.57
CA PRO B 143 -9.62 20.43 25.71
C PRO B 143 -9.12 20.81 24.33
N GLN B 144 -9.93 20.48 23.31
CA GLN B 144 -9.62 20.87 21.95
C GLN B 144 -9.86 22.37 21.80
N PRO B 145 -9.27 22.99 20.77
CA PRO B 145 -9.30 24.46 20.70
C PRO B 145 -10.70 25.07 20.65
N SER B 146 -11.71 24.30 20.25
CA SER B 146 -13.08 24.80 20.19
C SER B 146 -13.78 24.74 21.55
N SER B 147 -13.04 24.56 22.64
CA SER B 147 -13.64 24.47 23.96
C SER B 147 -14.06 25.85 24.45
N ILE B 148 -14.89 25.85 25.49
CA ILE B 148 -15.46 27.07 26.05
C ILE B 148 -15.46 26.95 27.56
N VAL B 149 -15.24 28.06 28.25
CA VAL B 149 -15.27 28.12 29.71
C VAL B 149 -16.56 28.81 30.12
N LEU B 150 -17.31 28.18 31.02
CA LEU B 150 -18.58 28.75 31.47
C LEU B 150 -18.35 30.10 32.13
N GLU B 151 -19.15 31.08 31.74
CA GLU B 151 -19.10 32.38 32.36
C GLU B 151 -19.48 32.27 33.84
N GLU B 152 -19.11 33.28 34.62
CA GLU B 152 -19.38 33.25 36.06
C GLU B 152 -19.68 34.65 36.55
N ASP B 153 -20.72 34.76 37.38
CA ASP B 153 -21.10 36.03 37.98
C ASP B 153 -20.13 36.36 39.12
N HIS B 154 -19.62 37.59 39.12
CA HIS B 154 -18.55 37.97 40.04
C HIS B 154 -19.13 38.32 41.39
N LYS B 155 -18.92 37.43 42.37
CA LYS B 155 -19.21 37.72 43.76
C LYS B 155 -18.02 37.47 44.68
N VAL B 156 -16.94 36.88 44.18
CA VAL B 156 -15.72 36.66 44.95
C VAL B 156 -14.54 37.03 44.07
N GLU B 157 -13.42 37.37 44.72
CA GLU B 157 -12.25 37.84 44.01
C GLU B 157 -11.51 36.70 43.33
N GLU B 158 -10.97 36.98 42.14
CA GLU B 158 -10.21 36.00 41.39
C GLU B 158 -8.88 35.70 42.10
N SER B 159 -8.52 34.42 42.13
CA SER B 159 -7.27 33.99 42.75
C SER B 159 -6.88 32.64 42.16
N CYS B 160 -5.90 31.99 42.79
CA CYS B 160 -5.40 30.71 42.27
C CYS B 160 -6.50 29.65 42.29
N ALA B 161 -7.29 29.59 43.37
CA ALA B 161 -8.37 28.62 43.42
C ALA B 161 -9.39 28.85 42.31
N ILE B 162 -9.69 30.12 42.02
CA ILE B 162 -10.69 30.40 40.99
C ILE B 162 -10.12 30.11 39.61
N LYS B 163 -8.83 30.33 39.39
CA LYS B 163 -8.21 29.90 38.14
C LYS B 163 -8.28 28.38 38.00
N ASN B 164 -8.04 27.65 39.09
CA ASN B 164 -8.19 26.20 39.06
C ASN B 164 -9.62 25.81 38.75
N ASN B 165 -10.59 26.58 39.27
CA ASN B 165 -11.98 26.35 38.93
C ASN B 165 -12.21 26.52 37.44
N LYS B 166 -11.72 27.64 36.89
CA LYS B 166 -11.85 27.87 35.45
C LYS B 166 -11.25 26.71 34.66
N GLU B 167 -10.16 26.14 35.17
CA GLU B 167 -9.63 24.91 34.57
C GLU B 167 -10.63 23.77 34.68
N ALA B 168 -11.30 23.65 35.83
CA ALA B 168 -12.28 22.60 36.02
C ALA B 168 -13.50 22.81 35.13
N PHE B 169 -13.96 24.05 35.00
CA PHE B 169 -15.12 24.38 34.18
C PHE B 169 -14.63 24.63 32.76
N SER B 170 -14.83 23.66 31.87
CA SER B 170 -14.37 23.78 30.49
C SER B 170 -15.25 22.88 29.63
N VAL B 171 -16.22 23.48 28.95
CA VAL B 171 -17.07 22.71 28.04
C VAL B 171 -16.21 22.13 26.93
N VAL B 172 -16.11 20.80 26.88
CA VAL B 172 -15.31 20.13 25.86
C VAL B 172 -16.23 19.31 24.97
N GLY B 173 -17.46 19.78 24.82
CA GLY B 173 -18.41 19.09 23.95
C GLY B 173 -19.71 19.85 23.95
N SER B 174 -20.57 19.46 23.00
CA SER B 174 -21.89 20.06 22.89
C SER B 174 -22.66 19.27 21.87
N VAL B 175 -23.96 19.08 22.11
CA VAL B 175 -24.80 18.28 21.24
C VAL B 175 -26.22 18.79 21.36
N LEU B 176 -27.03 18.50 20.34
CA LEU B 176 -28.46 18.78 20.36
C LEU B 176 -29.15 17.59 19.69
N TYR B 177 -29.49 16.58 20.49
CA TYR B 177 -30.00 15.33 19.94
C TYR B 177 -31.41 15.51 19.42
N PHE B 178 -31.59 15.33 18.11
CA PHE B 178 -32.92 15.20 17.52
C PHE B 178 -33.28 13.71 17.48
N THR B 179 -34.35 13.38 16.77
CA THR B 179 -34.76 11.99 16.67
C THR B 179 -33.70 11.15 15.97
N ASN B 180 -33.12 11.67 14.87
CA ASN B 180 -32.21 10.86 14.07
C ASN B 180 -31.00 11.63 13.55
N PHE B 181 -30.59 12.72 14.22
CA PHE B 181 -29.33 13.38 13.91
C PHE B 181 -29.07 14.45 14.95
N CYS B 182 -27.80 14.59 15.35
CA CYS B 182 -27.42 15.49 16.42
C CYS B 182 -26.53 16.60 15.87
N LEU B 183 -26.96 17.85 16.05
CA LEU B 183 -26.21 19.01 15.56
C LEU B 183 -25.02 19.27 16.46
N ASP B 184 -24.06 18.35 16.42
CA ASP B 184 -22.88 18.47 17.24
C ASP B 184 -22.01 19.64 16.79
N LYS B 185 -21.26 20.19 17.73
CA LYS B 185 -20.21 21.18 17.45
C LYS B 185 -19.22 21.13 18.59
N LEU B 186 -18.06 21.72 18.36
CA LEU B 186 -16.94 21.64 19.30
C LEU B 186 -16.31 20.25 19.29
N GLY B 187 -16.91 19.31 18.56
CA GLY B 187 -16.31 18.00 18.41
C GLY B 187 -16.05 17.32 19.73
N GLN B 188 -14.94 16.61 19.81
CA GLN B 188 -14.52 15.91 21.01
C GLN B 188 -13.04 16.16 21.22
N PRO B 189 -12.55 16.01 22.45
CA PRO B 189 -11.12 16.21 22.69
C PRO B 189 -10.28 15.19 21.94
N LEU B 190 -8.96 15.33 22.03
CA LEU B 190 -8.03 14.50 21.27
C LEU B 190 -6.93 13.97 22.18
N LEU B 191 -6.29 12.90 21.75
CA LEU B 191 -5.14 12.33 22.44
C LEU B 191 -4.12 11.95 21.36
N ASN B 192 -3.14 12.84 21.15
CA ASN B 192 -2.11 12.65 20.13
C ASN B 192 -2.71 12.53 18.73
N GLU B 193 -3.93 13.02 18.54
CA GLU B 193 -4.59 12.99 17.24
C GLU B 193 -4.68 11.57 16.69
N ASN B 194 -5.26 10.69 17.48
CA ASN B 194 -5.51 9.32 17.06
C ASN B 194 -6.68 8.75 17.85
N PRO B 195 -7.80 8.40 17.22
CA PRO B 195 -8.93 7.87 18.00
C PRO B 195 -8.58 6.62 18.78
N GLN B 196 -7.68 5.78 18.28
CA GLN B 196 -7.29 4.59 19.02
C GLN B 196 -6.64 4.93 20.35
N LEU B 197 -6.09 6.13 20.49
CA LEU B 197 -5.52 6.61 21.73
C LEU B 197 -6.48 7.52 22.50
N SER B 198 -7.71 7.67 22.03
CA SER B 198 -8.69 8.55 22.64
C SER B 198 -9.50 7.78 23.68
N GLU B 199 -10.59 8.39 24.15
CA GLU B 199 -11.41 7.82 25.21
C GLU B 199 -12.84 7.55 24.78
N GLY B 200 -13.50 8.52 24.16
CA GLY B 200 -14.91 8.38 23.84
C GLY B 200 -15.20 7.95 22.42
N TRP B 201 -14.17 7.90 21.58
CA TRP B 201 -14.36 7.55 20.18
C TRP B 201 -14.66 6.06 20.03
N GLU B 202 -15.63 5.74 19.18
CA GLU B 202 -15.96 4.36 18.82
C GLU B 202 -15.93 4.25 17.31
N ILE B 203 -15.14 3.31 16.79
CA ILE B 203 -14.92 3.17 15.36
C ILE B 203 -15.86 2.09 14.84
N PRO B 204 -16.71 2.39 13.84
CA PRO B 204 -17.55 1.34 13.26
C PRO B 204 -16.74 0.26 12.56
N LYS B 205 -17.42 -0.74 12.01
CA LYS B 205 -16.79 -1.84 11.27
C LYS B 205 -17.16 -1.72 9.80
N TYR B 206 -16.16 -1.76 8.93
CA TYR B 206 -16.34 -1.49 7.51
C TYR B 206 -15.43 -2.42 6.71
N HIS B 207 -15.35 -2.15 5.41
CA HIS B 207 -14.65 -3.04 4.47
C HIS B 207 -13.18 -2.68 4.30
N GLN B 208 -12.89 -1.44 3.92
CA GLN B 208 -11.54 -1.02 3.56
C GLN B 208 -11.03 -1.78 2.34
N VAL B 209 -11.74 -1.60 1.23
CA VAL B 209 -11.48 -2.36 0.01
C VAL B 209 -10.63 -1.58 -0.98
N PHE B 210 -10.91 -0.28 -1.16
CA PHE B 210 -10.28 0.47 -2.24
C PHE B 210 -8.77 0.53 -2.07
N SER B 211 -8.29 0.97 -0.90
CA SER B 211 -6.87 1.07 -0.62
C SER B 211 -6.15 1.90 -1.69
N HIS B 212 -6.84 2.87 -2.27
CA HIS B 212 -6.26 3.78 -3.25
C HIS B 212 -6.78 5.19 -2.94
N ILE B 213 -5.93 6.01 -2.33
CA ILE B 213 -6.34 7.34 -1.92
C ILE B 213 -6.82 8.11 -3.15
N VAL B 214 -7.99 8.74 -3.01
CA VAL B 214 -8.57 9.47 -4.14
C VAL B 214 -7.66 10.62 -4.56
N SER B 215 -7.13 11.35 -3.58
CA SER B 215 -6.29 12.50 -3.90
C SER B 215 -5.04 12.08 -4.66
N LEU B 216 -4.38 11.02 -4.20
CA LEU B 216 -3.16 10.52 -4.85
C LEU B 216 -3.08 9.01 -4.61
N GLU B 217 -3.53 8.23 -5.58
CA GLU B 217 -3.58 6.78 -5.41
C GLU B 217 -2.20 6.17 -5.30
N GLY B 218 -1.15 6.87 -5.73
CA GLY B 218 0.20 6.34 -5.66
C GLY B 218 0.91 6.70 -4.36
N GLN B 219 0.46 6.11 -3.25
CA GLN B 219 1.06 6.38 -1.95
C GLN B 219 2.46 5.78 -1.87
N HIS B 231 9.39 -6.67 26.69
CA HIS B 231 9.76 -7.58 25.62
C HIS B 231 9.13 -8.94 25.84
N CYS B 232 7.91 -9.09 25.32
CA CYS B 232 7.11 -10.31 25.48
C CYS B 232 7.13 -11.08 24.17
N PHE B 233 7.61 -12.32 24.21
CA PHE B 233 7.64 -13.14 23.01
C PHE B 233 6.27 -13.68 22.64
N ASN B 234 5.33 -13.73 23.59
CA ASN B 234 4.02 -14.33 23.30
C ASN B 234 3.31 -13.56 22.20
N CYS B 235 3.36 -12.23 22.24
CA CYS B 235 2.81 -11.40 21.18
C CYS B 235 3.85 -10.45 20.58
N GLY B 236 5.09 -10.50 21.05
CA GLY B 236 6.09 -9.54 20.65
C GLY B 236 6.01 -8.22 21.36
N SER B 237 5.06 -8.04 22.26
CA SER B 237 4.85 -6.76 22.92
C SER B 237 6.04 -6.39 23.78
N GLU B 238 6.52 -5.16 23.63
CA GLU B 238 7.56 -4.62 24.50
C GLU B 238 6.95 -3.85 25.67
N GLU B 239 6.01 -4.50 26.35
CA GLU B 239 5.33 -3.92 27.50
C GLU B 239 5.17 -4.89 28.66
N HIS B 240 5.42 -6.19 28.47
CA HIS B 240 5.18 -7.19 29.49
C HIS B 240 6.01 -8.42 29.14
N GLN B 241 5.82 -9.49 29.90
CA GLN B 241 6.51 -10.76 29.66
C GLN B 241 5.59 -11.74 28.95
N MET B 242 6.20 -12.68 28.22
CA MET B 242 5.42 -13.67 27.48
C MET B 242 4.57 -14.51 28.43
N LYS B 243 5.13 -14.89 29.57
CA LYS B 243 4.41 -15.71 30.53
C LYS B 243 3.26 -14.97 31.19
N ASP B 244 3.18 -13.65 31.03
CA ASP B 244 2.12 -12.82 31.61
C ASP B 244 1.42 -12.02 30.53
N CYS B 245 1.21 -12.63 29.36
CA CYS B 245 0.59 -11.97 28.21
C CYS B 245 -0.66 -12.75 27.81
N PRO B 246 -1.84 -12.36 28.29
CA PRO B 246 -3.07 -13.01 27.81
C PRO B 246 -3.27 -12.89 26.31
N MET B 247 -2.81 -11.80 25.71
CA MET B 247 -2.97 -11.61 24.28
C MET B 247 -2.06 -12.57 23.51
N PRO B 248 -2.38 -12.86 22.24
CA PRO B 248 -1.58 -13.77 21.44
C PRO B 248 -0.28 -13.15 20.95
N GLN B 274 11.87 -19.39 -1.80
CA GLN B 274 11.74 -20.20 -0.61
C GLN B 274 13.02 -20.97 -0.32
N GLN B 275 13.22 -22.06 -1.06
CA GLN B 275 14.34 -22.96 -0.85
C GLN B 275 15.08 -23.16 -2.16
N ARG B 276 16.41 -23.17 -2.09
CA ARG B 276 17.22 -23.39 -3.28
C ARG B 276 17.06 -24.81 -3.80
N TYR B 277 17.14 -24.94 -5.13
CA TYR B 277 16.93 -26.24 -5.75
C TYR B 277 17.92 -27.27 -5.23
N HIS B 278 19.12 -26.85 -4.85
CA HIS B 278 20.17 -27.78 -4.45
C HIS B 278 20.20 -28.04 -2.95
N ALA B 279 19.25 -27.50 -2.20
CA ALA B 279 19.18 -27.69 -0.76
C ALA B 279 18.03 -28.66 -0.47
N GLU B 280 18.34 -29.95 -0.49
CA GLU B 280 17.39 -31.00 -0.13
C GLU B 280 17.53 -31.42 1.32
N GLU B 281 18.10 -30.57 2.17
CA GLU B 281 18.33 -30.88 3.57
C GLU B 281 17.06 -30.88 4.40
N VAL B 282 15.87 -30.73 3.81
CA VAL B 282 14.64 -30.75 4.59
C VAL B 282 14.52 -32.06 5.37
N GLU B 283 14.86 -33.17 4.73
CA GLU B 283 14.77 -34.49 5.36
C GLU B 283 16.13 -35.12 5.60
N GLU B 284 17.18 -34.31 5.72
CA GLU B 284 18.51 -34.83 6.05
C GLU B 284 19.24 -33.92 7.03
N ARG B 285 18.50 -33.22 7.88
CA ARG B 285 19.15 -32.41 8.92
C ARG B 285 19.91 -33.29 9.89
N PHE B 286 19.36 -34.44 10.25
CA PHE B 286 19.98 -35.37 11.19
C PHE B 286 20.20 -36.75 10.59
N GLY B 287 19.27 -37.27 9.83
CA GLY B 287 19.42 -38.60 9.24
C GLY B 287 18.21 -38.97 8.43
N ARG B 288 18.30 -40.15 7.80
CA ARG B 288 17.23 -40.66 6.95
C ARG B 288 16.93 -42.11 7.33
N PHE B 289 15.66 -42.49 7.20
CA PHE B 289 15.21 -43.83 7.52
C PHE B 289 14.13 -44.21 6.50
N LYS B 290 13.44 -45.31 6.77
CA LYS B 290 12.42 -45.85 5.89
C LYS B 290 11.18 -46.23 6.69
N PRO B 291 10.02 -46.26 6.04
CA PRO B 291 8.82 -46.77 6.70
C PRO B 291 8.77 -48.30 6.67
N GLY B 292 7.82 -48.85 7.42
CA GLY B 292 7.63 -50.28 7.46
C GLY B 292 8.71 -50.99 8.25
N VAL B 293 9.96 -50.83 7.85
CA VAL B 293 11.05 -51.49 8.55
C VAL B 293 11.24 -50.88 9.93
N ILE B 294 11.91 -51.63 10.80
CA ILE B 294 12.21 -51.20 12.16
C ILE B 294 13.73 -51.20 12.32
N SER B 295 14.29 -50.05 12.68
CA SER B 295 15.72 -49.94 12.83
C SER B 295 16.18 -50.52 14.16
N GLU B 296 17.49 -50.79 14.25
CA GLU B 296 18.04 -51.40 15.47
C GLU B 296 17.86 -50.48 16.66
N GLU B 297 18.11 -49.19 16.49
CA GLU B 297 17.97 -48.25 17.60
C GLU B 297 16.54 -48.25 18.12
N LEU B 298 15.55 -48.24 17.23
CA LEU B 298 14.17 -48.33 17.66
C LEU B 298 13.90 -49.65 18.36
N GLN B 299 14.46 -50.74 17.84
CA GLN B 299 14.28 -52.04 18.48
C GLN B 299 14.75 -51.99 19.93
N ASP B 300 15.95 -51.47 20.17
CA ASP B 300 16.50 -51.48 21.52
C ASP B 300 15.75 -50.50 22.43
N ALA B 301 15.54 -49.27 21.95
CA ALA B 301 14.91 -48.26 22.80
C ALA B 301 13.48 -48.66 23.16
N LEU B 302 12.74 -49.20 22.20
CA LEU B 302 11.34 -49.55 22.43
C LEU B 302 11.15 -50.65 23.45
N GLY B 303 12.21 -51.38 23.81
CA GLY B 303 12.10 -52.46 24.74
C GLY B 303 11.60 -53.77 24.16
N VAL B 304 11.38 -53.83 22.85
CA VAL B 304 10.91 -55.03 22.17
C VAL B 304 12.03 -55.52 21.26
N THR B 305 12.36 -56.80 21.40
CA THR B 305 13.46 -57.40 20.66
C THR B 305 12.95 -58.05 19.37
N ASP B 306 13.86 -58.72 18.66
CA ASP B 306 13.51 -59.32 17.38
C ASP B 306 12.45 -60.39 17.54
N LYS B 307 12.58 -61.24 18.55
CA LYS B 307 11.64 -62.35 18.73
C LYS B 307 10.22 -61.86 18.98
N SER B 308 10.03 -60.62 19.42
CA SER B 308 8.72 -60.08 19.73
C SER B 308 8.32 -59.10 18.63
N LEU B 309 7.09 -59.24 18.14
CA LEU B 309 6.60 -58.38 17.07
C LEU B 309 6.54 -56.93 17.55
N PRO B 310 6.77 -55.96 16.68
CA PRO B 310 6.68 -54.55 17.10
C PRO B 310 5.32 -54.24 17.69
N PRO B 311 5.28 -53.44 18.75
CA PRO B 311 4.00 -53.27 19.47
C PRO B 311 2.98 -52.44 18.71
N PHE B 312 3.40 -51.32 18.12
CA PHE B 312 2.43 -50.43 17.49
C PHE B 312 1.70 -51.09 16.34
N ILE B 313 2.22 -52.21 15.82
CA ILE B 313 1.54 -52.92 14.75
C ILE B 313 0.15 -53.35 15.19
N TYR B 314 0.00 -53.70 16.47
CA TYR B 314 -1.31 -54.11 16.98
C TYR B 314 -2.35 -53.02 16.76
N ARG B 315 -2.12 -51.85 17.36
CA ARG B 315 -3.06 -50.75 17.20
C ARG B 315 -3.13 -50.27 15.76
N MET B 316 -2.06 -50.48 14.98
CA MET B 316 -2.11 -50.08 13.57
C MET B 316 -3.12 -50.93 12.80
N ARG B 317 -3.04 -52.25 12.94
CA ARG B 317 -4.03 -53.11 12.31
C ARG B 317 -5.41 -52.91 12.94
N GLN B 318 -5.46 -52.45 14.18
CA GLN B 318 -6.74 -52.06 14.76
C GLN B 318 -7.33 -50.87 14.00
N LEU B 319 -6.48 -49.90 13.64
CA LEU B 319 -6.96 -48.72 12.93
C LEU B 319 -7.07 -48.97 11.42
N GLY B 320 -5.96 -49.27 10.78
CA GLY B 320 -5.95 -49.49 9.35
C GLY B 320 -4.62 -49.05 8.76
N TYR B 321 -4.61 -48.95 7.42
CA TYR B 321 -3.40 -48.52 6.72
C TYR B 321 -3.23 -47.00 6.86
N PRO B 322 -2.01 -46.52 7.10
CA PRO B 322 -1.82 -45.08 7.31
C PRO B 322 -2.28 -44.28 6.12
N PRO B 323 -2.88 -43.10 6.34
CA PRO B 323 -3.15 -42.20 5.22
C PRO B 323 -1.96 -41.32 4.91
N GLY B 324 -1.07 -41.16 5.89
CA GLY B 324 0.09 -40.30 5.70
C GLY B 324 0.95 -40.73 4.52
N TRP B 325 1.18 -42.04 4.40
CA TRP B 325 1.96 -42.58 3.30
C TRP B 325 1.09 -42.93 2.09
N LEU B 326 -0.23 -42.87 2.22
CA LEU B 326 -1.10 -43.07 1.06
C LEU B 326 -1.13 -41.85 0.17
N LYS B 327 -1.05 -40.65 0.75
CA LYS B 327 -1.07 -39.43 -0.06
C LYS B 327 0.13 -39.34 -0.98
N GLU B 328 1.31 -39.74 -0.49
CA GLU B 328 2.50 -39.70 -1.32
C GLU B 328 2.28 -40.44 -2.64
N ALA B 329 1.56 -41.57 -2.58
CA ALA B 329 1.18 -42.30 -3.79
C ALA B 329 -0.22 -41.89 -4.23
N GLU B 330 -0.38 -40.58 -4.48
CA GLU B 330 -1.68 -40.00 -4.84
C GLU B 330 -1.45 -38.92 -5.90
N LEU B 331 -1.55 -39.31 -7.17
CA LEU B 331 -1.50 -38.36 -8.28
C LEU B 331 -2.92 -37.95 -8.60
N GLU B 332 -3.42 -36.94 -7.91
CA GLU B 332 -4.79 -36.51 -8.11
C GLU B 332 -5.01 -36.09 -9.55
N ASN B 333 -6.10 -36.58 -10.14
CA ASN B 333 -6.45 -36.25 -11.52
C ASN B 333 -7.11 -34.88 -11.51
N SER B 334 -6.27 -33.85 -11.57
CA SER B 334 -6.74 -32.47 -11.49
C SER B 334 -7.77 -32.22 -12.57
N GLY B 335 -9.00 -31.93 -12.16
CA GLY B 335 -10.08 -31.69 -13.09
C GLY B 335 -10.27 -30.24 -13.42
N LEU B 336 -9.71 -29.81 -14.55
CA LEU B 336 -9.85 -28.45 -15.06
C LEU B 336 -10.38 -28.53 -16.48
N ALA B 337 -11.48 -27.84 -16.75
CA ALA B 337 -12.13 -27.87 -18.05
C ALA B 337 -11.88 -26.55 -18.78
N LEU B 338 -11.59 -26.63 -20.07
CA LEU B 338 -11.34 -25.45 -20.90
C LEU B 338 -12.69 -24.90 -21.33
N TYR B 339 -13.23 -23.99 -20.52
CA TYR B 339 -14.55 -23.42 -20.79
C TYR B 339 -14.47 -22.58 -22.06
N ASP B 340 -15.03 -23.09 -23.14
CA ASP B 340 -15.02 -22.44 -24.44
C ASP B 340 -16.46 -22.10 -24.84
N GLY B 341 -16.63 -20.93 -25.43
CA GLY B 341 -17.94 -20.49 -25.87
C GLY B 341 -18.54 -21.40 -26.93
N LYS B 358 -13.62 -38.05 -8.72
CA LYS B 358 -12.64 -37.89 -9.79
C LYS B 358 -11.76 -39.13 -9.90
N SER B 359 -11.34 -39.45 -11.12
CA SER B 359 -10.53 -40.63 -11.38
C SER B 359 -9.10 -40.40 -10.91
N VAL B 360 -8.94 -40.35 -9.58
CA VAL B 360 -7.64 -40.14 -8.99
C VAL B 360 -6.75 -41.36 -9.28
N THR B 361 -5.46 -41.10 -9.44
CA THR B 361 -4.49 -42.14 -9.80
C THR B 361 -3.73 -42.56 -8.55
N TYR B 362 -3.61 -43.88 -8.35
CA TYR B 362 -2.86 -44.46 -7.25
C TYR B 362 -1.64 -45.20 -7.81
N ASP B 363 -0.47 -44.86 -7.29
CA ASP B 363 0.77 -45.53 -7.68
C ASP B 363 0.92 -46.77 -6.80
N LEU B 364 0.57 -47.93 -7.35
CA LEU B 364 0.53 -49.17 -6.58
C LEU B 364 1.90 -49.81 -6.41
N SER B 365 2.99 -49.07 -6.63
CA SER B 365 4.33 -49.57 -6.40
C SER B 365 5.03 -48.92 -5.22
N LYS B 366 4.48 -47.81 -4.70
CA LYS B 366 5.06 -47.13 -3.54
C LYS B 366 4.39 -47.51 -2.22
N LEU B 367 3.45 -48.47 -2.25
CA LEU B 367 2.78 -48.88 -1.02
C LEU B 367 3.78 -49.45 -0.03
N VAL B 368 3.64 -49.06 1.23
CA VAL B 368 4.57 -49.50 2.26
C VAL B 368 4.37 -50.98 2.55
N ASN B 369 5.42 -51.61 3.07
CA ASN B 369 5.40 -53.02 3.47
C ASN B 369 5.22 -53.11 4.97
N TYR B 370 4.16 -53.80 5.40
CA TYR B 370 3.80 -53.92 6.81
C TYR B 370 3.57 -55.39 7.15
N PRO B 371 4.64 -56.13 7.42
CA PRO B 371 4.44 -57.51 7.92
C PRO B 371 3.62 -57.51 9.19
N GLY B 372 2.70 -58.47 9.27
CA GLY B 372 1.81 -58.58 10.41
C GLY B 372 0.50 -57.82 10.27
N PHE B 373 0.40 -56.91 9.30
CA PHE B 373 -0.84 -56.17 9.05
C PHE B 373 -1.42 -56.50 7.69
N ASN B 374 -0.65 -56.34 6.62
CA ASN B 374 -1.10 -56.65 5.27
C ASN B 374 -0.29 -57.75 4.62
N ILE B 375 1.04 -57.64 4.63
CA ILE B 375 1.88 -58.70 4.10
C ILE B 375 1.88 -59.89 5.07
N SER B 376 2.30 -61.04 4.57
CA SER B 376 2.40 -62.23 5.41
C SER B 376 3.25 -61.95 6.63
N THR B 377 2.75 -62.32 7.79
CA THR B 377 3.46 -62.07 9.03
C THR B 377 4.77 -62.86 9.04
N PRO B 378 5.85 -62.32 9.61
CA PRO B 378 7.10 -63.09 9.66
C PRO B 378 6.92 -64.41 10.39
N ARG B 379 7.56 -65.45 9.89
CA ARG B 379 7.44 -66.77 10.48
C ARG B 379 8.26 -66.85 11.76
N GLY B 380 7.71 -67.54 12.76
CA GLY B 380 8.37 -67.76 14.02
C GLY B 380 8.01 -66.77 15.11
N ILE B 381 7.46 -65.62 14.75
CA ILE B 381 7.09 -64.60 15.72
C ILE B 381 5.64 -64.87 16.16
N PRO B 382 5.37 -65.04 17.44
CA PRO B 382 4.01 -65.39 17.87
C PRO B 382 3.02 -64.28 17.58
N ASP B 383 1.78 -64.70 17.32
CA ASP B 383 0.67 -63.76 17.09
C ASP B 383 0.10 -63.36 18.44
N GLU B 384 0.60 -62.24 18.97
CA GLU B 384 0.17 -61.74 20.27
C GLU B 384 -0.99 -60.76 20.15
N TRP B 385 -2.04 -61.17 19.43
CA TRP B 385 -3.19 -60.27 19.27
C TRP B 385 -4.04 -60.21 20.53
N ARG B 386 -4.03 -61.27 21.35
CA ARG B 386 -4.75 -61.24 22.61
C ARG B 386 -4.06 -60.35 23.64
N ILE B 387 -2.78 -60.06 23.46
CA ILE B 387 -2.00 -59.27 24.40
C ILE B 387 -1.94 -57.83 23.88
N PHE B 388 -2.12 -56.88 24.79
CA PHE B 388 -2.16 -55.44 24.55
C PHE B 388 -3.49 -55.01 23.92
N GLY B 389 -4.35 -55.94 23.50
CA GLY B 389 -5.63 -55.58 22.94
C GLY B 389 -5.55 -55.39 21.45
N SER B 390 -6.19 -56.26 20.68
CA SER B 390 -6.14 -56.20 19.23
C SER B 390 -7.07 -57.26 18.67
N ILE B 391 -7.13 -57.33 17.35
CA ILE B 391 -7.94 -58.33 16.64
C ILE B 391 -7.04 -59.01 15.60
N PRO B 392 -7.35 -60.24 15.21
CA PRO B 392 -6.51 -60.91 14.20
C PRO B 392 -6.59 -60.20 12.86
N MET B 393 -5.55 -60.42 12.05
CA MET B 393 -5.48 -59.77 10.75
C MET B 393 -6.72 -60.08 9.93
N GLN B 394 -7.26 -59.07 9.27
CA GLN B 394 -8.48 -59.17 8.50
C GLN B 394 -8.19 -59.22 7.01
N ALA B 395 -9.12 -59.82 6.27
CA ALA B 395 -8.95 -59.93 4.82
C ALA B 395 -8.86 -58.56 4.17
N CYS B 396 -9.71 -57.62 4.60
CA CYS B 396 -9.66 -56.28 4.03
C CYS B 396 -8.31 -55.63 4.25
N GLN B 397 -7.75 -55.78 5.45
CA GLN B 397 -6.44 -55.21 5.74
C GLN B 397 -5.31 -55.95 5.04
N GLN B 398 -5.58 -57.09 4.42
CA GLN B 398 -4.55 -57.80 3.67
C GLN B 398 -4.14 -56.99 2.44
N LYS B 399 -2.89 -57.16 2.04
CA LYS B 399 -2.34 -56.32 0.97
C LYS B 399 -3.11 -56.49 -0.32
N ASP B 400 -3.36 -57.74 -0.72
CA ASP B 400 -3.98 -57.98 -2.03
C ASP B 400 -5.41 -57.43 -2.07
N VAL B 401 -6.18 -57.61 -1.00
CA VAL B 401 -7.58 -57.22 -1.03
C VAL B 401 -7.70 -55.72 -1.22
N PHE B 402 -6.92 -54.94 -0.47
CA PHE B 402 -7.02 -53.49 -0.51
C PHE B 402 -6.19 -52.88 -1.63
N ALA B 403 -4.95 -53.36 -1.83
CA ALA B 403 -4.10 -52.78 -2.85
C ALA B 403 -4.72 -52.90 -4.23
N ASN B 404 -5.22 -54.10 -4.57
CA ASN B 404 -5.83 -54.30 -5.87
C ASN B 404 -7.15 -53.54 -5.99
N TYR B 405 -7.82 -53.29 -4.87
CA TYR B 405 -9.05 -52.52 -4.92
C TYR B 405 -8.79 -51.09 -5.41
N LEU B 406 -7.69 -50.49 -4.98
CA LEU B 406 -7.35 -49.14 -5.40
C LEU B 406 -7.16 -49.08 -6.91
N PRO B 570 31.39 14.81 -40.97
CA PRO B 570 32.84 14.89 -41.21
C PRO B 570 33.63 13.97 -40.28
N ILE B 571 33.20 12.73 -40.18
CA ILE B 571 33.84 11.77 -39.27
C ILE B 571 35.30 11.60 -39.69
N PRO B 572 36.26 11.80 -38.78
CA PRO B 572 37.66 11.60 -39.16
C PRO B 572 37.93 10.16 -39.56
N ASP B 573 38.89 9.99 -40.47
CA ASP B 573 39.29 8.65 -40.89
C ASP B 573 39.81 7.86 -39.70
N MET B 574 39.81 6.54 -39.85
CA MET B 574 40.24 5.67 -38.74
C MET B 574 41.67 5.97 -38.31
N SER B 575 42.48 6.58 -39.16
CA SER B 575 43.84 6.95 -38.78
C SER B 575 43.87 8.13 -37.82
N LYS B 576 42.74 8.79 -37.59
CA LYS B 576 42.66 9.96 -36.72
C LYS B 576 42.22 9.62 -35.31
N PHE B 577 41.26 8.70 -35.15
CA PHE B 577 40.78 8.35 -33.82
C PHE B 577 41.89 7.72 -32.98
N ALA B 578 42.68 6.84 -33.58
CA ALA B 578 43.60 6.00 -32.81
C ALA B 578 44.81 6.75 -32.29
N THR B 579 45.02 7.99 -32.70
CA THR B 579 46.23 8.71 -32.29
C THR B 579 46.14 9.08 -30.81
N GLY B 580 47.08 8.57 -30.01
CA GLY B 580 47.18 8.93 -28.62
C GLY B 580 46.91 7.80 -27.64
N ILE B 581 45.90 6.99 -27.91
CA ILE B 581 45.48 5.95 -26.99
C ILE B 581 46.01 4.60 -27.46
N THR B 582 46.10 3.66 -26.53
CA THR B 582 46.65 2.35 -26.84
C THR B 582 45.80 1.67 -27.90
N PRO B 583 46.40 1.07 -28.93
CA PRO B 583 45.59 0.44 -29.97
C PRO B 583 44.81 -0.76 -29.45
N PHE B 584 43.67 -1.02 -30.09
CA PHE B 584 42.85 -2.15 -29.72
C PHE B 584 43.64 -3.45 -29.86
N GLU B 585 43.46 -4.34 -28.89
CA GLU B 585 44.22 -5.58 -28.82
C GLU B 585 43.27 -6.77 -28.66
N PHE B 586 43.75 -7.94 -29.07
CA PHE B 586 43.04 -9.20 -28.89
C PHE B 586 43.59 -9.90 -27.66
N GLU B 587 42.70 -10.31 -26.76
CA GLU B 587 43.08 -11.03 -25.56
C GLU B 587 42.12 -12.20 -25.37
N ASN B 588 42.57 -13.19 -24.61
CA ASN B 588 41.80 -14.42 -24.37
C ASN B 588 41.71 -15.26 -25.63
N MET B 589 42.83 -15.38 -26.35
CA MET B 589 42.86 -16.20 -27.55
C MET B 589 42.45 -17.64 -27.23
N ALA B 590 41.62 -18.21 -28.09
CA ALA B 590 41.11 -19.56 -27.85
C ALA B 590 40.74 -20.18 -29.19
N GLU B 591 40.58 -21.51 -29.16
CA GLU B 591 40.16 -22.28 -30.31
C GLU B 591 38.96 -23.14 -29.94
N SER B 592 38.18 -23.51 -30.94
CA SER B 592 36.99 -24.32 -30.72
C SER B 592 37.36 -25.59 -29.97
N THR B 593 36.86 -25.72 -28.73
CA THR B 593 37.21 -26.87 -27.91
C THR B 593 36.75 -28.18 -28.51
N GLY B 594 35.74 -28.15 -29.39
CA GLY B 594 35.19 -29.37 -29.95
C GLY B 594 34.20 -30.08 -29.06
N MET B 595 33.95 -29.56 -27.86
CA MET B 595 32.99 -30.19 -26.96
C MET B 595 31.61 -30.28 -27.60
N TYR B 596 31.20 -29.21 -28.28
CA TYR B 596 29.89 -29.23 -28.91
C TYR B 596 29.82 -30.26 -30.02
N LEU B 597 30.93 -30.46 -30.75
CA LEU B 597 30.94 -31.49 -31.78
C LEU B 597 30.75 -32.87 -31.16
N ARG B 598 31.42 -33.14 -30.04
CA ARG B 598 31.25 -34.41 -29.37
C ARG B 598 29.82 -34.60 -28.89
N ILE B 599 29.23 -33.55 -28.30
CA ILE B 599 27.85 -33.66 -27.83
C ILE B 599 26.90 -33.89 -28.99
N ARG B 600 27.11 -33.21 -30.11
CA ARG B 600 26.25 -33.40 -31.27
C ARG B 600 26.37 -34.81 -31.82
N SER B 601 27.59 -35.35 -31.88
CA SER B 601 27.76 -36.72 -32.33
C SER B 601 27.06 -37.69 -31.38
N LEU B 602 27.11 -37.40 -30.08
CA LEU B 602 26.43 -38.25 -29.10
C LEU B 602 24.93 -38.27 -29.36
N LEU B 603 24.33 -37.12 -29.69
CA LEU B 603 22.90 -37.04 -29.97
C LEU B 603 22.59 -37.59 -31.36
N LYS B 604 22.91 -38.88 -31.54
CA LYS B 604 22.60 -39.53 -32.81
C LYS B 604 21.09 -39.56 -33.04
N ASN B 605 20.32 -39.84 -32.00
CA ASN B 605 18.86 -39.86 -32.08
C ASN B 605 18.28 -39.12 -30.89
N SER B 606 17.06 -38.63 -31.09
CA SER B 606 16.33 -37.88 -30.07
C SER B 606 14.93 -37.61 -30.60
N PRO B 607 13.98 -37.16 -29.77
CA PRO B 607 12.61 -36.97 -30.26
C PRO B 607 12.53 -36.16 -31.54
N ARG B 608 13.09 -34.94 -31.52
CA ARG B 608 13.03 -34.10 -32.70
C ARG B 608 13.79 -34.73 -33.86
N ASN B 609 14.96 -35.32 -33.60
CA ASN B 609 15.74 -35.91 -34.67
C ASN B 609 15.01 -37.08 -35.31
N GLN B 610 14.36 -37.91 -34.49
CA GLN B 610 13.62 -39.04 -35.03
C GLN B 610 12.38 -38.60 -35.80
N GLN B 611 11.66 -37.61 -35.28
CA GLN B 611 10.42 -37.18 -35.93
C GLN B 611 10.70 -36.42 -37.23
N LYS B 612 11.72 -35.56 -37.23
CA LYS B 612 12.01 -34.75 -38.41
C LYS B 612 12.34 -35.64 -39.61
N ASN B 613 13.17 -36.65 -39.40
CA ASN B 613 13.53 -37.56 -40.47
C ASN B 613 12.45 -38.61 -40.67
N GLU C 4 2.58 -24.26 10.24
CA GLU C 4 3.23 -25.23 11.10
C GLU C 4 2.52 -25.32 12.45
N ALA C 5 1.20 -25.11 12.43
CA ALA C 5 0.37 -25.18 13.63
C ALA C 5 -0.44 -26.46 13.69
N ASP C 6 -1.15 -26.80 12.62
CA ASP C 6 -1.93 -28.03 12.55
C ASP C 6 -1.13 -29.22 12.05
N ARG C 7 0.12 -29.01 11.63
CA ARG C 7 0.99 -30.08 11.17
C ARG C 7 2.07 -30.41 12.19
N THR C 8 1.87 -30.03 13.45
CA THR C 8 2.84 -30.29 14.50
C THR C 8 2.16 -31.04 15.64
N LEU C 9 2.96 -31.81 16.37
CA LEU C 9 2.45 -32.65 17.44
C LEU C 9 3.42 -32.62 18.61
N PHE C 10 2.88 -32.51 19.82
CA PHE C 10 3.64 -32.35 21.05
C PHE C 10 3.78 -33.69 21.74
N VAL C 11 4.94 -33.95 22.32
CA VAL C 11 5.23 -35.20 22.99
C VAL C 11 5.75 -34.91 24.39
N GLY C 12 5.46 -35.82 25.32
CA GLY C 12 5.94 -35.73 26.68
C GLY C 12 5.99 -37.10 27.31
N ASN C 13 6.53 -37.14 28.52
CA ASN C 13 6.79 -38.40 29.23
C ASN C 13 7.81 -39.24 28.47
N LEU C 14 9.01 -38.69 28.34
CA LEU C 14 10.09 -39.29 27.57
C LEU C 14 11.32 -39.49 28.44
N GLU C 15 12.02 -40.60 28.25
CA GLU C 15 13.25 -40.87 28.97
C GLU C 15 14.34 -39.88 28.53
N THR C 16 15.27 -39.62 29.44
CA THR C 16 16.24 -38.55 29.23
C THR C 16 17.09 -38.79 27.98
N LYS C 17 17.56 -40.03 27.79
CA LYS C 17 18.44 -40.31 26.66
C LYS C 17 17.76 -40.14 25.32
N VAL C 18 16.42 -40.12 25.28
CA VAL C 18 15.71 -40.01 24.01
C VAL C 18 16.13 -38.72 23.33
N THR C 19 16.56 -38.83 22.08
CA THR C 19 17.03 -37.70 21.29
C THR C 19 16.13 -37.54 20.05
N GLU C 20 16.53 -36.62 19.17
CA GLU C 20 15.75 -36.35 17.97
C GLU C 20 15.62 -37.59 17.10
N GLU C 21 16.72 -38.32 16.92
CA GLU C 21 16.72 -39.41 15.94
C GLU C 21 15.73 -40.50 16.33
N LEU C 22 15.70 -40.88 17.62
CA LEU C 22 14.80 -41.95 18.04
C LEU C 22 13.35 -41.57 17.82
N LEU C 23 12.96 -40.37 18.26
CA LEU C 23 11.58 -39.93 18.11
C LEU C 23 11.21 -39.80 16.63
N PHE C 24 12.14 -39.28 15.82
CA PHE C 24 11.89 -39.18 14.39
C PHE C 24 11.66 -40.55 13.78
N GLU C 25 12.50 -41.52 14.15
CA GLU C 25 12.31 -42.87 13.63
C GLU C 25 10.97 -43.44 14.04
N LEU C 26 10.58 -43.22 15.30
CA LEU C 26 9.31 -43.76 15.77
C LEU C 26 8.14 -43.14 15.04
N PHE C 27 8.15 -41.82 14.86
CA PHE C 27 7.01 -41.14 14.26
C PHE C 27 6.99 -41.21 12.75
N HIS C 28 8.11 -41.55 12.11
CA HIS C 28 8.12 -41.62 10.65
C HIS C 28 7.18 -42.71 10.15
N GLN C 29 6.97 -43.75 10.94
CA GLN C 29 6.11 -44.84 10.51
C GLN C 29 4.67 -44.37 10.32
N ALA C 30 4.18 -43.54 11.24
CA ALA C 30 2.80 -43.06 11.14
C ALA C 30 2.60 -42.21 9.89
N GLY C 31 3.54 -41.30 9.62
CA GLY C 31 3.45 -40.44 8.47
C GLY C 31 4.77 -39.76 8.18
N PRO C 32 4.84 -39.02 7.08
CA PRO C 32 6.10 -38.33 6.72
C PRO C 32 6.43 -37.26 7.75
N VAL C 33 7.58 -37.43 8.40
CA VAL C 33 8.04 -36.50 9.44
C VAL C 33 9.14 -35.63 8.85
N ILE C 34 8.97 -34.31 8.98
CA ILE C 34 9.96 -33.38 8.43
C ILE C 34 11.13 -33.21 9.38
N LYS C 35 10.86 -32.88 10.64
CA LYS C 35 11.92 -32.71 11.62
C LYS C 35 11.33 -32.82 13.02
N VAL C 36 12.15 -33.31 13.95
CA VAL C 36 11.79 -33.36 15.36
C VAL C 36 12.94 -32.75 16.15
N LYS C 37 12.63 -31.76 16.98
CA LYS C 37 13.63 -31.07 17.78
C LYS C 37 13.37 -31.35 19.25
N ILE C 38 14.33 -31.97 19.92
CA ILE C 38 14.29 -32.11 21.37
C ILE C 38 14.58 -30.72 21.94
N PRO C 39 13.66 -30.11 22.68
CA PRO C 39 13.89 -28.72 23.11
C PRO C 39 15.17 -28.59 23.91
N LYS C 40 15.92 -27.53 23.61
CA LYS C 40 17.22 -27.30 24.23
C LYS C 40 17.02 -26.37 25.41
N ASP C 41 17.28 -26.87 26.61
CA ASP C 41 17.19 -26.06 27.81
C ASP C 41 18.18 -24.90 27.73
N LYS C 42 17.96 -23.90 28.59
CA LYS C 42 18.86 -22.76 28.62
C LYS C 42 20.30 -23.17 28.88
N ASP C 43 20.50 -24.32 29.54
CA ASP C 43 21.83 -24.87 29.75
C ASP C 43 22.30 -25.71 28.56
N GLY C 44 21.48 -25.86 27.53
CA GLY C 44 21.77 -26.72 26.41
C GLY C 44 21.29 -28.15 26.57
N LYS C 45 20.81 -28.52 27.75
CA LYS C 45 20.29 -29.85 28.01
C LYS C 45 18.91 -30.02 27.37
N PRO C 46 18.51 -31.26 27.09
CA PRO C 46 17.16 -31.46 26.53
C PRO C 46 16.07 -31.07 27.51
N LYS C 47 14.81 -31.21 27.10
CA LYS C 47 13.67 -30.83 27.92
C LYS C 47 12.67 -31.97 27.95
N GLN C 48 11.69 -31.87 28.84
CA GLN C 48 10.73 -32.94 29.08
C GLN C 48 9.58 -32.90 28.08
N PHE C 49 9.91 -32.80 26.79
CA PHE C 49 8.89 -32.86 25.74
C PHE C 49 9.57 -32.82 24.37
N ALA C 50 8.79 -32.87 23.30
CA ALA C 50 9.35 -32.82 21.96
C ALA C 50 8.29 -32.34 20.98
N PHE C 51 8.74 -31.88 19.82
CA PHE C 51 7.87 -31.45 18.75
C PHE C 51 8.18 -32.25 17.50
N VAL C 52 7.15 -32.74 16.83
CA VAL C 52 7.30 -33.47 15.57
C VAL C 52 6.43 -32.79 14.52
N ASN C 53 7.01 -32.55 13.34
CA ASN C 53 6.34 -31.88 12.25
C ASN C 53 5.99 -32.89 11.16
N PHE C 54 4.73 -32.92 10.76
CA PHE C 54 4.26 -33.84 9.73
C PHE C 54 4.08 -33.09 8.41
N LYS C 55 4.44 -33.76 7.32
CA LYS C 55 4.27 -33.15 6.00
C LYS C 55 2.80 -32.89 5.70
N HIS C 56 1.92 -33.84 6.03
CA HIS C 56 0.51 -33.74 5.72
C HIS C 56 -0.28 -33.30 6.94
N GLU C 57 -1.46 -32.72 6.69
CA GLU C 57 -2.35 -32.27 7.75
C GLU C 57 -3.25 -33.37 8.27
N VAL C 58 -3.31 -34.51 7.59
CA VAL C 58 -4.14 -35.63 8.02
C VAL C 58 -3.31 -36.72 8.70
N SER C 59 -2.13 -36.36 9.21
CA SER C 59 -1.24 -37.31 9.86
C SER C 59 -1.21 -37.18 11.36
N VAL C 60 -1.46 -36.00 11.92
CA VAL C 60 -1.42 -35.83 13.37
C VAL C 60 -2.50 -36.66 14.07
N PRO C 61 -3.77 -36.62 13.64
CA PRO C 61 -4.76 -37.47 14.31
C PRO C 61 -4.42 -38.94 14.25
N TYR C 62 -3.88 -39.42 13.12
CA TYR C 62 -3.56 -40.83 13.03
C TYR C 62 -2.37 -41.19 13.90
N ALA C 63 -1.36 -40.32 13.96
CA ALA C 63 -0.23 -40.56 14.84
C ALA C 63 -0.68 -40.61 16.29
N MET C 64 -1.64 -39.75 16.65
CA MET C 64 -2.20 -39.82 17.99
C MET C 64 -2.91 -41.15 18.22
N ASN C 65 -3.82 -41.53 17.32
CA ASN C 65 -4.62 -42.72 17.51
C ASN C 65 -3.79 -43.99 17.45
N LEU C 66 -2.61 -43.95 16.85
CA LEU C 66 -1.74 -45.12 16.77
C LEU C 66 -0.65 -45.09 17.82
N LEU C 67 0.17 -44.05 17.83
CA LEU C 67 1.25 -43.90 18.79
C LEU C 67 0.73 -43.04 19.93
N ASN C 68 0.20 -43.70 20.96
CA ASN C 68 -0.25 -43.02 22.17
C ASN C 68 -0.31 -44.06 23.28
N GLY C 69 0.51 -43.89 24.30
CA GLY C 69 0.68 -44.91 25.31
C GLY C 69 1.64 -46.01 24.93
N ILE C 70 2.32 -45.91 23.78
CA ILE C 70 3.33 -46.88 23.43
C ILE C 70 4.43 -46.87 24.47
N LYS C 71 4.87 -48.06 24.87
CA LYS C 71 5.85 -48.21 25.93
C LYS C 71 7.24 -48.12 25.32
N LEU C 72 7.85 -46.94 25.41
CA LEU C 72 9.19 -46.69 24.91
C LEU C 72 10.15 -46.57 26.08
N TYR C 73 11.23 -47.34 26.06
CA TYR C 73 12.16 -47.40 27.18
C TYR C 73 11.42 -47.76 28.46
N GLY C 74 10.42 -48.63 28.32
CA GLY C 74 9.57 -48.96 29.45
C GLY C 74 8.89 -47.75 30.06
N ARG C 75 8.41 -46.84 29.22
CA ARG C 75 7.87 -45.58 29.69
C ARG C 75 6.84 -45.05 28.70
N PRO C 76 5.57 -44.95 29.10
CA PRO C 76 4.56 -44.45 28.16
C PRO C 76 4.77 -42.98 27.82
N ILE C 77 4.28 -42.59 26.65
CA ILE C 77 4.44 -41.24 26.12
C ILE C 77 3.06 -40.61 25.97
N LYS C 78 2.91 -39.38 26.43
CA LYS C 78 1.66 -38.63 26.29
C LYS C 78 1.83 -37.62 25.17
N ILE C 79 0.92 -37.67 24.19
CA ILE C 79 1.04 -36.88 22.97
C ILE C 79 -0.19 -35.99 22.84
N GLN C 80 0.05 -34.75 22.41
CA GLN C 80 -0.98 -33.71 22.40
C GLN C 80 -0.97 -33.00 21.06
N PHE C 81 -2.13 -32.45 20.70
CA PHE C 81 -2.27 -31.65 19.49
C PHE C 81 -1.76 -30.24 19.77
N ARG C 82 -2.06 -29.31 18.86
CA ARG C 82 -1.74 -27.91 19.07
C ARG C 82 -2.89 -27.01 18.61
N GLN F 635 -37.66 51.14 56.31
CA GLN F 635 -38.23 51.22 54.97
C GLN F 635 -37.71 50.09 54.10
N LEU F 636 -36.39 49.91 54.07
CA LEU F 636 -35.80 48.86 53.25
C LEU F 636 -36.32 47.49 53.65
N ALA F 637 -36.71 47.30 54.92
CA ALA F 637 -37.35 46.07 55.32
C ALA F 637 -38.68 45.89 54.58
N LYS F 638 -39.44 46.97 54.44
CA LYS F 638 -40.67 46.91 53.65
C LYS F 638 -40.36 46.54 52.20
N LEU F 639 -39.27 47.08 51.66
CA LEU F 639 -38.90 46.74 50.29
C LEU F 639 -38.54 45.27 50.14
N GLY F 640 -37.79 44.73 51.11
CA GLY F 640 -37.49 43.31 51.07
C GLY F 640 -38.75 42.47 51.19
N LYS F 641 -39.68 42.90 52.05
CA LYS F 641 -40.96 42.21 52.15
C LYS F 641 -41.68 42.20 50.81
N GLU F 642 -41.65 43.34 50.09
CA GLU F 642 -42.30 43.39 48.79
C GLU F 642 -41.60 42.49 47.78
N ILE F 643 -40.26 42.47 47.79
CA ILE F 643 -39.52 41.59 46.87
C ILE F 643 -39.92 40.14 47.11
N GLU F 644 -39.86 39.71 48.38
CA GLU F 644 -40.14 38.32 48.69
C GLU F 644 -41.63 38.00 48.66
N GLU F 645 -42.49 39.01 48.60
CA GLU F 645 -43.88 38.78 48.25
C GLU F 645 -44.04 38.56 46.75
N TYR F 646 -43.23 39.24 45.94
CA TYR F 646 -43.21 38.94 44.51
C TYR F 646 -42.70 37.52 44.27
N ILE F 647 -41.65 37.12 45.01
CA ILE F 647 -41.14 35.75 44.90
C ILE F 647 -42.24 34.75 45.25
N HIS F 648 -42.73 34.82 46.49
CA HIS F 648 -43.61 33.79 47.04
C HIS F 648 -44.96 33.72 46.34
N LYS F 649 -45.19 34.49 45.28
CA LYS F 649 -46.37 34.25 44.47
C LYS F 649 -46.30 32.84 43.90
N PRO F 650 -47.45 32.20 43.69
CA PRO F 650 -47.41 30.78 43.28
C PRO F 650 -46.65 30.54 41.99
N LYS F 651 -47.09 31.20 40.91
CA LYS F 651 -46.58 30.87 39.59
C LYS F 651 -45.10 31.16 39.42
N TYR F 652 -44.48 31.91 40.34
CA TYR F 652 -43.08 32.27 40.22
C TYR F 652 -42.18 31.55 41.22
N CYS F 653 -42.74 30.71 42.09
CA CYS F 653 -41.93 30.02 43.09
C CYS F 653 -42.20 28.52 43.10
N LEU F 654 -43.43 28.11 42.77
CA LEU F 654 -43.76 26.70 42.85
C LEU F 654 -42.91 25.84 41.92
N PRO F 655 -42.78 26.14 40.62
CA PRO F 655 -41.95 25.29 39.76
C PRO F 655 -40.53 25.10 40.27
N PHE F 656 -40.06 25.95 41.17
CA PHE F 656 -38.75 25.79 41.77
C PHE F 656 -38.78 24.94 43.03
N LEU F 657 -39.96 24.54 43.50
CA LEU F 657 -40.09 23.71 44.69
C LEU F 657 -40.08 22.25 44.26
N GLN F 658 -38.92 21.61 44.37
CA GLN F 658 -38.73 20.24 43.93
C GLN F 658 -38.23 19.38 45.09
N PRO F 659 -38.40 18.07 45.01
CA PRO F 659 -38.10 17.20 46.16
C PRO F 659 -36.66 17.25 46.64
N GLY F 660 -35.81 18.07 46.04
CA GLY F 660 -34.47 18.26 46.57
C GLY F 660 -34.14 19.71 46.85
N ARG F 661 -35.01 20.62 46.39
CA ARG F 661 -34.75 22.05 46.51
C ARG F 661 -34.35 22.40 47.93
N LEU F 662 -33.19 23.03 48.06
CA LEU F 662 -32.62 23.37 49.37
C LEU F 662 -33.05 24.79 49.73
N VAL F 663 -34.06 24.93 50.57
CA VAL F 663 -34.56 26.24 50.97
C VAL F 663 -34.11 26.51 52.40
N LYS F 664 -34.33 27.75 52.84
CA LYS F 664 -34.15 28.14 54.23
C LYS F 664 -35.47 28.70 54.74
N VAL F 665 -35.88 28.29 55.93
CA VAL F 665 -37.14 28.72 56.52
C VAL F 665 -36.85 29.30 57.90
N LYS F 666 -37.49 30.42 58.20
CA LYS F 666 -37.23 31.13 59.45
C LYS F 666 -38.50 31.86 59.85
N ASN F 667 -39.17 31.36 60.88
CA ASN F 667 -40.26 32.11 61.50
C ASN F 667 -39.66 33.19 62.41
N GLU F 668 -40.37 34.31 62.50
CA GLU F 668 -39.86 35.48 63.21
C GLU F 668 -39.12 35.07 64.48
N GLY F 669 -37.91 35.58 64.63
CA GLY F 669 -37.09 35.27 65.79
C GLY F 669 -36.31 33.97 65.72
N ASP F 670 -36.95 32.88 65.34
CA ASP F 670 -36.35 31.55 65.36
C ASP F 670 -36.21 31.01 63.94
N ASP F 671 -34.99 30.58 63.60
CA ASP F 671 -34.69 30.01 62.29
C ASP F 671 -34.23 28.58 62.46
N PHE F 672 -34.78 27.67 61.65
CA PHE F 672 -34.38 26.27 61.72
C PHE F 672 -33.01 26.06 61.09
N GLY F 673 -32.73 26.75 59.99
CA GLY F 673 -31.51 26.54 59.24
C GLY F 673 -31.79 26.27 57.78
N TRP F 674 -31.30 25.16 57.25
CA TRP F 674 -31.51 24.77 55.87
C TRP F 674 -32.37 23.52 55.83
N GLY F 675 -33.49 23.60 55.15
CA GLY F 675 -34.40 22.47 55.00
C GLY F 675 -34.63 22.15 53.53
N VAL F 676 -34.73 20.86 53.24
CA VAL F 676 -34.94 20.38 51.89
C VAL F 676 -36.43 20.22 51.65
N VAL F 677 -36.93 20.76 50.54
CA VAL F 677 -38.32 20.53 50.19
C VAL F 677 -38.51 19.05 49.90
N VAL F 678 -39.70 18.53 50.21
CA VAL F 678 -40.01 17.13 49.97
C VAL F 678 -41.30 17.00 49.17
N ASN F 679 -42.19 17.97 49.30
CA ASN F 679 -43.45 17.95 48.57
C ASN F 679 -44.23 19.20 48.95
N PHE F 680 -45.21 19.55 48.11
CA PHE F 680 -46.11 20.65 48.40
C PHE F 680 -47.47 20.33 47.80
N SER F 681 -48.48 21.05 48.28
CA SER F 681 -49.84 20.80 47.81
C SER F 681 -50.73 21.97 48.21
N LYS F 682 -51.86 22.07 47.53
CA LYS F 682 -52.86 23.08 47.85
C LYS F 682 -53.67 22.64 49.07
N LYS F 683 -54.58 23.52 49.50
CA LYS F 683 -55.49 23.17 50.58
C LYS F 683 -56.67 24.12 50.52
N SER F 684 -57.87 23.60 50.27
CA SER F 684 -59.06 24.41 50.17
C SER F 684 -59.33 25.15 51.47
N PRO F 695 -57.61 29.98 48.83
CA PRO F 695 -56.61 28.97 48.47
C PRO F 695 -55.24 29.24 49.09
N LEU F 696 -54.66 28.23 49.73
CA LEU F 696 -53.35 28.35 50.35
C LEU F 696 -52.51 27.13 49.96
N TYR F 697 -51.20 27.29 50.12
CA TYR F 697 -50.23 26.28 49.72
C TYR F 697 -49.32 25.97 50.89
N VAL F 698 -48.89 24.71 50.97
CA VAL F 698 -48.09 24.21 52.08
C VAL F 698 -46.92 23.42 51.51
N VAL F 699 -45.74 23.59 52.12
CA VAL F 699 -44.50 22.98 51.67
C VAL F 699 -43.97 22.11 52.80
N GLU F 700 -43.74 20.83 52.51
CA GLU F 700 -43.22 19.89 53.50
C GLU F 700 -41.70 19.93 53.46
N VAL F 701 -41.11 20.78 54.27
CA VAL F 701 -39.65 20.85 54.34
C VAL F 701 -39.17 19.75 55.26
N LEU F 702 -37.87 19.49 55.27
CA LEU F 702 -37.27 18.53 56.19
C LEU F 702 -36.30 19.30 57.09
N LEU F 703 -36.73 19.59 58.31
CA LEU F 703 -36.00 20.49 59.20
C LEU F 703 -35.52 19.76 60.44
N ARG F 704 -34.44 20.29 61.02
CA ARG F 704 -34.04 19.86 62.36
C ARG F 704 -35.09 20.31 63.38
N CYS F 705 -35.33 19.46 64.37
CA CYS F 705 -36.33 19.73 65.39
C CYS F 705 -35.77 19.37 66.76
N SER F 706 -36.31 20.03 67.79
CA SER F 706 -35.89 19.77 69.16
C SER F 706 -36.10 18.30 69.54
N ALA F 718 -41.75 21.16 67.14
CA ALA F 718 -41.68 21.90 65.89
C ALA F 718 -40.58 22.95 65.95
N LYS F 719 -40.29 23.41 67.16
CA LYS F 719 -39.32 24.48 67.34
C LYS F 719 -37.93 24.01 66.93
N PRO F 720 -37.08 24.93 66.48
CA PRO F 720 -35.74 24.53 66.02
C PRO F 720 -34.93 23.87 67.12
N ALA F 721 -34.12 22.91 66.73
CA ALA F 721 -33.30 22.17 67.69
C ALA F 721 -32.26 23.07 68.32
N LYS F 722 -31.84 22.71 69.53
CA LYS F 722 -30.86 23.48 70.27
C LYS F 722 -29.47 23.21 69.71
N PRO F 723 -28.53 24.15 69.89
CA PRO F 723 -27.16 23.90 69.40
C PRO F 723 -26.50 22.69 70.02
N ASP F 724 -26.75 22.43 71.30
CA ASP F 724 -26.08 21.31 71.96
C ASP F 724 -26.68 19.98 71.54
N GLU F 725 -28.00 19.89 71.45
CA GLU F 725 -28.64 18.65 71.04
C GLU F 725 -28.42 18.40 69.56
N LYS F 726 -29.00 17.30 69.07
CA LYS F 726 -29.00 16.99 67.64
C LYS F 726 -30.44 16.96 67.16
N GLY F 727 -30.69 17.61 66.03
CA GLY F 727 -32.06 17.74 65.55
C GLY F 727 -32.68 16.40 65.23
N GLU F 728 -33.99 16.31 65.41
CA GLU F 728 -34.72 15.09 65.07
C GLU F 728 -34.92 14.94 63.57
N MET F 729 -34.71 16.00 62.80
CA MET F 729 -34.64 15.92 61.34
C MET F 729 -35.91 15.27 60.77
N GLN F 730 -37.02 16.00 60.94
CA GLN F 730 -38.34 15.49 60.56
C GLN F 730 -38.98 16.42 59.53
N VAL F 731 -39.98 15.87 58.84
CA VAL F 731 -40.74 16.63 57.86
C VAL F 731 -41.72 17.55 58.58
N VAL F 732 -41.70 18.83 58.22
CA VAL F 732 -42.53 19.85 58.83
C VAL F 732 -43.31 20.54 57.72
N PRO F 733 -44.65 20.66 57.83
CA PRO F 733 -45.46 21.30 56.78
C PRO F 733 -45.63 22.81 56.93
N VAL F 734 -44.60 23.57 56.54
CA VAL F 734 -44.61 25.02 56.70
C VAL F 734 -45.51 25.63 55.63
N LEU F 735 -45.88 26.89 55.82
CA LEU F 735 -46.60 27.61 54.79
C LEU F 735 -45.63 28.05 53.70
N VAL F 736 -46.20 28.34 52.52
CA VAL F 736 -45.35 28.65 51.36
C VAL F 736 -44.54 29.90 51.62
N HIS F 737 -45.16 30.93 52.19
CA HIS F 737 -44.54 32.25 52.33
C HIS F 737 -43.92 32.45 53.70
N LEU F 738 -43.33 31.39 54.26
CA LEU F 738 -42.45 31.50 55.42
C LEU F 738 -41.00 31.19 55.04
N LEU F 739 -40.69 31.14 53.75
CA LEU F 739 -39.37 30.75 53.26
C LEU F 739 -38.51 32.00 53.12
N SER F 740 -37.43 32.05 53.90
CA SER F 740 -36.54 33.21 53.85
C SER F 740 -35.86 33.32 52.49
N ALA F 741 -35.38 32.19 51.95
CA ALA F 741 -34.57 32.24 50.73
C ALA F 741 -34.63 30.90 50.03
N ILE F 742 -35.12 30.88 48.79
CA ILE F 742 -35.20 29.65 47.99
C ILE F 742 -33.87 29.54 47.26
N SER F 743 -32.87 28.99 47.95
CA SER F 743 -31.59 28.80 47.31
C SER F 743 -31.75 27.85 46.12
N SER F 744 -30.68 27.72 45.33
CA SER F 744 -30.70 26.84 44.15
C SER F 744 -29.51 25.89 44.24
N VAL F 745 -29.69 24.82 45.02
CA VAL F 745 -28.89 23.61 44.88
C VAL F 745 -29.82 22.44 45.22
N ARG F 746 -30.35 21.80 44.19
CA ARG F 746 -31.22 20.66 44.41
C ARG F 746 -30.39 19.44 44.72
N LEU F 747 -30.76 18.71 45.76
CA LEU F 747 -29.98 17.59 46.25
C LEU F 747 -30.49 16.26 45.70
N TYR F 748 -29.67 15.23 45.86
CA TYR F 748 -30.03 13.87 45.47
C TYR F 748 -30.72 13.20 46.65
N ILE F 749 -32.01 12.94 46.50
CA ILE F 749 -32.85 12.49 47.61
C ILE F 749 -32.97 10.98 47.56
N PRO F 750 -33.05 10.28 48.70
CA PRO F 750 -33.07 8.81 48.66
C PRO F 750 -34.41 8.21 48.27
N LYS F 751 -35.50 8.97 48.35
CA LYS F 751 -36.87 8.57 48.06
C LYS F 751 -37.47 7.74 49.20
N ASP F 752 -36.70 7.40 50.23
CA ASP F 752 -37.22 6.70 51.42
C ASP F 752 -36.67 7.44 52.62
N LEU F 753 -37.41 8.45 53.08
CA LEU F 753 -37.00 9.26 54.22
C LEU F 753 -37.61 8.78 55.52
N ARG F 754 -38.05 7.51 55.57
CA ARG F 754 -38.62 6.92 56.78
C ARG F 754 -37.52 6.53 57.77
N PRO F 755 -36.53 5.74 57.37
CA PRO F 755 -35.48 5.36 58.31
C PRO F 755 -34.64 6.56 58.74
N VAL F 756 -34.14 6.48 59.98
CA VAL F 756 -33.33 7.57 60.51
C VAL F 756 -32.03 7.71 59.74
N ASP F 757 -31.49 6.61 59.21
CA ASP F 757 -30.22 6.69 58.51
C ASP F 757 -30.30 7.61 57.31
N ASN F 758 -31.39 7.52 56.53
CA ASN F 758 -31.52 8.37 55.36
C ASN F 758 -31.55 9.84 55.73
N ARG F 759 -32.33 10.19 56.75
CA ARG F 759 -32.42 11.59 57.16
C ARG F 759 -31.10 12.09 57.72
N GLN F 760 -30.39 11.27 58.48
CA GLN F 760 -29.08 11.69 58.98
C GLN F 760 -28.11 11.89 57.83
N SER F 761 -28.16 11.02 56.81
CA SER F 761 -27.30 11.20 55.65
C SER F 761 -27.65 12.48 54.91
N VAL F 762 -28.94 12.81 54.84
CA VAL F 762 -29.35 14.06 54.21
C VAL F 762 -28.78 15.25 54.98
N LEU F 763 -28.84 15.20 56.31
CA LEU F 763 -28.25 16.26 57.11
C LEU F 763 -26.74 16.38 56.84
N LYS F 764 -26.05 15.25 56.77
CA LYS F 764 -24.62 15.29 56.50
C LYS F 764 -24.35 15.85 55.10
N SER F 765 -25.23 15.53 54.15
CA SER F 765 -25.09 16.08 52.80
C SER F 765 -25.23 17.59 52.81
N ILE F 766 -26.21 18.11 53.56
CA ILE F 766 -26.37 19.56 53.66
C ILE F 766 -25.15 20.19 54.30
N GLN F 767 -24.59 19.53 55.32
CA GLN F 767 -23.37 20.04 55.93
C GLN F 767 -22.23 20.08 54.93
N GLU F 768 -22.12 19.04 54.10
CA GLU F 768 -21.10 19.01 53.07
C GLU F 768 -21.27 20.17 52.09
N VAL F 769 -22.51 20.38 51.63
CA VAL F 769 -22.76 21.46 50.68
C VAL F 769 -22.40 22.80 51.31
N GLN F 770 -22.80 23.01 52.56
CA GLN F 770 -22.42 24.25 53.25
C GLN F 770 -20.92 24.41 53.30
N LYS F 771 -20.19 23.32 53.61
CA LYS F 771 -18.74 23.39 53.67
C LYS F 771 -18.17 23.81 52.32
N ARG F 772 -18.76 23.33 51.22
CA ARG F 772 -18.22 23.63 49.91
C ARG F 772 -18.27 25.14 49.62
N PHE F 773 -19.37 25.80 49.97
CA PHE F 773 -19.52 27.23 49.76
C PHE F 773 -19.11 27.98 51.01
N PRO F 774 -17.96 28.66 51.03
CA PRO F 774 -17.53 29.35 52.25
C PRO F 774 -18.43 30.52 52.61
N ASP F 775 -18.64 31.43 51.65
CA ASP F 775 -19.41 32.65 51.88
C ASP F 775 -20.82 32.45 51.32
N GLY F 776 -21.77 32.22 52.22
CA GLY F 776 -23.14 32.09 51.79
C GLY F 776 -23.33 30.97 50.79
N ILE F 777 -24.55 30.91 50.26
CA ILE F 777 -24.93 29.91 49.27
C ILE F 777 -25.69 30.64 48.15
N PRO F 778 -25.54 30.23 46.90
CA PRO F 778 -26.24 30.93 45.82
C PRO F 778 -27.74 30.93 46.04
N LEU F 779 -28.37 32.05 45.71
CA LEU F 779 -29.81 32.22 45.80
C LEU F 779 -30.39 32.32 44.39
N LEU F 780 -31.70 32.56 44.33
CA LEU F 780 -32.39 32.76 43.07
C LEU F 780 -32.76 34.24 42.93
N ASP F 781 -32.45 34.82 41.79
CA ASP F 781 -32.76 36.23 41.53
C ASP F 781 -34.12 36.34 40.84
N PRO F 782 -35.10 37.01 41.45
CA PRO F 782 -36.43 37.04 40.82
C PRO F 782 -36.45 37.73 39.47
N ILE F 783 -35.44 38.55 39.18
CA ILE F 783 -35.48 39.36 37.95
C ILE F 783 -35.33 38.47 36.73
N ASP F 784 -34.37 37.55 36.76
CA ASP F 784 -34.04 36.75 35.59
C ASP F 784 -34.26 35.26 35.79
N ASP F 785 -33.87 34.69 36.94
CA ASP F 785 -34.02 33.25 37.14
C ASP F 785 -35.48 32.85 37.06
N MET F 786 -36.36 33.57 37.75
CA MET F 786 -37.78 33.26 37.75
C MET F 786 -38.54 33.96 36.63
N GLY F 787 -37.91 34.88 35.92
CA GLY F 787 -38.53 35.52 34.78
C GLY F 787 -39.77 36.32 35.12
N ILE F 788 -39.69 37.13 36.17
CA ILE F 788 -40.81 37.98 36.59
C ILE F 788 -40.73 39.29 35.80
N GLN F 789 -41.67 39.48 34.89
CA GLN F 789 -41.71 40.66 34.02
C GLN F 789 -42.68 41.71 34.55
N ASP F 790 -42.78 41.83 35.87
CA ASP F 790 -43.69 42.79 36.49
C ASP F 790 -42.99 44.13 36.67
N GLN F 791 -43.52 45.16 36.02
CA GLN F 791 -42.96 46.50 36.17
C GLN F 791 -42.91 46.92 37.63
N GLY F 792 -43.89 46.49 38.43
CA GLY F 792 -43.85 46.78 39.85
C GLY F 792 -42.60 46.24 40.51
N LEU F 793 -42.19 45.02 40.12
CA LEU F 793 -40.96 44.47 40.66
C LEU F 793 -39.77 45.32 40.27
N LYS F 794 -39.76 45.83 39.04
CA LYS F 794 -38.67 46.71 38.62
C LYS F 794 -38.63 47.98 39.46
N LYS F 795 -39.80 48.56 39.74
CA LYS F 795 -39.84 49.75 40.59
C LYS F 795 -39.34 49.43 42.00
N VAL F 796 -39.73 48.28 42.54
CA VAL F 796 -39.28 47.90 43.87
C VAL F 796 -37.77 47.70 43.87
N ILE F 797 -37.23 47.10 42.81
CA ILE F 797 -35.78 46.94 42.70
C ILE F 797 -35.10 48.29 42.68
N GLN F 798 -35.64 49.24 41.91
CA GLN F 798 -35.06 50.57 41.87
C GLN F 798 -35.08 51.23 43.24
N LYS F 799 -36.21 51.09 43.96
CA LYS F 799 -36.28 51.62 45.32
C LYS F 799 -35.24 50.98 46.21
N VAL F 800 -35.04 49.67 46.08
CA VAL F 800 -34.05 48.97 46.88
C VAL F 800 -32.66 49.53 46.61
N GLU F 801 -32.33 49.74 45.33
CA GLU F 801 -31.04 50.31 44.99
C GLU F 801 -30.89 51.74 45.53
N ALA F 802 -31.99 52.38 45.90
CA ALA F 802 -31.94 53.72 46.49
C ALA F 802 -32.70 53.76 47.81
N CYS G 59 -25.02 60.20 22.20
CA CYS G 59 -26.03 59.24 21.76
C CYS G 59 -25.39 58.08 21.00
N GLU G 60 -24.71 58.40 19.90
CA GLU G 60 -24.08 57.36 19.09
C GLU G 60 -23.03 56.60 19.89
N GLU G 61 -22.40 57.25 20.86
CA GLU G 61 -21.48 56.54 21.74
C GLU G 61 -22.20 55.44 22.51
N THR G 62 -23.41 55.73 22.98
CA THR G 62 -24.17 54.72 23.72
C THR G 62 -24.49 53.51 22.84
N ILE G 63 -24.91 53.76 21.59
CA ILE G 63 -25.23 52.65 20.70
C ILE G 63 -23.98 51.87 20.34
N GLU G 64 -22.85 52.57 20.16
CA GLU G 64 -21.59 51.87 19.92
C GLU G 64 -21.25 50.94 21.08
N GLN G 65 -21.36 51.45 22.31
CA GLN G 65 -21.09 50.62 23.48
C GLN G 65 -22.02 49.42 23.53
N LEU G 66 -23.31 49.64 23.28
CA LEU G 66 -24.27 48.56 23.38
C LEU G 66 -24.01 47.49 22.33
N ARG G 67 -23.74 47.89 21.09
CA ARG G 67 -23.47 46.90 20.04
C ARG G 67 -22.17 46.16 20.31
N ALA G 68 -21.14 46.86 20.79
CA ALA G 68 -19.90 46.18 21.14
C ALA G 68 -20.14 45.13 22.23
N GLU G 69 -20.87 45.50 23.27
CA GLU G 69 -21.17 44.56 24.34
C GLU G 69 -21.98 43.38 23.81
N ASN G 70 -22.96 43.65 22.95
CA ASN G 70 -23.81 42.59 22.44
C ASN G 70 -23.01 41.59 21.62
N GLN G 71 -22.12 42.08 20.75
CA GLN G 71 -21.29 41.17 19.98
C GLN G 71 -20.34 40.40 20.88
N GLU G 72 -19.75 41.07 21.88
CA GLU G 72 -18.84 40.40 22.79
C GLU G 72 -19.53 39.27 23.53
N LEU G 73 -20.78 39.49 23.96
CA LEU G 73 -21.52 38.43 24.64
C LEU G 73 -21.90 37.32 23.67
N LYS G 74 -22.44 37.68 22.50
CA LYS G 74 -22.88 36.68 21.53
C LYS G 74 -21.72 35.87 20.96
N ARG G 75 -20.48 36.31 21.18
CA ARG G 75 -19.35 35.46 20.83
C ARG G 75 -19.47 34.08 21.48
N LYS G 76 -19.87 34.04 22.75
CA LYS G 76 -20.01 32.77 23.47
C LYS G 76 -21.43 32.21 23.43
N LEU G 77 -22.42 33.03 23.10
CA LEU G 77 -23.78 32.53 22.95
C LEU G 77 -23.92 31.58 21.77
N ASN G 78 -22.83 31.29 21.05
CA ASN G 78 -22.91 30.37 19.92
C ASN G 78 -23.43 29.01 20.36
N ILE G 79 -23.07 28.58 21.57
CA ILE G 79 -23.52 27.27 22.06
C ILE G 79 -25.04 27.19 22.02
N LEU G 80 -25.71 28.18 22.59
CA LEU G 80 -27.16 28.21 22.61
C LEU G 80 -27.70 28.77 21.31
N THR G 81 -27.26 28.24 20.18
CA THR G 81 -27.64 28.76 18.87
C THR G 81 -28.06 27.60 17.98
N ARG G 82 -29.33 27.56 17.64
CA ARG G 82 -29.85 26.55 16.73
C ARG G 82 -29.83 27.07 15.30
N PRO G 83 -29.21 26.37 14.35
CA PRO G 83 -29.17 26.89 12.97
C PRO G 83 -30.58 27.05 12.42
N SER G 84 -30.78 28.10 11.65
CA SER G 84 -32.09 28.43 11.12
C SER G 84 -32.35 27.67 9.82
N GLY G 85 -33.57 27.82 9.32
CA GLY G 85 -33.98 27.12 8.11
C GLY G 85 -34.45 25.70 8.32
N ILE G 86 -34.55 25.25 9.57
CA ILE G 86 -34.99 23.89 9.86
C ILE G 86 -36.50 23.85 9.74
N LEU G 87 -37.00 23.02 8.82
CA LEU G 87 -38.44 22.85 8.62
C LEU G 87 -38.89 21.69 9.50
N VAL G 88 -39.46 22.02 10.65
CA VAL G 88 -39.91 21.03 11.63
C VAL G 88 -41.32 21.43 12.07
N ASN G 89 -42.33 20.86 11.41
CA ASN G 89 -43.69 20.99 11.87
C ASN G 89 -44.01 19.87 12.84
N ASP G 90 -45.20 19.94 13.46
CA ASP G 90 -45.59 19.00 14.51
C ASP G 90 -44.58 19.07 15.67
N THR G 91 -44.57 20.24 16.32
CA THR G 91 -43.58 20.54 17.34
C THR G 91 -43.56 19.49 18.45
N LYS G 92 -44.71 18.88 18.75
CA LYS G 92 -44.78 17.99 19.89
C LYS G 92 -43.83 16.81 19.76
N LEU G 93 -43.73 16.24 18.56
CA LEU G 93 -42.88 15.08 18.32
C LEU G 93 -41.57 15.45 17.62
N ASP G 94 -41.65 16.23 16.54
CA ASP G 94 -40.46 16.61 15.77
C ASP G 94 -39.83 17.85 16.40
N GLY G 95 -38.57 17.72 16.81
CA GLY G 95 -37.88 18.76 17.53
C GLY G 95 -36.84 18.17 18.44
N PRO G 96 -35.96 19.01 18.98
CA PRO G 96 -34.84 18.49 19.78
C PRO G 96 -35.33 17.75 21.01
N ILE G 97 -34.38 17.13 21.70
CA ILE G 97 -34.68 16.36 22.91
C ILE G 97 -33.86 16.91 24.08
N LEU G 98 -32.54 16.89 23.94
CA LEU G 98 -31.63 17.33 24.97
C LEU G 98 -30.61 18.29 24.38
N GLN G 99 -29.70 18.76 25.24
CA GLN G 99 -28.46 19.38 24.78
C GLN G 99 -27.45 19.17 25.91
N ILE G 100 -26.67 18.11 25.80
CA ILE G 100 -25.82 17.65 26.89
C ILE G 100 -24.44 18.28 26.72
N LEU G 101 -24.21 19.40 27.40
CA LEU G 101 -22.90 20.04 27.39
C LEU G 101 -21.93 19.19 28.18
N PHE G 102 -21.13 18.38 27.50
CA PHE G 102 -20.17 17.53 28.17
C PHE G 102 -19.08 18.40 28.79
N MET G 103 -18.97 18.38 30.12
CA MET G 103 -17.95 19.14 30.81
C MET G 103 -16.61 18.41 30.71
N ASN G 104 -15.64 18.83 31.51
CA ASN G 104 -14.26 18.31 31.42
C ASN G 104 -13.98 17.27 32.49
N ASN G 105 -14.94 16.43 32.81
CA ASN G 105 -14.80 15.43 33.87
C ASN G 105 -14.61 14.05 33.25
N ALA G 106 -13.67 13.28 33.80
CA ALA G 106 -13.33 11.98 33.23
C ALA G 106 -14.54 11.08 33.09
N ILE G 107 -15.50 11.19 34.00
CA ILE G 107 -16.72 10.38 33.93
C ILE G 107 -17.39 10.58 32.58
N SER G 108 -17.74 11.82 32.27
CA SER G 108 -18.39 12.12 30.99
C SER G 108 -17.47 11.82 29.82
N LYS G 109 -16.18 12.14 29.96
CA LYS G 109 -15.23 11.87 28.88
C LYS G 109 -15.31 10.41 28.45
N GLN G 110 -15.27 9.49 29.41
CA GLN G 110 -15.22 8.07 29.06
C GLN G 110 -16.59 7.41 28.95
N TYR G 111 -17.67 8.10 29.31
CA TYR G 111 -19.01 7.56 29.14
C TYR G 111 -19.84 8.31 28.11
N HIS G 112 -19.19 9.13 27.28
CA HIS G 112 -19.89 9.81 26.20
C HIS G 112 -20.71 8.82 25.36
N GLN G 113 -20.09 7.71 24.96
CA GLN G 113 -20.78 6.76 24.09
C GLN G 113 -21.98 6.14 24.80
N GLU G 114 -21.82 5.80 26.07
CA GLU G 114 -22.94 5.25 26.83
C GLU G 114 -24.08 6.26 26.94
N ILE G 115 -23.75 7.53 27.13
CA ILE G 115 -24.77 8.57 27.23
C ILE G 115 -25.53 8.67 25.91
N GLU G 116 -24.82 8.67 24.79
CA GLU G 116 -25.50 8.75 23.50
C GLU G 116 -26.37 7.53 23.27
N GLU G 117 -25.89 6.35 23.65
CA GLU G 117 -26.70 5.14 23.53
C GLU G 117 -27.94 5.23 24.40
N PHE G 118 -27.81 5.81 25.59
CA PHE G 118 -28.97 5.98 26.46
C PHE G 118 -30.00 6.89 25.83
N VAL G 119 -29.56 7.99 25.21
CA VAL G 119 -30.52 8.89 24.56
C VAL G 119 -31.22 8.18 23.42
N SER G 120 -30.47 7.44 22.60
CA SER G 120 -31.08 6.69 21.51
C SER G 120 -32.06 5.65 22.04
N ASN G 121 -31.72 5.01 23.15
CA ASN G 121 -32.62 4.03 23.76
C ASN G 121 -33.90 4.69 24.23
N LEU G 122 -33.80 5.88 24.82
CA LEU G 122 -35.00 6.62 25.21
C LEU G 122 -35.88 6.87 23.99
N VAL G 123 -35.26 7.31 22.89
CA VAL G 123 -36.03 7.57 21.68
C VAL G 123 -36.76 6.31 21.22
N LYS G 124 -36.04 5.20 21.16
CA LYS G 124 -36.63 3.95 20.69
C LYS G 124 -37.75 3.49 21.63
N ARG G 125 -37.53 3.60 22.94
CA ARG G 125 -38.54 3.16 23.90
C ARG G 125 -39.82 3.97 23.75
N PHE G 126 -39.69 5.29 23.67
CA PHE G 126 -40.89 6.11 23.49
C PHE G 126 -41.59 5.79 22.18
N GLU G 127 -40.81 5.63 21.09
CA GLU G 127 -41.43 5.30 19.81
C GLU G 127 -42.18 3.99 19.88
N GLU G 128 -41.60 2.97 20.54
CA GLU G 128 -42.23 1.67 20.60
C GLU G 128 -43.49 1.69 21.45
N GLN G 129 -43.45 2.37 22.60
CA GLN G 129 -44.59 2.37 23.50
C GLN G 129 -45.52 3.56 23.27
N GLN G 130 -45.33 4.30 22.18
CA GLN G 130 -46.21 5.43 21.90
C GLN G 130 -47.67 4.98 21.81
N LYS G 131 -47.93 3.94 21.01
CA LYS G 131 -49.29 3.43 20.81
C LYS G 131 -49.54 2.15 21.61
N ASN G 132 -48.93 2.03 22.78
CA ASN G 132 -49.12 0.85 23.62
C ASN G 132 -49.32 1.27 25.08
N ASN G 140 -51.53 19.10 29.12
CA ASN G 140 -50.11 19.15 28.78
C ASN G 140 -49.34 19.95 29.81
N LEU G 141 -48.02 20.00 29.64
CA LEU G 141 -47.12 20.74 30.52
C LEU G 141 -46.57 21.93 29.74
N LEU G 142 -47.30 23.05 29.78
CA LEU G 142 -46.80 24.25 29.15
C LEU G 142 -45.61 24.80 29.94
N PRO G 143 -44.66 25.46 29.28
CA PRO G 143 -43.45 25.89 29.98
C PRO G 143 -43.77 26.87 31.10
N GLN G 144 -42.96 26.80 32.15
CA GLN G 144 -43.09 27.75 33.25
C GLN G 144 -42.67 29.14 32.77
N PRO G 145 -43.07 30.20 33.49
CA PRO G 145 -42.71 31.55 33.04
C PRO G 145 -41.21 31.76 32.85
N SER G 146 -40.36 30.88 33.36
CA SER G 146 -38.91 31.00 33.21
C SER G 146 -38.37 30.12 32.10
N SER G 147 -39.11 29.94 31.01
CA SER G 147 -38.69 29.10 29.89
C SER G 147 -38.11 29.99 28.80
N ILE G 148 -36.80 29.87 28.58
CA ILE G 148 -36.12 30.64 27.54
C ILE G 148 -36.33 29.96 26.20
N VAL G 149 -35.97 30.65 25.12
CA VAL G 149 -36.04 30.11 23.77
C VAL G 149 -34.65 30.16 23.17
N LEU G 150 -34.28 29.13 22.42
CA LEU G 150 -32.96 29.08 21.82
C LEU G 150 -32.83 30.18 20.75
N GLU G 151 -31.68 30.84 20.75
CA GLU G 151 -31.45 32.00 19.90
C GLU G 151 -31.05 31.55 18.51
N GLU G 152 -31.91 31.78 17.52
CA GLU G 152 -31.65 31.35 16.16
C GLU G 152 -30.76 32.36 15.45
N ASP G 153 -29.68 31.88 14.84
CA ASP G 153 -28.85 32.74 14.02
C ASP G 153 -29.56 33.05 12.71
N HIS G 154 -29.39 34.29 12.23
CA HIS G 154 -30.16 34.79 11.10
C HIS G 154 -29.41 34.46 9.81
N LYS G 155 -29.93 33.50 9.05
CA LYS G 155 -29.35 33.13 7.77
C LYS G 155 -30.44 32.72 6.78
N ALA G 161 -42.25 31.69 8.55
CA ALA G 161 -43.36 31.34 9.43
C ALA G 161 -42.85 30.59 10.65
N ILE G 162 -42.69 31.31 11.77
CA ILE G 162 -42.15 30.71 12.99
C ILE G 162 -43.17 29.82 13.69
N LYS G 163 -44.36 29.65 13.13
CA LYS G 163 -45.32 28.72 13.69
C LYS G 163 -44.73 27.32 13.75
N ASN G 164 -44.77 26.72 14.93
CA ASN G 164 -44.19 25.42 15.27
C ASN G 164 -42.66 25.50 15.39
N ASN G 165 -42.04 26.64 15.07
CA ASN G 165 -40.62 26.85 15.34
C ASN G 165 -40.42 27.77 16.53
N LYS G 166 -41.51 28.27 17.13
CA LYS G 166 -41.46 29.08 18.33
C LYS G 166 -41.43 28.22 19.59
N GLU G 167 -42.42 27.36 19.78
CA GLU G 167 -42.51 26.55 20.99
C GLU G 167 -41.67 25.30 20.93
N ALA G 168 -41.15 24.92 19.76
CA ALA G 168 -40.35 23.71 19.65
C ALA G 168 -39.01 23.88 20.32
N PHE G 169 -38.36 25.02 20.12
CA PHE G 169 -37.05 25.29 20.72
C PHE G 169 -37.19 26.13 21.98
N SER G 170 -37.87 25.55 22.98
CA SER G 170 -38.06 26.19 24.27
C SER G 170 -37.37 25.35 25.34
N VAL G 171 -36.45 25.96 26.07
CA VAL G 171 -35.70 25.25 27.10
C VAL G 171 -36.47 25.32 28.41
N VAL G 172 -36.72 24.17 29.01
CA VAL G 172 -37.43 24.06 30.29
C VAL G 172 -36.57 23.21 31.21
N GLY G 173 -35.70 23.85 31.97
CA GLY G 173 -34.87 23.15 32.92
C GLY G 173 -33.40 23.19 32.56
N SER G 174 -32.56 23.70 33.45
CA SER G 174 -31.12 23.75 33.24
C SER G 174 -30.44 23.25 34.49
N VAL G 175 -29.79 22.10 34.39
CA VAL G 175 -29.24 21.40 35.55
C VAL G 175 -27.76 21.15 35.31
N LEU G 176 -26.93 21.47 36.30
CA LEU G 176 -25.50 21.22 36.26
C LEU G 176 -25.19 20.16 37.33
N TYR G 177 -24.87 18.96 36.90
CA TYR G 177 -24.78 17.80 37.79
C TYR G 177 -23.37 17.72 38.37
N PHE G 178 -23.24 17.95 39.68
CA PHE G 178 -22.01 17.69 40.39
C PHE G 178 -22.03 16.26 40.91
N THR G 179 -21.03 15.91 41.72
CA THR G 179 -20.96 14.55 42.26
C THR G 179 -22.16 14.24 43.15
N ASN G 180 -22.56 15.21 43.99
CA ASN G 180 -23.55 14.92 45.03
C ASN G 180 -24.60 16.02 45.20
N PHE G 181 -24.73 16.94 44.24
CA PHE G 181 -25.82 17.92 44.29
C PHE G 181 -25.96 18.56 42.92
N CYS G 182 -27.16 18.54 42.37
CA CYS G 182 -27.41 19.07 41.03
C CYS G 182 -27.77 20.55 41.15
N LEU G 183 -26.84 21.41 40.77
CA LEU G 183 -27.05 22.85 40.77
C LEU G 183 -28.06 23.20 39.68
N ASP G 184 -29.29 23.46 40.07
CA ASP G 184 -30.40 23.59 39.13
C ASP G 184 -30.82 25.04 39.00
N LYS G 185 -31.49 25.33 37.89
CA LYS G 185 -32.15 26.61 37.70
C LYS G 185 -33.14 26.47 36.56
N LEU G 186 -34.21 27.26 36.62
CA LEU G 186 -35.40 27.18 35.79
C LEU G 186 -36.33 26.06 36.25
N GLY G 187 -35.91 25.22 37.19
CA GLY G 187 -36.81 24.23 37.75
C GLY G 187 -37.40 23.32 36.68
N GLN G 188 -38.72 23.18 36.71
CA GLN G 188 -39.45 22.41 35.71
C GLN G 188 -40.94 22.70 35.89
N PRO G 189 -41.74 22.51 34.86
CA PRO G 189 -43.15 22.89 34.91
C PRO G 189 -43.97 21.83 35.66
N LEU G 190 -45.26 22.11 35.79
CA LEU G 190 -46.20 21.16 36.38
C LEU G 190 -47.60 21.48 35.86
N LEU G 191 -48.58 20.74 36.34
CA LEU G 191 -49.95 20.78 35.84
C LEU G 191 -50.82 21.53 36.85
N ASN G 192 -51.21 22.75 36.50
CA ASN G 192 -52.06 23.60 37.33
C ASN G 192 -51.74 23.43 38.81
N GLU G 193 -50.45 23.51 39.13
CA GLU G 193 -49.96 23.38 40.49
C GLU G 193 -50.44 22.06 41.13
N ASN G 194 -49.99 20.95 40.53
CA ASN G 194 -50.44 19.63 40.96
C ASN G 194 -49.31 18.62 40.71
N PRO G 195 -48.33 18.55 41.61
CA PRO G 195 -47.22 17.61 41.40
C PRO G 195 -47.65 16.16 41.35
N GLN G 196 -48.72 15.79 42.06
CA GLN G 196 -49.15 14.39 42.08
C GLN G 196 -49.58 13.90 40.71
N LEU G 197 -49.86 14.83 39.78
CA LEU G 197 -50.25 14.46 38.42
C LEU G 197 -49.20 14.83 37.38
N SER G 198 -48.32 15.79 37.67
CA SER G 198 -47.33 16.22 36.70
C SER G 198 -46.43 15.03 36.29
N GLU G 199 -45.64 15.26 35.25
CA GLU G 199 -44.99 14.17 34.53
C GLU G 199 -43.49 14.09 34.76
N GLY G 200 -42.96 14.74 35.78
CA GLY G 200 -41.53 14.68 36.02
C GLY G 200 -41.08 14.66 37.47
N TRP G 201 -42.02 14.71 38.41
CA TRP G 201 -41.68 14.86 39.82
C TRP G 201 -41.67 13.50 40.51
N GLU G 202 -40.65 13.28 41.33
CA GLU G 202 -40.46 12.02 42.06
C GLU G 202 -40.69 12.31 43.54
N ILE G 203 -41.91 12.07 44.01
CA ILE G 203 -42.28 12.37 45.38
C ILE G 203 -41.61 11.36 46.31
N PRO G 204 -40.77 11.78 47.26
CA PRO G 204 -40.16 10.82 48.18
C PRO G 204 -41.19 10.19 49.11
N LYS G 205 -40.77 9.23 49.94
CA LYS G 205 -41.62 8.61 50.93
C LYS G 205 -41.24 9.16 52.31
N TYR G 206 -42.24 9.69 53.02
CA TYR G 206 -42.02 10.34 54.30
C TYR G 206 -43.19 10.00 55.22
N HIS G 207 -42.96 10.12 56.52
CA HIS G 207 -43.97 9.74 57.50
C HIS G 207 -45.00 10.83 57.71
N GLN G 208 -44.59 12.09 57.74
CA GLN G 208 -45.48 13.20 58.08
C GLN G 208 -46.06 12.98 59.48
N VAL G 209 -45.16 13.00 60.46
CA VAL G 209 -45.54 12.79 61.86
C VAL G 209 -45.93 14.08 62.57
N PHE G 210 -45.77 15.24 61.93
CA PHE G 210 -46.11 16.50 62.55
C PHE G 210 -47.52 16.95 62.23
N SER G 211 -47.82 17.18 60.94
CA SER G 211 -49.15 17.59 60.50
C SER G 211 -49.63 18.82 61.27
N HIS G 212 -48.74 19.82 61.40
CA HIS G 212 -49.08 21.08 62.06
C HIS G 212 -48.40 22.22 61.31
N ILE G 213 -49.20 23.07 60.67
CA ILE G 213 -48.65 24.21 59.94
C ILE G 213 -47.97 25.14 60.92
N VAL G 214 -46.74 25.53 60.60
CA VAL G 214 -45.91 26.26 61.57
C VAL G 214 -46.53 27.60 61.92
N SER G 215 -47.02 28.33 60.93
CA SER G 215 -47.55 29.68 61.14
C SER G 215 -49.00 29.78 60.71
N LEU G 216 -49.78 28.74 60.96
CA LEU G 216 -51.22 28.77 60.73
C LEU G 216 -51.83 27.56 61.43
N GLU G 217 -53.15 27.57 61.54
CA GLU G 217 -53.86 26.48 62.19
C GLU G 217 -53.51 25.16 61.52
N GLY G 218 -53.22 24.15 62.33
CA GLY G 218 -52.81 22.87 61.80
C GLY G 218 -53.90 22.20 60.97
N GLN G 219 -53.46 21.29 60.11
CA GLN G 219 -54.38 20.58 59.24
C GLN G 219 -55.05 19.45 60.01
ZN ZN H . 2.44 -9.83 24.96
#